data_5M3H
#
_entry.id   5M3H
#
_cell.length_a   269.490
_cell.length_b   147.520
_cell.length_c   88.480
_cell.angle_alpha   90.00
_cell.angle_beta   97.22
_cell.angle_gamma   90.00
#
_symmetry.space_group_name_H-M   'C 1 2 1'
#
loop_
_entity.id
_entity.type
_entity.pdbx_description
1 polymer 'Polymerase acidic protein'
2 polymer 'RNA-directed RNA polymerase catalytic subunit'
3 polymer 'Polymerase basic protein 2'
4 polymer "RNA (5'-R(*UP*AP*UP*AP*CP*CP*UP*CP*UP*GP*CP*UP*U)-3')"
5 polymer "RNA 5'-pAGUAGUAACAAGAGGG"
6 polymer TYR-SER-PRO-THR-SEP-PRO
7 non-polymer 'ZINC ION'
8 non-polymer 'PHOSPHATE ION'
9 water water
#
loop_
_entity_poly.entity_id
_entity_poly.type
_entity_poly.pdbx_seq_one_letter_code
_entity_poly.pdbx_strand_id
1 'polypeptide(L)'
;GSGSMENFVRTNFNPMILERAEKTMKEYGENPQNEGNKFAAISTHMEVCFMYSDFHFIDLEGNTIVKENDDDNAMLKHRF
EIIEGQERNIAWTIVNSICNMTENSKPRFLPDLYDYKTNKFIEIGVTRRKVEDYYYEKASKLKGENVYIHIFSFDGEEMA
TDDEYILDEESRARIKTRLFVLRQELATAGLWDSFRQSEKGEETLEEEFSYPPTFQRLANQSLPPSFKDYHQFKAYVSSF
KANGNIEAKLGAMSEKVNAQIESFDPRTIRELELPEGKFCTQRSKFLLMDAMKLSVLNPAHEGEGIPMKDAKACLDTFWG
WKKATIIKKHEKGVNTNYLMIWEQLLESIKEMEGKFLNLKKTNHLKWGLGEGQAPEKMDFEDCKEVPDLFQYKSEPPEKR
KLASWIQSEFNKASELTNSNWIEFDELGNDVAPIEHIASRRRNFFTAEVSQCRASEYIMKAVYINTALLNSSCTAMEEYQ
VIPIITKCRDTSGQRRTNLYGFIIKGRSHLRNDTDVVNFISLEFSLTDPRNEIHKWEKYCVLEIGDMEIRTSISTIMKPV
YLYVRTNGTSKIKMKWGMEMRRCLLQSLQQVESMIEAESAVKEKDMTEPFFRNRENDWPIGESPQGIEKGTIGKVCRVLL
AKSVFNSIYASAQLEGFSAESRKLLLLIQAFRDNLDPGTFDLKGLYEAIEECIINDPWVLLNASWFNSFLKAVQLSMGSG
SGENLYFQ
;
A
2 'polypeptide(L)'
;GSGSGSGSGMDVNPMLIFLKVPVQNAISTTFPYTGDPPYSHGTGTGYTMDTVIRTHDYSSRGIWKTNSETGAQQLNPIDG
PLPEDNEPSGYAQTDCVLELIEGLDRSHPGLFETACQETIDAIQQTRVDKLTQGRQTYDWTLNRNQPAATALANTIEVFR
KNGYKLNESGRLIDFLKDVLLSFENDSMEVTTHFQKKKRIRDNHSKKMITQRTIGKKRVKLTKKNYLIRALTLNTMTKDA
ERGKLKRRAIATPGMQIRGFVYFVELLARNICERLEQSGLPVGGNEKKAKLANVIKKMMAKSTDEELSYTITGDNTKWNE
NQNPRIFLAMVLRITAGQPEWFRDLLAVAPIMFSNKVARLGRGYMFESKSMHLRTQISAENLSDINLRYFNEDTKKKIEK
IRHLMVEGTASLSPGMMMGMFNMLSTVLGVSVLNLGQREILKRTYWWDGLQSSDDFALIINGHFKEDIQQGVNHFYRTCK
LVGINMSQKKSYINKTGTFEFTSFFYRYGFVANFSMELPSFGVAGNNESADMSIGTTVIKTNMINNDLGPATAQMAIQLF
IKDYRYTYRCHRGDTNLETRRTKSIKRLWTETISKAGLLVADGGPNPYNLRNLHIPEVCLKWSLMDPDYRGRLCNPNNPF
VHHMEVESTNLAVVMPAHGPAKSLEYDAVATTHSWTPKRNRSILNTNQRGILEDERIYQKCCQVFEKFFPSSTYRRPIGM
ASMLDAMLSRARIDARIDLESGRISSQDFSEITNTCKAIEALKRQGSGSGENLYFQ
;
B
3 'polypeptide(L)'
;GSGSGSGSGMERIKELMEMVKNSRMREILTTTSVDHMAVIKKYTSGRQEKNPALRMKWMMAMKYPISASSRIREMIPEKD
EDGNTLWTNTKDAGSNRVLVSPNAVTWWNRAGPVSDVVHYPRVYKMYFDRLERLTHGTFGPVKFYNQVKVRKRVDINPGH
KDLTSREAQEVIMEVVFPNEVGARTLSSDAQLTITKEKKEELKNCKISPIMVAYMLERELVRRTRFLPIAGATSSTYVEV
LHLTQGTCWEQQYTPGGEAENDDLDQTLIIASRNIVRRSIVAIDPLASLLSMCHTTSISSEPLVEILRSNPTDEQAVNIC
KAALGIRINNSFSFGGYNFKRVKGSSQRTEKAVLTGNLQTLTMTIFEGYEEFNVSGKRASAVLKKGAQRLIQAIIGGRTL
EDILNLMITLMVFSQEEKMLKAVRGDLNFVNRANQRLNPMYQLLRHFQKDSSTLLKNWGTEEIDPIMGIAGIMPDGTINK
TQTLMGVRLSQGGVDEYSFNERIRVNIDKYLRVRNEKGELLISPEEVSEAQGQEKLPINYNSSLMWEVNGPESILTNTYH
WIIKNWELLKTQWMTDPTVLYNRIEFEPFQTLIPKGNRAIYSGFTRTLFQQMRDVEGTFDSIQIIKLLPFSAHPPSLGRT
QFSSFTLNIRGAPLRLLIRGNSQVFNYNQMENVIIVLGKSVGSPERSILTESSSIESAVLRGFLILGKANSKYGPVLTIG
ELDKLGRGEKANVLIGQGDTVLVMKRKRDSSILTDSQTALKRIRLEESKGWSHPQFEKGWSHPQFEKGSGSENLYFQ
;
C
4 'polyribonucleotide' UAUACCUCUGCUUCUGCU R
5 'polyribonucleotide' AGUAGUAACAAGAGGG V
6 'polypeptide(L)' YSPT(SEP)PSYSPT(SEP)PSYSPT(SEP)PSYSPT(SEP)PS X,Y
#
loop_
_chem_comp.id
_chem_comp.type
_chem_comp.name
_chem_comp.formula
A RNA linking ADENOSINE-5'-MONOPHOSPHATE 'C10 H14 N5 O7 P'
C RNA linking CYTIDINE-5'-MONOPHOSPHATE 'C9 H14 N3 O8 P'
G RNA linking GUANOSINE-5'-MONOPHOSPHATE 'C10 H14 N5 O8 P'
PO4 non-polymer 'PHOSPHATE ION' 'O4 P -3'
U RNA linking URIDINE-5'-MONOPHOSPHATE 'C9 H13 N2 O9 P'
ZN non-polymer 'ZINC ION' 'Zn 2'
#
# COMPACT_ATOMS: atom_id res chain seq x y z
N MET A 5 -22.25 -36.99 40.71
CA MET A 5 -23.32 -36.16 41.36
C MET A 5 -22.91 -34.69 41.35
N GLU A 6 -23.88 -33.83 41.04
CA GLU A 6 -23.59 -32.40 40.93
C GLU A 6 -23.33 -31.78 42.30
N ASN A 7 -23.97 -32.28 43.36
CA ASN A 7 -23.73 -31.83 44.72
C ASN A 7 -22.69 -32.68 45.43
N PHE A 8 -21.81 -33.34 44.69
CA PHE A 8 -20.72 -34.10 45.30
C PHE A 8 -19.59 -33.18 45.75
N VAL A 9 -19.35 -32.10 45.00
CA VAL A 9 -18.34 -31.12 45.38
C VAL A 9 -18.89 -30.04 46.30
N ARG A 10 -20.21 -29.84 46.31
CA ARG A 10 -20.80 -28.69 46.99
C ARG A 10 -21.13 -28.96 48.45
N THR A 11 -21.47 -30.21 48.81
CA THR A 11 -21.74 -30.55 50.20
C THR A 11 -20.48 -30.95 50.96
N ASN A 12 -19.50 -31.56 50.28
CA ASN A 12 -18.31 -32.07 50.95
C ASN A 12 -17.27 -30.98 51.15
N PHE A 13 -16.85 -30.34 50.06
CA PHE A 13 -15.72 -29.42 50.11
C PHE A 13 -16.14 -28.06 50.65
N ASN A 14 -15.15 -27.29 51.07
CA ASN A 14 -15.38 -25.97 51.67
C ASN A 14 -15.59 -24.93 50.60
N PRO A 15 -15.99 -23.71 50.97
CA PRO A 15 -16.41 -22.73 49.96
C PRO A 15 -15.27 -22.24 49.07
N MET A 16 -14.04 -22.16 49.57
CA MET A 16 -12.97 -21.54 48.79
C MET A 16 -12.59 -22.39 47.59
N ILE A 17 -12.67 -23.71 47.69
CA ILE A 17 -12.31 -24.56 46.56
C ILE A 17 -13.42 -24.58 45.51
N LEU A 18 -14.67 -24.34 45.91
CA LEU A 18 -15.77 -24.36 44.95
C LEU A 18 -15.59 -23.29 43.89
N GLU A 19 -15.08 -22.12 44.27
CA GLU A 19 -14.85 -21.06 43.29
C GLU A 19 -13.66 -21.39 42.41
N ARG A 20 -12.63 -22.02 42.98
CA ARG A 20 -11.50 -22.48 42.17
C ARG A 20 -11.94 -23.52 41.15
N ALA A 21 -12.82 -24.44 41.58
CA ALA A 21 -13.32 -25.46 40.66
C ALA A 21 -14.29 -24.85 39.65
N GLU A 22 -14.98 -23.78 40.02
CA GLU A 22 -15.93 -23.12 39.13
C GLU A 22 -15.25 -22.39 37.98
N LYS A 23 -13.94 -22.17 38.07
CA LYS A 23 -13.26 -21.23 37.19
C LYS A 23 -13.00 -21.78 35.79
N THR A 24 -11.78 -22.26 35.54
CA THR A 24 -11.27 -22.42 34.18
C THR A 24 -11.87 -23.60 33.42
N MET A 25 -12.69 -24.44 34.05
CA MET A 25 -13.32 -25.53 33.32
C MET A 25 -14.24 -25.00 32.22
N LYS A 26 -14.69 -23.75 32.34
CA LYS A 26 -15.54 -23.11 31.34
C LYS A 26 -14.65 -22.67 30.18
N GLU A 27 -14.67 -23.43 29.09
CA GLU A 27 -13.82 -23.12 27.95
C GLU A 27 -14.23 -23.89 26.70
N TYR A 28 -14.55 -25.18 26.86
CA TYR A 28 -14.88 -26.03 25.71
C TYR A 28 -16.39 -26.16 25.52
N GLY A 29 -17.00 -27.13 26.22
CA GLY A 29 -18.40 -27.44 25.98
C GLY A 29 -19.16 -27.94 27.20
N GLU A 30 -18.62 -28.94 27.90
CA GLU A 30 -19.34 -29.56 29.00
C GLU A 30 -19.53 -28.57 30.15
N ASN A 31 -20.38 -28.94 31.09
CA ASN A 31 -20.73 -28.06 32.21
C ASN A 31 -21.01 -28.93 33.42
N PRO A 32 -21.15 -28.32 34.60
CA PRO A 32 -21.35 -29.11 35.82
C PRO A 32 -22.51 -30.09 35.78
N GLN A 33 -23.49 -29.90 34.88
CA GLN A 33 -24.66 -30.77 34.86
C GLN A 33 -24.46 -32.02 34.00
N ASN A 34 -23.63 -31.93 32.97
CA ASN A 34 -23.46 -33.03 32.03
C ASN A 34 -22.78 -34.24 32.66
N GLU A 35 -21.50 -34.12 32.99
CA GLU A 35 -20.65 -35.27 33.26
C GLU A 35 -20.33 -35.42 34.74
N GLY A 36 -20.13 -36.68 35.14
CA GLY A 36 -19.49 -36.99 36.39
C GLY A 36 -18.16 -37.68 36.12
N ASN A 37 -17.46 -37.20 35.09
CA ASN A 37 -16.19 -37.77 34.66
C ASN A 37 -15.02 -36.86 34.98
N LYS A 38 -15.01 -35.63 34.45
CA LYS A 38 -13.96 -34.66 34.75
C LYS A 38 -14.53 -33.40 35.40
N PHE A 39 -15.72 -33.50 35.98
CA PHE A 39 -16.32 -32.37 36.69
C PHE A 39 -15.70 -32.21 38.07
N ALA A 40 -15.94 -33.17 38.97
CA ALA A 40 -15.39 -33.12 40.31
C ALA A 40 -13.92 -33.51 40.34
N ALA A 41 -13.42 -34.22 39.33
CA ALA A 41 -12.03 -34.65 39.32
C ALA A 41 -11.07 -33.48 39.44
N ILE A 42 -11.44 -32.32 38.87
CA ILE A 42 -10.59 -31.15 38.92
C ILE A 42 -10.58 -30.52 40.31
N SER A 43 -11.62 -30.79 41.12
CA SER A 43 -11.73 -30.15 42.43
C SER A 43 -10.58 -30.57 43.35
N THR A 44 -10.34 -31.88 43.45
CA THR A 44 -9.30 -32.40 44.33
C THR A 44 -7.90 -32.13 43.80
N HIS A 45 -7.77 -31.78 42.52
CA HIS A 45 -6.45 -31.41 41.99
C HIS A 45 -5.88 -30.20 42.72
N MET A 46 -6.76 -29.34 43.26
CA MET A 46 -6.32 -28.22 44.08
C MET A 46 -6.26 -28.56 45.57
N GLU A 47 -7.13 -29.45 46.04
CA GLU A 47 -7.11 -29.81 47.45
C GLU A 47 -5.83 -30.55 47.80
N VAL A 48 -5.41 -31.50 46.97
CA VAL A 48 -4.15 -32.20 47.20
C VAL A 48 -3.00 -31.19 47.21
N CYS A 49 -3.09 -30.15 46.37
CA CYS A 49 -2.04 -29.14 46.33
C CYS A 49 -1.97 -28.37 47.65
N PHE A 50 -3.12 -28.08 48.25
CA PHE A 50 -3.12 -27.35 49.51
C PHE A 50 -2.59 -28.22 50.65
N MET A 51 -2.97 -29.49 50.69
CA MET A 51 -2.41 -30.39 51.69
C MET A 51 -0.91 -30.57 51.48
N TYR A 52 -0.47 -30.57 50.22
CA TYR A 52 0.95 -30.71 49.93
C TYR A 52 1.72 -29.47 50.34
N SER A 53 1.12 -28.29 50.16
CA SER A 53 1.79 -27.02 50.42
C SER A 53 1.71 -26.59 51.87
N ASP A 54 0.59 -26.86 52.54
CA ASP A 54 0.39 -26.39 53.90
C ASP A 54 1.18 -27.23 54.89
N PHE A 55 1.54 -26.61 56.01
CA PHE A 55 2.29 -27.26 57.08
C PHE A 55 3.68 -27.68 56.62
N HIS A 56 4.27 -26.97 55.65
CA HIS A 56 5.60 -27.28 55.16
C HIS A 56 6.27 -26.00 54.69
N PHE A 57 7.47 -25.75 55.20
CA PHE A 57 8.18 -24.50 54.92
C PHE A 57 9.69 -24.76 54.95
N ILE A 58 10.46 -23.71 54.72
CA ILE A 58 11.92 -23.80 54.60
C ILE A 58 12.56 -22.79 55.55
N ASP A 59 13.78 -23.12 55.98
CA ASP A 59 14.48 -22.35 57.00
C ASP A 59 15.50 -21.40 56.36
N LEU A 60 16.27 -20.72 57.23
CA LEU A 60 17.17 -19.66 56.76
C LEU A 60 18.26 -20.23 55.86
N GLU A 61 18.92 -21.31 56.30
CA GLU A 61 19.98 -21.90 55.49
C GLU A 61 19.42 -22.53 54.23
N GLY A 62 18.32 -23.27 54.35
CA GLY A 62 17.75 -24.01 53.25
C GLY A 62 17.42 -25.42 53.67
N ASN A 63 16.64 -25.55 54.75
CA ASN A 63 16.32 -26.84 55.34
C ASN A 63 14.82 -26.93 55.56
N THR A 64 14.31 -28.16 55.56
CA THR A 64 12.88 -28.40 55.65
C THR A 64 12.38 -28.24 57.08
N ILE A 65 11.14 -27.79 57.21
CA ILE A 65 10.50 -27.61 58.51
C ILE A 65 9.00 -27.84 58.34
N VAL A 66 8.41 -28.55 59.30
CA VAL A 66 7.01 -28.97 59.24
C VAL A 66 6.37 -28.42 60.52
N LYS A 67 5.82 -27.21 60.43
CA LYS A 67 5.46 -26.45 61.62
C LYS A 67 3.94 -26.45 61.87
N GLU A 68 3.48 -25.53 62.72
CA GLU A 68 2.10 -25.50 63.20
C GLU A 68 1.28 -24.40 62.55
N ASN A 69 1.73 -23.16 62.65
CA ASN A 69 0.91 -21.99 62.36
C ASN A 69 0.44 -21.96 60.90
N ASP A 70 1.36 -21.72 59.97
CA ASP A 70 1.07 -21.64 58.54
C ASP A 70 0.65 -20.24 58.13
N ASP A 71 1.56 -19.27 58.28
CA ASP A 71 1.39 -17.95 57.68
C ASP A 71 2.75 -17.27 57.60
N ASP A 72 3.79 -18.05 57.28
CA ASP A 72 5.14 -17.53 57.05
C ASP A 72 5.65 -16.69 58.21
N ASN A 73 5.31 -15.41 58.23
CA ASN A 73 5.84 -14.47 59.22
C ASN A 73 7.36 -14.36 59.11
N ALA A 74 7.83 -13.58 58.13
CA ALA A 74 9.23 -13.17 58.04
C ALA A 74 10.17 -14.32 57.73
N MET A 75 10.55 -15.11 58.74
CA MET A 75 11.74 -15.94 58.68
C MET A 75 11.55 -17.23 57.88
N LEU A 76 10.32 -17.66 57.63
CA LEU A 76 10.08 -18.92 56.94
C LEU A 76 9.15 -18.67 55.75
N LYS A 77 9.24 -19.57 54.76
CA LYS A 77 8.62 -19.37 53.46
C LYS A 77 7.87 -20.62 53.03
N HIS A 78 6.85 -20.43 52.19
CA HIS A 78 6.13 -21.55 51.60
C HIS A 78 7.10 -22.50 50.91
N ARG A 79 6.74 -23.78 50.88
CA ARG A 79 7.57 -24.80 50.25
C ARG A 79 7.05 -25.25 48.90
N PHE A 80 5.82 -24.87 48.53
CA PHE A 80 5.25 -25.27 47.26
C PHE A 80 4.44 -24.12 46.68
N GLU A 81 4.34 -24.10 45.35
CA GLU A 81 3.57 -23.09 44.63
C GLU A 81 2.44 -23.77 43.87
N ILE A 82 1.30 -23.08 43.80
CA ILE A 82 0.08 -23.65 43.24
C ILE A 82 0.03 -23.27 41.75
N ILE A 83 0.45 -24.20 40.90
CA ILE A 83 0.43 -23.94 39.46
C ILE A 83 -0.95 -24.23 38.88
N GLU A 84 -1.53 -25.37 39.22
CA GLU A 84 -2.88 -25.69 38.78
C GLU A 84 -3.89 -24.73 39.40
N GLY A 85 -4.95 -24.46 38.66
CA GLY A 85 -5.98 -23.53 39.11
C GLY A 85 -5.72 -22.08 38.77
N GLN A 86 -4.74 -21.79 37.91
CA GLN A 86 -4.40 -20.45 37.50
C GLN A 86 -4.88 -20.23 36.07
N GLU A 87 -4.55 -19.07 35.51
CA GLU A 87 -4.70 -18.85 34.08
C GLU A 87 -3.50 -19.42 33.34
N ARG A 88 -3.72 -19.84 32.09
CA ARG A 88 -2.65 -20.45 31.33
C ARG A 88 -1.47 -19.49 31.16
N ASN A 89 -1.73 -18.18 31.18
CA ASN A 89 -0.62 -17.22 31.09
C ASN A 89 0.18 -17.20 32.38
N ILE A 90 -0.49 -17.06 33.52
CA ILE A 90 0.20 -17.03 34.79
C ILE A 90 0.89 -18.36 35.05
N ALA A 91 0.30 -19.47 34.58
CA ALA A 91 0.87 -20.78 34.82
C ALA A 91 2.32 -20.86 34.35
N TRP A 92 2.58 -20.43 33.11
CA TRP A 92 3.93 -20.49 32.56
C TRP A 92 4.81 -19.34 33.04
N THR A 93 4.23 -18.21 33.42
CA THR A 93 5.02 -17.18 34.09
C THR A 93 5.54 -17.68 35.43
N ILE A 94 4.75 -18.50 36.12
CA ILE A 94 5.24 -19.19 37.32
C ILE A 94 6.41 -20.09 36.96
N VAL A 95 6.19 -20.96 35.98
CA VAL A 95 7.21 -21.95 35.62
C VAL A 95 8.51 -21.27 35.19
N ASN A 96 8.39 -20.26 34.33
CA ASN A 96 9.58 -19.65 33.75
C ASN A 96 10.34 -18.78 34.75
N SER A 97 9.63 -18.11 35.65
CA SER A 97 10.30 -17.32 36.69
C SER A 97 11.20 -18.20 37.54
N ILE A 98 10.81 -19.45 37.76
CA ILE A 98 11.64 -20.40 38.49
C ILE A 98 12.90 -20.72 37.71
N CYS A 99 12.74 -21.17 36.46
CA CYS A 99 13.86 -21.67 35.69
C CYS A 99 14.92 -20.61 35.41
N ASN A 100 14.58 -19.33 35.56
CA ASN A 100 15.51 -18.26 35.21
C ASN A 100 16.52 -17.96 36.31
N MET A 101 16.20 -18.29 37.56
CA MET A 101 17.14 -18.09 38.67
C MET A 101 17.63 -19.40 39.28
N THR A 102 17.23 -20.54 38.72
CA THR A 102 17.85 -21.83 39.01
C THR A 102 17.96 -22.57 37.69
N GLU A 103 19.20 -22.78 37.21
CA GLU A 103 19.42 -23.36 35.90
C GLU A 103 18.76 -24.72 35.78
N ASN A 104 17.47 -24.73 35.46
CA ASN A 104 16.69 -25.96 35.36
C ASN A 104 16.15 -26.14 33.95
N SER A 105 15.50 -27.28 33.73
CA SER A 105 14.83 -27.57 32.47
C SER A 105 13.42 -27.00 32.50
N LYS A 106 12.90 -26.72 31.30
CA LYS A 106 11.54 -26.21 31.16
C LYS A 106 10.64 -27.34 30.65
N PRO A 107 9.69 -27.83 31.44
CA PRO A 107 8.88 -28.97 31.00
C PRO A 107 8.04 -28.64 29.77
N ARG A 108 7.78 -29.66 28.96
CA ARG A 108 7.01 -29.49 27.73
C ARG A 108 5.56 -29.15 28.07
N PHE A 109 4.90 -30.01 28.85
CA PHE A 109 3.52 -29.79 29.25
C PHE A 109 3.45 -29.28 30.69
N LEU A 110 2.25 -28.90 31.09
CA LEU A 110 2.07 -28.18 32.35
C LEU A 110 2.39 -29.07 33.55
N PRO A 111 3.24 -28.62 34.50
CA PRO A 111 3.26 -29.26 35.82
C PRO A 111 2.19 -28.70 36.74
N ASP A 112 2.13 -29.17 37.99
CA ASP A 112 1.10 -28.74 38.92
C ASP A 112 1.64 -28.19 40.23
N LEU A 113 2.86 -28.54 40.63
CA LEU A 113 3.48 -27.99 41.83
C LEU A 113 4.98 -27.92 41.61
N TYR A 114 5.66 -27.26 42.55
CA TYR A 114 7.11 -27.14 42.50
C TYR A 114 7.65 -27.05 43.92
N ASP A 115 8.60 -27.93 44.25
CA ASP A 115 9.23 -27.93 45.56
C ASP A 115 10.48 -27.06 45.52
N TYR A 116 10.58 -26.12 46.47
CA TYR A 116 11.65 -25.14 46.45
C TYR A 116 12.94 -25.65 47.10
N LYS A 117 12.87 -26.68 47.94
CA LYS A 117 14.08 -27.25 48.53
C LYS A 117 14.78 -28.17 47.53
N THR A 118 14.04 -29.15 46.99
CA THR A 118 14.62 -30.12 46.06
C THR A 118 14.54 -29.68 44.61
N ASN A 119 13.87 -28.58 44.31
CA ASN A 119 13.80 -28.03 42.95
C ASN A 119 13.13 -29.03 41.99
N LYS A 120 12.13 -29.75 42.49
CA LYS A 120 11.41 -30.74 41.69
C LYS A 120 10.05 -30.20 41.29
N PHE A 121 9.71 -30.33 40.01
CA PHE A 121 8.36 -30.09 39.55
C PHE A 121 7.53 -31.38 39.69
N ILE A 122 6.25 -31.21 40.02
CA ILE A 122 5.41 -32.33 40.41
C ILE A 122 4.15 -32.32 39.54
N GLU A 123 4.03 -33.31 38.68
CA GLU A 123 2.80 -33.56 37.90
C GLU A 123 1.99 -34.59 38.66
N ILE A 124 0.85 -34.17 39.22
CA ILE A 124 0.03 -35.04 40.04
C ILE A 124 -0.83 -35.92 39.15
N GLY A 125 -1.06 -37.16 39.58
CA GLY A 125 -1.87 -38.09 38.81
C GLY A 125 -2.31 -39.31 39.62
N VAL A 126 -3.39 -39.16 40.38
CA VAL A 126 -3.98 -40.26 41.13
C VAL A 126 -5.30 -40.62 40.48
N THR A 127 -5.63 -41.92 40.50
CA THR A 127 -6.85 -42.40 39.87
C THR A 127 -7.16 -43.79 40.39
N ARG A 128 -8.20 -44.40 39.82
CA ARG A 128 -8.63 -45.73 40.23
C ARG A 128 -7.66 -46.82 39.81
N ARG A 129 -6.84 -46.57 38.78
CA ARG A 129 -5.79 -47.52 38.44
C ARG A 129 -4.77 -47.58 39.56
N LYS A 130 -4.15 -48.75 39.70
CA LYS A 130 -3.35 -49.06 40.89
C LYS A 130 -2.08 -48.22 40.96
N VAL A 131 -1.05 -48.58 40.21
CA VAL A 131 0.23 -47.89 40.29
C VAL A 131 0.99 -47.97 38.98
N GLU A 132 1.18 -49.19 38.47
CA GLU A 132 2.06 -49.38 37.32
C GLU A 132 1.42 -48.94 36.01
N ASP A 133 0.09 -48.99 35.91
CA ASP A 133 -0.56 -48.66 34.64
C ASP A 133 -0.55 -47.16 34.37
N TYR A 134 -0.50 -46.34 35.41
CA TYR A 134 -0.52 -44.89 35.23
C TYR A 134 0.81 -44.22 35.55
N TYR A 135 1.79 -44.95 36.10
CA TYR A 135 3.11 -44.38 36.30
C TYR A 135 3.90 -44.37 34.99
N TYR A 136 3.88 -45.48 34.25
CA TYR A 136 4.61 -45.61 33.00
C TYR A 136 3.78 -45.16 31.80
N GLU A 137 2.55 -44.73 32.00
CA GLU A 137 1.80 -44.06 30.93
C GLU A 137 2.26 -42.62 30.77
N LYS A 138 2.67 -41.97 31.86
CA LYS A 138 3.19 -40.61 31.83
C LYS A 138 4.71 -40.58 31.74
N ALA A 139 5.39 -41.45 32.48
CA ALA A 139 6.85 -41.42 32.54
C ALA A 139 7.50 -41.77 31.22
N SER A 140 6.81 -42.47 30.33
CA SER A 140 7.30 -42.76 28.99
C SER A 140 6.63 -41.84 27.96
N LYS A 141 6.65 -40.54 28.26
CA LYS A 141 6.03 -39.53 27.41
C LYS A 141 6.46 -38.15 27.88
N LEU A 142 6.56 -37.98 29.20
CA LEU A 142 7.19 -36.81 29.81
C LEU A 142 8.60 -37.13 30.29
N LYS A 143 9.33 -37.95 29.54
CA LYS A 143 10.64 -38.42 29.95
C LYS A 143 11.71 -37.40 29.53
N GLY A 144 12.97 -37.79 29.61
CA GLY A 144 14.07 -36.87 29.37
C GLY A 144 14.19 -35.86 30.50
N GLU A 145 13.21 -34.97 30.57
CA GLU A 145 13.10 -34.10 31.74
C GLU A 145 12.84 -34.94 32.99
N ASN A 146 13.30 -34.43 34.12
CA ASN A 146 13.10 -35.11 35.41
C ASN A 146 11.94 -34.47 36.16
N VAL A 147 10.74 -34.67 35.62
CA VAL A 147 9.51 -34.24 36.26
C VAL A 147 9.09 -35.32 37.25
N TYR A 148 9.00 -34.95 38.52
CA TYR A 148 8.74 -35.88 39.60
C TYR A 148 7.25 -36.22 39.63
N ILE A 149 6.92 -37.48 39.34
CA ILE A 149 5.55 -37.97 39.41
C ILE A 149 5.36 -38.65 40.76
N HIS A 150 4.20 -38.42 41.38
CA HIS A 150 3.86 -39.02 42.67
C HIS A 150 2.56 -39.79 42.49
N ILE A 151 2.68 -41.07 42.15
CA ILE A 151 1.53 -41.91 41.85
C ILE A 151 1.07 -42.55 43.16
N PHE A 152 -0.08 -42.10 43.66
CA PHE A 152 -0.71 -42.70 44.83
C PHE A 152 -1.59 -43.87 44.36
N SER A 153 -2.49 -44.31 45.23
CA SER A 153 -3.55 -45.24 44.85
C SER A 153 -4.83 -44.79 45.55
N PHE A 154 -5.96 -45.31 45.07
CA PHE A 154 -7.23 -45.00 45.72
C PHE A 154 -7.28 -45.53 47.14
N ASP A 155 -6.62 -46.65 47.41
CA ASP A 155 -6.58 -47.23 48.76
C ASP A 155 -5.45 -46.62 49.58
N GLY A 156 -4.21 -47.00 49.29
CA GLY A 156 -3.09 -46.53 50.09
C GLY A 156 -1.72 -46.89 49.55
N GLU A 157 -1.62 -48.01 48.83
CA GLU A 157 -0.33 -48.43 48.29
C GLU A 157 0.30 -47.29 47.49
N GLU A 158 1.61 -47.12 47.66
CA GLU A 158 2.30 -45.94 47.17
C GLU A 158 3.52 -46.35 46.35
N MET A 159 3.81 -45.55 45.33
CA MET A 159 4.95 -45.81 44.44
C MET A 159 5.32 -44.51 43.74
N ALA A 160 6.37 -43.86 44.21
CA ALA A 160 6.93 -42.69 43.55
C ALA A 160 8.13 -43.11 42.70
N THR A 161 8.75 -42.13 42.05
CA THR A 161 9.95 -42.40 41.26
C THR A 161 11.11 -42.71 42.20
N ASP A 162 11.63 -43.94 42.11
CA ASP A 162 12.66 -44.41 43.02
C ASP A 162 12.20 -44.42 44.46
N ASP A 163 10.89 -44.32 44.70
CA ASP A 163 10.35 -44.19 46.04
C ASP A 163 11.05 -43.06 46.80
N GLU A 164 11.34 -41.98 46.08
CA GLU A 164 12.04 -40.82 46.65
C GLU A 164 10.99 -39.87 47.21
N TYR A 165 10.58 -40.14 48.45
CA TYR A 165 9.49 -39.41 49.10
C TYR A 165 10.08 -38.18 49.79
N ILE A 166 10.00 -37.04 49.11
CA ILE A 166 10.46 -35.78 49.68
C ILE A 166 9.59 -35.36 50.86
N LEU A 167 8.33 -35.76 50.87
CA LEU A 167 7.39 -35.36 51.91
C LEU A 167 7.51 -36.27 53.12
N ASP A 168 7.41 -35.68 54.31
CA ASP A 168 7.47 -36.46 55.53
C ASP A 168 6.24 -37.35 55.66
N GLU A 169 6.37 -38.40 56.47
CA GLU A 169 5.37 -39.47 56.53
C GLU A 169 4.10 -39.09 57.30
N GLU A 170 4.10 -37.97 58.03
CA GLU A 170 2.90 -37.60 58.77
C GLU A 170 1.85 -37.01 57.85
N SER A 171 2.25 -36.17 56.89
CA SER A 171 1.28 -35.54 55.99
C SER A 171 0.82 -36.51 54.91
N ARG A 172 1.72 -37.29 54.32
CA ARG A 172 1.33 -38.27 53.31
C ARG A 172 0.43 -39.35 53.89
N ALA A 173 0.49 -39.60 55.19
CA ALA A 173 -0.42 -40.55 55.80
C ALA A 173 -1.84 -39.99 55.84
N ARG A 174 -1.98 -38.70 56.13
CA ARG A 174 -3.30 -38.07 56.09
C ARG A 174 -3.77 -37.82 54.67
N ILE A 175 -2.84 -37.75 53.70
CA ILE A 175 -3.23 -37.62 52.30
C ILE A 175 -3.89 -38.90 51.82
N LYS A 176 -3.40 -40.06 52.28
CA LYS A 176 -4.02 -41.33 51.91
C LYS A 176 -5.45 -41.40 52.46
N THR A 177 -5.64 -41.00 53.71
CA THR A 177 -6.97 -41.03 54.31
C THR A 177 -7.90 -40.00 53.70
N ARG A 178 -7.36 -38.94 53.10
CA ARG A 178 -8.20 -37.97 52.41
C ARG A 178 -8.79 -38.55 51.14
N LEU A 179 -8.04 -39.41 50.45
CA LEU A 179 -8.55 -40.10 49.27
C LEU A 179 -9.19 -41.43 49.61
N PHE A 180 -8.86 -42.01 50.76
CA PHE A 180 -9.49 -43.24 51.21
C PHE A 180 -10.95 -43.03 51.57
N VAL A 181 -11.34 -41.81 51.91
CA VAL A 181 -12.73 -41.50 52.25
C VAL A 181 -13.53 -41.11 51.01
N LEU A 182 -12.94 -40.31 50.12
CA LEU A 182 -13.65 -39.88 48.92
C LEU A 182 -13.91 -41.04 47.98
N ARG A 183 -13.05 -42.06 47.99
CA ARG A 183 -13.28 -43.25 47.17
C ARG A 183 -14.60 -43.92 47.55
N GLN A 184 -14.93 -43.93 48.84
CA GLN A 184 -16.07 -44.69 49.31
C GLN A 184 -17.41 -44.07 48.95
N GLU A 185 -17.43 -42.78 48.59
CA GLU A 185 -18.68 -42.09 48.27
C GLU A 185 -18.98 -42.08 46.78
N LEU A 186 -18.18 -42.78 45.97
CA LEU A 186 -18.54 -42.98 44.57
C LEU A 186 -19.71 -43.95 44.44
N ALA A 187 -19.72 -44.99 45.27
CA ALA A 187 -20.78 -46.00 45.18
C ALA A 187 -22.10 -45.47 45.72
N THR A 188 -22.08 -44.75 46.85
CA THR A 188 -23.30 -44.26 47.47
C THR A 188 -23.85 -43.02 46.78
N ALA A 189 -23.09 -42.39 45.89
CA ALA A 189 -23.57 -41.21 45.17
C ALA A 189 -24.53 -41.62 44.05
N LEU A 205 -15.02 -32.01 21.49
CA LEU A 205 -14.61 -31.03 20.49
C LEU A 205 -15.69 -30.85 19.44
N GLU A 206 -16.27 -29.65 19.41
CA GLU A 206 -17.35 -29.32 18.48
C GLU A 206 -17.26 -27.85 18.12
N GLU A 207 -18.25 -27.37 17.37
CA GLU A 207 -18.40 -25.95 17.06
C GLU A 207 -19.80 -25.68 16.52
N GLU A 208 -20.47 -24.65 17.02
CA GLU A 208 -21.88 -24.44 16.74
C GLU A 208 -22.13 -22.97 16.42
N PHE A 209 -23.10 -22.73 15.54
CA PHE A 209 -23.58 -21.38 15.27
C PHE A 209 -24.91 -21.50 14.55
N SER A 210 -25.97 -21.02 15.18
CA SER A 210 -27.33 -21.16 14.65
C SER A 210 -28.05 -19.83 14.77
N TYR A 211 -29.08 -19.67 13.94
CA TYR A 211 -29.90 -18.47 13.96
C TYR A 211 -30.98 -18.58 15.04
N PRO A 212 -31.05 -17.64 15.98
CA PRO A 212 -32.27 -17.55 16.80
C PRO A 212 -33.46 -17.20 15.95
N PRO A 213 -34.68 -17.29 16.48
CA PRO A 213 -35.86 -17.15 15.61
C PRO A 213 -35.98 -15.80 14.94
N THR A 214 -35.63 -14.70 15.62
CA THR A 214 -35.76 -13.38 15.01
C THR A 214 -34.92 -13.30 13.74
N PHE A 215 -33.64 -13.64 13.83
CA PHE A 215 -32.77 -13.56 12.66
C PHE A 215 -33.18 -14.58 11.61
N GLN A 216 -33.62 -15.77 12.04
CA GLN A 216 -34.11 -16.77 11.10
C GLN A 216 -35.22 -16.19 10.22
N ARG A 217 -36.10 -15.38 10.81
CA ARG A 217 -37.17 -14.76 10.03
C ARG A 217 -36.63 -13.68 9.10
N LEU A 218 -35.57 -12.98 9.50
CA LEU A 218 -34.92 -12.06 8.59
C LEU A 218 -34.21 -12.80 7.47
N ALA A 219 -33.56 -13.93 7.80
CA ALA A 219 -32.95 -14.76 6.78
C ALA A 219 -33.95 -15.16 5.71
N ASN A 220 -35.19 -15.46 6.11
CA ASN A 220 -36.18 -15.93 5.16
C ASN A 220 -36.64 -14.82 4.22
N GLN A 221 -36.53 -13.56 4.63
CA GLN A 221 -36.96 -12.44 3.82
C GLN A 221 -35.84 -11.82 2.99
N SER A 222 -34.62 -12.36 3.08
CA SER A 222 -33.51 -11.85 2.31
C SER A 222 -33.07 -12.87 1.27
N LEU A 223 -34.03 -13.39 0.51
CA LEU A 223 -33.77 -14.39 -0.52
C LEU A 223 -34.27 -13.87 -1.87
N PRO A 224 -33.92 -14.53 -2.96
CA PRO A 224 -34.57 -14.22 -4.23
C PRO A 224 -36.06 -14.50 -4.14
N PRO A 225 -36.87 -13.91 -5.01
CA PRO A 225 -38.32 -13.90 -4.78
C PRO A 225 -38.95 -15.28 -4.72
N SER A 226 -38.43 -16.25 -5.47
CA SER A 226 -39.11 -17.53 -5.64
C SER A 226 -38.92 -18.49 -4.47
N PHE A 227 -38.24 -18.09 -3.41
CA PHE A 227 -37.95 -18.98 -2.29
C PHE A 227 -38.72 -18.53 -1.06
N LYS A 228 -39.23 -19.52 -0.31
CA LYS A 228 -40.06 -19.27 0.86
C LYS A 228 -39.31 -19.48 2.18
N ASP A 229 -38.05 -19.92 2.13
CA ASP A 229 -37.36 -20.31 3.35
C ASP A 229 -35.86 -20.29 3.11
N TYR A 230 -35.11 -19.97 4.17
CA TYR A 230 -33.65 -19.92 4.06
C TYR A 230 -33.07 -21.32 3.87
N HIS A 231 -33.57 -22.29 4.65
CA HIS A 231 -33.13 -23.67 4.45
C HIS A 231 -33.37 -24.12 3.02
N GLN A 232 -34.46 -23.65 2.41
CA GLN A 232 -34.77 -24.01 1.03
C GLN A 232 -33.73 -23.42 0.07
N PHE A 233 -33.48 -22.11 0.17
CA PHE A 233 -32.54 -21.47 -0.73
C PHE A 233 -31.13 -22.03 -0.56
N LYS A 234 -30.75 -22.35 0.68
CA LYS A 234 -29.44 -22.94 0.91
C LYS A 234 -29.31 -24.29 0.22
N ALA A 235 -30.41 -25.03 0.09
CA ALA A 235 -30.37 -26.31 -0.61
C ALA A 235 -30.31 -26.11 -2.12
N TYR A 236 -31.03 -25.11 -2.64
CA TYR A 236 -30.97 -24.81 -4.05
C TYR A 236 -29.54 -24.45 -4.48
N VAL A 237 -28.80 -23.75 -3.61
CA VAL A 237 -27.44 -23.36 -3.95
C VAL A 237 -26.50 -24.54 -3.83
N SER A 238 -26.65 -25.35 -2.77
CA SER A 238 -25.74 -26.47 -2.55
C SER A 238 -25.85 -27.53 -3.65
N SER A 239 -26.98 -27.58 -4.36
CA SER A 239 -27.21 -28.61 -5.36
C SER A 239 -27.25 -28.05 -6.79
N PHE A 240 -27.16 -26.73 -6.94
CA PHE A 240 -27.24 -26.13 -8.26
C PHE A 240 -26.15 -26.67 -9.18
N LYS A 241 -26.49 -26.84 -10.46
CA LYS A 241 -25.54 -27.16 -11.51
C LYS A 241 -25.95 -26.42 -12.76
N ALA A 242 -24.99 -25.73 -13.38
CA ALA A 242 -25.29 -24.91 -14.54
C ALA A 242 -25.73 -25.77 -15.72
N ASN A 243 -26.75 -25.31 -16.43
CA ASN A 243 -27.25 -26.01 -17.61
C ASN A 243 -27.72 -24.97 -18.62
N GLY A 244 -26.78 -24.14 -19.09
CA GLY A 244 -27.10 -23.13 -20.08
C GLY A 244 -27.97 -22.00 -19.56
N ASN A 245 -27.83 -21.65 -18.28
CA ASN A 245 -28.67 -20.60 -17.70
C ASN A 245 -28.39 -19.25 -18.35
N ILE A 246 -27.11 -18.90 -18.49
CA ILE A 246 -26.76 -17.61 -19.08
C ILE A 246 -27.20 -17.54 -20.52
N GLU A 247 -26.92 -18.59 -21.30
CA GLU A 247 -27.32 -18.60 -22.71
C GLU A 247 -28.83 -18.48 -22.86
N ALA A 248 -29.59 -19.19 -22.01
CA ALA A 248 -31.05 -19.09 -22.06
C ALA A 248 -31.50 -17.65 -21.87
N LYS A 249 -31.13 -17.05 -20.73
CA LYS A 249 -31.54 -15.67 -20.47
C LYS A 249 -31.00 -14.70 -21.52
N LEU A 250 -29.81 -14.98 -22.05
CA LEU A 250 -29.29 -14.14 -23.13
C LEU A 250 -30.14 -14.23 -24.38
N GLY A 251 -30.72 -15.41 -24.65
CA GLY A 251 -31.69 -15.52 -25.73
C GLY A 251 -32.99 -14.83 -25.40
N ALA A 252 -33.36 -14.79 -24.12
CA ALA A 252 -34.61 -14.18 -23.71
C ALA A 252 -34.53 -12.66 -23.67
N MET A 253 -33.36 -12.11 -23.36
CA MET A 253 -33.25 -10.67 -23.15
C MET A 253 -33.42 -9.91 -24.47
N SER A 254 -34.01 -8.72 -24.37
CA SER A 254 -34.20 -7.88 -25.54
C SER A 254 -32.86 -7.49 -26.15
N GLU A 255 -32.80 -7.49 -27.48
CA GLU A 255 -31.59 -7.09 -28.18
C GLU A 255 -31.41 -5.57 -28.23
N LYS A 256 -32.30 -4.81 -27.59
CA LYS A 256 -32.04 -3.40 -27.35
C LYS A 256 -30.97 -3.20 -26.27
N VAL A 257 -30.77 -4.21 -25.42
CA VAL A 257 -29.69 -4.19 -24.44
C VAL A 257 -28.39 -4.57 -25.16
N ASN A 258 -27.66 -3.58 -25.64
CA ASN A 258 -26.43 -3.83 -26.39
C ASN A 258 -25.49 -2.65 -26.20
N ALA A 259 -24.25 -2.85 -26.65
CA ALA A 259 -23.20 -1.82 -26.62
C ALA A 259 -22.62 -1.73 -28.03
N GLN A 260 -23.24 -0.89 -28.86
CA GLN A 260 -22.81 -0.76 -30.25
C GLN A 260 -21.57 0.13 -30.34
N ILE A 261 -20.54 -0.38 -31.00
CA ILE A 261 -19.30 0.36 -31.20
C ILE A 261 -19.52 1.36 -32.34
N GLU A 262 -19.48 2.65 -32.03
CA GLU A 262 -19.46 3.70 -33.03
C GLU A 262 -18.02 4.19 -33.17
N SER A 263 -17.44 3.98 -34.35
CA SER A 263 -16.03 4.30 -34.54
C SER A 263 -15.81 5.81 -34.39
N PHE A 264 -14.61 6.17 -33.95
CA PHE A 264 -14.30 7.52 -33.50
C PHE A 264 -13.29 8.15 -34.45
N ASP A 265 -13.72 9.20 -35.14
CA ASP A 265 -12.84 9.98 -36.01
C ASP A 265 -12.82 11.43 -35.52
N PRO A 266 -11.69 11.95 -35.02
CA PRO A 266 -11.69 13.33 -34.50
C PRO A 266 -11.94 14.39 -35.56
N ARG A 267 -11.97 14.01 -36.84
CA ARG A 267 -12.41 14.94 -37.88
C ARG A 267 -13.93 15.08 -37.88
N THR A 268 -14.64 14.05 -37.39
CA THR A 268 -16.10 14.07 -37.37
C THR A 268 -16.65 14.96 -36.26
N ILE A 269 -15.94 15.06 -35.12
CA ILE A 269 -16.56 15.51 -33.89
C ILE A 269 -16.50 17.03 -33.79
N ARG A 270 -17.37 17.58 -32.94
CA ARG A 270 -17.56 19.01 -32.82
C ARG A 270 -16.72 19.58 -31.69
N GLU A 271 -16.65 20.91 -31.66
CA GLU A 271 -16.00 21.61 -30.56
C GLU A 271 -16.94 21.67 -29.35
N LEU A 272 -16.34 21.72 -28.16
CA LEU A 272 -17.12 21.80 -26.94
C LEU A 272 -17.92 23.10 -26.91
N GLU A 273 -19.14 23.04 -26.38
CA GLU A 273 -19.98 24.20 -26.25
C GLU A 273 -19.63 24.95 -24.97
N LEU A 274 -19.24 26.23 -25.11
CA LEU A 274 -19.01 27.06 -23.94
C LEU A 274 -20.25 27.87 -23.62
N PRO A 275 -20.52 28.13 -22.34
CA PRO A 275 -21.81 28.73 -21.96
C PRO A 275 -21.90 30.20 -22.36
N GLU A 276 -23.09 30.75 -22.17
CA GLU A 276 -23.37 32.16 -22.37
C GLU A 276 -23.85 32.79 -21.07
N GLY A 277 -23.59 34.07 -20.93
CA GLY A 277 -23.98 34.79 -19.74
C GLY A 277 -23.17 36.06 -19.62
N LYS A 278 -23.29 36.69 -18.46
CA LYS A 278 -22.39 37.79 -18.16
C LYS A 278 -20.95 37.27 -18.14
N PHE A 279 -19.99 38.19 -18.25
CA PHE A 279 -18.60 37.77 -18.38
C PHE A 279 -18.05 37.31 -17.04
N CYS A 280 -17.05 36.43 -17.10
CA CYS A 280 -16.43 35.94 -15.88
C CYS A 280 -15.53 37.00 -15.27
N THR A 281 -15.65 37.20 -13.96
CA THR A 281 -14.85 38.16 -13.23
C THR A 281 -13.56 37.52 -12.76
N GLN A 282 -12.59 38.38 -12.42
CA GLN A 282 -11.44 37.95 -11.65
C GLN A 282 -11.90 37.41 -10.30
N ARG A 283 -11.28 36.32 -9.85
CA ARG A 283 -11.63 35.75 -8.55
C ARG A 283 -10.42 35.28 -7.77
N SER A 284 -9.20 35.62 -8.19
CA SER A 284 -8.03 35.31 -7.40
C SER A 284 -8.09 36.03 -6.05
N LYS A 285 -7.25 35.59 -5.12
CA LYS A 285 -7.17 36.22 -3.82
C LYS A 285 -6.28 37.46 -3.82
N PHE A 286 -5.52 37.68 -4.90
CA PHE A 286 -4.63 38.83 -5.01
C PHE A 286 -4.43 39.13 -6.50
N LEU A 287 -4.08 40.37 -6.78
CA LEU A 287 -3.87 40.78 -8.17
C LEU A 287 -2.73 39.98 -8.80
N LEU A 288 -2.85 39.74 -10.10
CA LEU A 288 -1.83 39.00 -10.84
C LEU A 288 -1.11 40.00 -11.72
N MET A 289 -1.41 40.07 -13.03
CA MET A 289 -0.68 40.96 -13.93
C MET A 289 -0.90 42.43 -13.60
N ASP A 290 -1.98 42.77 -12.89
CA ASP A 290 -2.31 44.16 -12.61
C ASP A 290 -1.67 44.68 -11.33
N ALA A 291 -0.82 43.89 -10.69
CA ALA A 291 -0.22 44.30 -9.43
C ALA A 291 0.88 45.34 -9.68
N MET A 292 1.14 46.16 -8.66
CA MET A 292 2.19 47.15 -8.70
C MET A 292 2.91 47.14 -7.36
N LYS A 293 4.24 47.29 -7.40
CA LYS A 293 5.08 47.16 -6.21
C LYS A 293 5.71 48.50 -5.84
N LEU A 294 5.64 48.83 -4.55
CA LEU A 294 6.62 49.70 -3.92
C LEU A 294 7.67 48.82 -3.27
N SER A 295 8.95 49.16 -3.46
CA SER A 295 10.02 48.31 -2.95
C SER A 295 11.17 49.14 -2.42
N VAL A 296 12.01 48.47 -1.63
CA VAL A 296 13.24 49.04 -1.09
C VAL A 296 14.36 48.04 -1.33
N LEU A 297 15.57 48.55 -1.47
CA LEU A 297 16.76 47.69 -1.53
C LEU A 297 17.10 47.25 -0.12
N ASN A 298 17.21 45.93 0.07
CA ASN A 298 17.28 45.37 1.42
C ASN A 298 18.06 44.05 1.41
N PRO A 299 19.20 43.97 2.13
CA PRO A 299 19.96 42.71 2.15
C PRO A 299 19.23 41.55 2.83
N ALA A 300 18.05 41.80 3.41
CA ALA A 300 17.36 40.77 4.15
C ALA A 300 17.07 39.56 3.28
N HIS A 301 16.93 38.41 3.93
CA HIS A 301 16.76 37.14 3.24
C HIS A 301 15.27 36.92 2.94
N GLU A 302 14.93 35.71 2.46
CA GLU A 302 13.62 35.49 1.83
C GLU A 302 12.46 35.41 2.82
N GLY A 303 12.64 35.89 4.05
CA GLY A 303 11.53 35.92 4.99
C GLY A 303 11.88 36.60 6.30
N GLU A 304 12.82 37.53 6.25
CA GLU A 304 13.37 38.15 7.45
C GLU A 304 12.85 39.58 7.60
N GLY A 305 12.81 40.05 8.84
CA GLY A 305 12.35 41.39 9.13
C GLY A 305 10.89 41.42 9.51
N ILE A 306 10.53 42.43 10.29
CA ILE A 306 9.15 42.59 10.77
C ILE A 306 8.29 43.02 9.58
N PRO A 307 7.21 42.30 9.26
CA PRO A 307 6.43 42.64 8.05
C PRO A 307 5.97 44.09 8.00
N MET A 308 5.38 44.59 9.08
CA MET A 308 4.85 45.96 9.05
C MET A 308 5.96 46.99 9.04
N LYS A 309 7.10 46.70 9.66
CA LYS A 309 8.24 47.60 9.54
C LYS A 309 8.72 47.64 8.09
N ASP A 310 8.88 46.47 7.47
CA ASP A 310 9.18 46.42 6.04
C ASP A 310 8.15 47.20 5.23
N ALA A 311 6.87 47.02 5.56
CA ALA A 311 5.80 47.68 4.81
C ALA A 311 5.95 49.19 4.88
N LYS A 312 6.08 49.74 6.09
CA LYS A 312 6.25 51.18 6.24
C LYS A 312 7.49 51.67 5.49
N ALA A 313 8.55 50.87 5.49
CA ALA A 313 9.75 51.24 4.73
C ALA A 313 9.44 51.36 3.25
N CYS A 314 8.62 50.46 2.72
CA CYS A 314 8.25 50.52 1.31
C CYS A 314 7.36 51.72 1.02
N LEU A 315 6.39 51.99 1.90
CA LEU A 315 5.55 53.17 1.73
C LEU A 315 6.40 54.44 1.68
N ASP A 316 7.38 54.57 2.58
CA ASP A 316 8.20 55.76 2.66
C ASP A 316 9.09 55.98 1.45
N THR A 317 9.02 55.12 0.44
CA THR A 317 9.70 55.40 -0.84
C THR A 317 8.83 56.18 -1.80
N PHE A 318 7.53 56.25 -1.56
CA PHE A 318 6.58 56.86 -2.48
C PHE A 318 5.97 58.09 -1.84
N TRP A 319 6.08 59.21 -2.53
CA TRP A 319 5.34 60.41 -2.23
C TRP A 319 4.44 60.71 -3.43
N GLY A 320 3.70 61.80 -3.35
CA GLY A 320 2.69 62.05 -4.36
C GLY A 320 1.42 61.27 -4.13
N TRP A 321 1.12 60.89 -2.89
CA TRP A 321 -0.20 60.41 -2.56
C TRP A 321 -1.22 61.49 -2.86
N LYS A 322 -2.50 61.10 -2.92
CA LYS A 322 -3.58 62.02 -3.19
C LYS A 322 -4.72 61.80 -2.21
N LYS A 323 -5.58 62.81 -2.10
CA LYS A 323 -6.91 62.58 -1.56
C LYS A 323 -7.62 61.53 -2.41
N ALA A 324 -8.09 60.47 -1.77
CA ALA A 324 -8.61 59.33 -2.50
C ALA A 324 -10.00 59.60 -3.05
N THR A 325 -10.25 59.10 -4.26
CA THR A 325 -11.54 59.25 -4.92
C THR A 325 -11.93 57.93 -5.57
N ILE A 326 -13.23 57.66 -5.59
CA ILE A 326 -13.77 56.45 -6.20
C ILE A 326 -13.81 56.65 -7.72
N ILE A 327 -13.15 55.77 -8.45
CA ILE A 327 -13.10 55.83 -9.91
C ILE A 327 -13.81 54.65 -10.57
N LYS A 328 -14.28 53.69 -9.79
CA LYS A 328 -14.99 52.52 -10.30
C LYS A 328 -15.67 51.83 -9.14
N LYS A 329 -16.99 51.93 -9.07
CA LYS A 329 -17.73 51.46 -7.91
C LYS A 329 -17.86 49.94 -7.94
N HIS A 330 -18.00 49.37 -6.74
CA HIS A 330 -18.45 48.00 -6.58
C HIS A 330 -19.97 48.07 -6.52
N GLU A 331 -20.62 47.80 -7.66
CA GLU A 331 -22.03 48.12 -7.82
C GLU A 331 -22.88 47.60 -6.66
N LYS A 332 -22.56 46.42 -6.15
CA LYS A 332 -23.33 45.82 -5.06
C LYS A 332 -22.87 46.26 -3.67
N GLY A 333 -21.95 47.22 -3.58
CA GLY A 333 -21.40 47.58 -2.29
C GLY A 333 -21.56 49.04 -1.91
N VAL A 334 -21.45 49.32 -0.61
CA VAL A 334 -21.46 50.69 -0.08
C VAL A 334 -20.06 51.25 -0.23
N ASN A 335 -19.80 51.96 -1.33
CA ASN A 335 -18.44 52.26 -1.74
C ASN A 335 -17.73 53.25 -0.82
N THR A 336 -18.45 54.09 -0.09
CA THR A 336 -17.78 55.01 0.83
C THR A 336 -17.20 54.28 2.03
N ASN A 337 -17.66 53.06 2.32
CA ASN A 337 -16.99 52.25 3.33
C ASN A 337 -15.60 51.85 2.86
N TYR A 338 -15.48 51.43 1.60
CA TYR A 338 -14.16 51.15 1.03
C TYR A 338 -13.25 52.36 1.13
N LEU A 339 -13.78 53.54 0.83
CA LEU A 339 -12.99 54.76 0.87
C LEU A 339 -12.51 55.04 2.29
N MET A 340 -13.40 54.90 3.28
CA MET A 340 -13.02 55.18 4.66
C MET A 340 -12.08 54.11 5.20
N ILE A 341 -12.19 52.87 4.75
CA ILE A 341 -11.30 51.80 5.21
C ILE A 341 -9.86 52.12 4.83
N TRP A 342 -9.66 52.52 3.58
CA TRP A 342 -8.31 52.89 3.12
C TRP A 342 -7.74 54.02 3.96
N GLU A 343 -8.54 55.06 4.21
CA GLU A 343 -8.06 56.19 5.00
C GLU A 343 -7.82 55.79 6.45
N GLN A 344 -8.70 54.97 7.02
CA GLN A 344 -8.48 54.45 8.37
C GLN A 344 -7.18 53.66 8.44
N LEU A 345 -7.00 52.73 7.51
CA LEU A 345 -5.78 51.93 7.47
C LEU A 345 -4.55 52.82 7.37
N LEU A 346 -4.57 53.80 6.46
CA LEU A 346 -3.39 54.61 6.22
C LEU A 346 -3.00 55.40 7.46
N GLU A 347 -3.98 55.87 8.23
CA GLU A 347 -3.68 56.64 9.43
C GLU A 347 -3.32 55.74 10.61
N SER A 348 -3.83 54.50 10.63
CA SER A 348 -3.46 53.56 11.68
C SER A 348 -2.05 53.02 11.45
N ILE A 349 -1.63 52.87 10.20
CA ILE A 349 -0.24 52.53 9.92
C ILE A 349 0.68 53.66 10.38
N LYS A 350 0.29 54.90 10.10
CA LYS A 350 1.08 56.06 10.50
C LYS A 350 1.33 56.07 12.00
N GLU A 351 0.34 55.66 12.79
CA GLU A 351 0.36 55.83 14.24
C GLU A 351 0.72 54.56 15.00
N MET A 352 1.06 53.47 14.31
CA MET A 352 1.35 52.22 15.00
C MET A 352 2.74 52.24 15.61
N GLU A 353 2.88 51.55 16.75
CA GLU A 353 4.17 51.37 17.42
C GLU A 353 4.19 49.95 17.96
N GLY A 354 4.65 49.02 17.14
CA GLY A 354 4.70 47.63 17.55
C GLY A 354 5.04 46.74 16.36
N LYS A 355 5.01 45.43 16.61
CA LYS A 355 5.24 44.46 15.56
C LYS A 355 3.99 44.21 14.73
N PHE A 356 2.81 44.29 15.33
CA PHE A 356 1.55 44.01 14.66
C PHE A 356 0.61 45.21 14.78
N LEU A 357 -0.44 45.19 13.95
CA LEU A 357 -1.39 46.28 13.85
C LEU A 357 -2.80 45.71 13.84
N ASN A 358 -3.62 46.13 14.80
CA ASN A 358 -5.01 45.72 14.90
C ASN A 358 -5.90 46.95 14.79
N LEU A 359 -6.76 46.97 13.77
CA LEU A 359 -7.63 48.13 13.53
C LEU A 359 -8.85 48.09 14.42
N LYS A 360 -9.35 49.27 14.77
CA LYS A 360 -10.57 49.38 15.54
C LYS A 360 -11.77 49.00 14.68
N LYS A 361 -12.75 48.33 15.30
CA LYS A 361 -13.92 47.82 14.60
C LYS A 361 -14.88 48.97 14.34
N THR A 362 -14.59 49.74 13.30
CA THR A 362 -15.45 50.83 12.88
C THR A 362 -16.60 50.30 12.03
N ASN A 363 -17.61 51.15 11.82
CA ASN A 363 -18.78 50.74 11.07
C ASN A 363 -18.41 50.35 9.64
N HIS A 364 -17.63 51.19 8.97
CA HIS A 364 -17.26 50.89 7.58
C HIS A 364 -16.43 49.60 7.49
N LEU A 365 -15.63 49.31 8.51
CA LEU A 365 -14.83 48.08 8.48
C LEU A 365 -15.67 46.87 8.90
N LYS A 366 -16.50 47.01 9.93
CA LYS A 366 -17.43 45.95 10.27
C LYS A 366 -18.22 45.50 9.05
N TRP A 367 -18.69 46.46 8.24
CA TRP A 367 -19.44 46.12 7.04
C TRP A 367 -18.58 45.33 6.06
N GLY A 368 -17.40 45.86 5.73
CA GLY A 368 -16.54 45.21 4.76
C GLY A 368 -16.10 43.82 5.14
N LEU A 369 -16.13 43.50 6.45
CA LEU A 369 -15.72 42.19 6.93
C LEU A 369 -16.90 41.35 7.40
N GLY A 370 -18.12 41.74 7.05
CA GLY A 370 -19.29 40.92 7.35
C GLY A 370 -19.53 40.69 8.82
N GLU A 371 -19.20 41.66 9.67
CA GLU A 371 -19.49 41.52 11.09
C GLU A 371 -20.99 41.39 11.31
N GLY A 372 -21.38 40.37 12.09
CA GLY A 372 -22.77 40.19 12.47
C GLY A 372 -23.68 39.63 11.39
N GLN A 373 -23.17 39.41 10.18
CA GLN A 373 -24.03 39.00 9.07
C GLN A 373 -24.57 37.58 9.20
N ALA A 374 -24.03 36.77 10.10
CA ALA A 374 -24.60 35.44 10.31
C ALA A 374 -25.98 35.56 10.94
N PRO A 375 -27.02 34.97 10.35
CA PRO A 375 -28.31 34.93 11.02
C PRO A 375 -28.18 34.27 12.39
N GLU A 376 -28.95 34.76 13.35
CA GLU A 376 -28.87 34.21 14.69
C GLU A 376 -29.57 32.86 14.76
N LYS A 377 -28.93 31.91 15.42
CA LYS A 377 -29.40 30.53 15.43
C LYS A 377 -30.46 30.33 16.51
N MET A 378 -31.62 29.85 16.11
CA MET A 378 -32.72 29.55 17.01
C MET A 378 -33.12 28.09 16.88
N ASP A 379 -33.78 27.59 17.92
CA ASP A 379 -34.44 26.29 17.83
C ASP A 379 -35.61 26.37 16.86
N PHE A 380 -35.92 25.23 16.23
CA PHE A 380 -36.97 25.23 15.21
C PHE A 380 -38.35 25.51 15.80
N GLU A 381 -38.58 25.08 17.04
CA GLU A 381 -39.87 25.37 17.69
C GLU A 381 -40.14 26.87 17.72
N ASP A 382 -39.11 27.67 18.02
CA ASP A 382 -39.30 29.10 18.23
C ASP A 382 -39.48 29.89 16.93
N CYS A 383 -39.14 29.31 15.79
CA CYS A 383 -39.28 30.01 14.51
C CYS A 383 -40.02 29.17 13.47
N LYS A 384 -40.69 28.10 13.90
CA LYS A 384 -41.38 27.22 12.97
C LYS A 384 -42.30 27.97 12.02
N GLU A 385 -43.03 28.96 12.53
CA GLU A 385 -44.16 29.55 11.81
C GLU A 385 -43.79 30.78 10.99
N VAL A 386 -42.51 31.14 10.91
CA VAL A 386 -42.16 32.33 10.12
C VAL A 386 -42.51 32.09 8.66
N PRO A 387 -43.15 33.03 7.97
CA PRO A 387 -43.52 32.79 6.55
C PRO A 387 -42.34 32.43 5.66
N ASP A 388 -41.33 33.29 5.60
CA ASP A 388 -40.26 33.16 4.61
C ASP A 388 -39.11 32.27 5.08
N LEU A 389 -39.36 31.39 6.04
CA LEU A 389 -38.35 30.40 6.43
C LEU A 389 -38.24 29.36 5.32
N PHE A 390 -37.14 29.40 4.58
CA PHE A 390 -36.89 28.47 3.48
C PHE A 390 -35.56 27.77 3.70
N GLN A 391 -35.31 26.75 2.90
CA GLN A 391 -34.00 26.08 2.92
C GLN A 391 -33.02 26.90 2.10
N TYR A 392 -31.77 26.96 2.58
CA TYR A 392 -30.74 27.77 1.96
C TYR A 392 -30.75 27.60 0.44
N LYS A 393 -30.50 28.70 -0.27
CA LYS A 393 -30.34 28.64 -1.71
C LYS A 393 -29.36 27.54 -2.08
N SER A 394 -29.80 26.65 -2.97
CA SER A 394 -28.98 25.50 -3.36
C SER A 394 -29.05 25.26 -4.87
N GLU A 395 -29.20 26.32 -5.64
CA GLU A 395 -29.21 26.20 -7.09
C GLU A 395 -27.81 25.91 -7.61
N PRO A 396 -27.69 25.45 -8.86
CA PRO A 396 -26.37 25.39 -9.49
C PRO A 396 -25.84 26.78 -9.76
N PRO A 397 -24.52 26.94 -9.88
CA PRO A 397 -23.98 28.29 -10.07
C PRO A 397 -24.46 28.92 -11.37
N GLU A 398 -24.60 30.23 -11.35
CA GLU A 398 -24.94 30.96 -12.57
C GLU A 398 -23.83 30.82 -13.60
N LYS A 399 -24.23 30.69 -14.86
CA LYS A 399 -23.26 30.54 -15.93
C LYS A 399 -22.59 31.88 -16.23
N ARG A 400 -21.43 31.80 -16.90
CA ARG A 400 -20.66 32.99 -17.23
C ARG A 400 -19.94 32.74 -18.55
N LYS A 401 -19.59 33.83 -19.24
CA LYS A 401 -18.98 33.75 -20.55
C LYS A 401 -17.47 33.97 -20.45
N LEU A 402 -16.73 33.28 -21.31
CA LEU A 402 -15.28 33.45 -21.38
C LEU A 402 -14.93 34.89 -21.74
N ALA A 403 -13.88 35.41 -21.11
CA ALA A 403 -13.45 36.79 -21.33
C ALA A 403 -11.96 36.83 -21.68
N SER A 404 -11.56 37.95 -22.28
CA SER A 404 -10.20 38.10 -22.77
C SER A 404 -9.16 37.92 -21.66
N TRP A 405 -9.46 38.42 -20.46
CA TRP A 405 -8.42 38.69 -19.49
C TRP A 405 -7.70 37.43 -19.01
N ILE A 406 -8.41 36.30 -18.93
CA ILE A 406 -7.79 35.11 -18.35
C ILE A 406 -6.73 34.54 -19.29
N GLN A 407 -6.94 34.61 -20.61
CA GLN A 407 -5.88 34.20 -21.53
C GLN A 407 -4.70 35.17 -21.45
N SER A 408 -4.98 36.47 -21.31
CA SER A 408 -3.91 37.45 -21.16
C SER A 408 -3.11 37.16 -19.89
N GLU A 409 -3.82 36.94 -18.77
CA GLU A 409 -3.16 36.62 -17.51
C GLU A 409 -2.18 35.46 -17.68
N PHE A 410 -2.60 34.42 -18.39
CA PHE A 410 -1.76 33.24 -18.52
C PHE A 410 -0.52 33.51 -19.35
N ASN A 411 -0.66 34.33 -20.41
CA ASN A 411 0.51 34.71 -21.19
C ASN A 411 1.56 35.40 -20.32
N LYS A 412 1.11 36.28 -19.42
CA LYS A 412 2.04 37.00 -18.56
C LYS A 412 2.64 36.08 -17.50
N ALA A 413 1.88 35.10 -17.02
CA ALA A 413 2.41 34.15 -16.05
C ALA A 413 3.51 33.27 -16.64
N SER A 414 3.51 33.08 -17.96
CA SER A 414 4.48 32.21 -18.62
C SER A 414 5.79 32.93 -18.95
N GLU A 415 5.89 34.22 -18.66
CA GLU A 415 7.04 35.00 -19.10
C GLU A 415 8.17 34.94 -18.09
N LEU A 416 9.36 35.33 -18.55
CA LEU A 416 10.49 35.54 -17.67
C LEU A 416 10.44 36.94 -17.06
N THR A 417 11.09 37.08 -15.91
CA THR A 417 11.19 38.35 -15.21
C THR A 417 12.65 38.63 -14.91
N ASN A 418 12.90 39.80 -14.31
CA ASN A 418 14.25 40.24 -13.99
C ASN A 418 14.68 39.87 -12.57
N SER A 419 13.85 39.11 -11.85
CA SER A 419 14.09 38.83 -10.44
C SER A 419 13.97 37.34 -10.17
N ASN A 420 14.76 36.86 -9.21
CA ASN A 420 14.66 35.49 -8.71
C ASN A 420 13.67 35.49 -7.55
N TRP A 421 12.52 34.86 -7.76
CA TRP A 421 11.44 34.92 -6.78
C TRP A 421 11.50 33.82 -5.73
N ILE A 422 12.17 32.72 -6.01
CA ILE A 422 12.20 31.55 -5.13
C ILE A 422 13.64 31.25 -4.76
N GLU A 423 13.92 31.28 -3.47
CA GLU A 423 15.20 30.82 -2.92
C GLU A 423 15.04 29.39 -2.43
N PHE A 424 16.04 28.56 -2.71
CA PHE A 424 15.99 27.14 -2.37
C PHE A 424 16.92 26.84 -1.19
N ASP A 425 16.43 26.01 -0.27
CA ASP A 425 17.23 25.59 0.87
C ASP A 425 18.34 24.64 0.42
N GLU A 426 19.26 24.37 1.34
CA GLU A 426 20.49 23.66 0.99
C GLU A 426 20.27 22.16 0.91
N LEU A 427 21.07 21.52 0.05
CA LEU A 427 21.17 20.07 -0.04
C LEU A 427 22.45 19.59 0.60
N GLY A 428 22.50 18.30 0.90
CA GLY A 428 23.76 17.66 1.18
C GLY A 428 24.68 17.69 -0.02
N ASN A 429 25.98 17.62 0.25
CA ASN A 429 26.97 17.64 -0.82
C ASN A 429 26.68 16.54 -1.84
N ASP A 430 27.03 16.82 -3.10
CA ASP A 430 26.98 15.79 -4.12
C ASP A 430 28.16 14.84 -3.97
N VAL A 431 27.90 13.56 -4.17
CA VAL A 431 28.94 12.55 -4.10
C VAL A 431 28.81 11.63 -5.31
N ALA A 432 27.63 11.03 -5.48
CA ALA A 432 27.42 10.16 -6.62
C ALA A 432 27.52 10.96 -7.92
N PRO A 433 28.14 10.40 -8.96
CA PRO A 433 28.13 11.10 -10.26
C PRO A 433 26.74 11.55 -10.69
N ILE A 434 25.72 10.71 -10.48
CA ILE A 434 24.37 11.09 -10.88
C ILE A 434 23.90 12.31 -10.11
N GLU A 435 24.42 12.50 -8.89
CA GLU A 435 24.06 13.69 -8.12
C GLU A 435 24.71 14.94 -8.73
N HIS A 436 25.95 14.81 -9.21
CA HIS A 436 26.57 15.91 -9.95
C HIS A 436 25.77 16.22 -11.21
N ILE A 437 25.37 15.17 -11.95
CA ILE A 437 24.52 15.38 -13.12
C ILE A 437 23.24 16.09 -12.72
N ALA A 438 22.61 15.61 -11.65
CA ALA A 438 21.35 16.20 -11.20
C ALA A 438 21.51 17.69 -10.92
N SER A 439 22.60 18.07 -10.24
CA SER A 439 22.78 19.47 -9.88
C SER A 439 23.04 20.34 -11.10
N ARG A 440 23.72 19.79 -12.12
CA ARG A 440 23.87 20.51 -13.37
C ARG A 440 22.51 20.81 -13.99
N ARG A 441 21.66 19.79 -14.11
CA ARG A 441 20.32 19.97 -14.64
C ARG A 441 19.49 20.86 -13.72
N ARG A 442 19.67 20.71 -12.40
CA ARG A 442 18.93 21.52 -11.45
C ARG A 442 19.29 23.00 -11.57
N ASN A 443 20.48 23.30 -12.07
CA ASN A 443 20.86 24.69 -12.31
C ASN A 443 19.98 25.32 -13.38
N PHE A 444 19.81 24.63 -14.51
CA PHE A 444 18.91 25.13 -15.56
C PHE A 444 17.49 25.27 -15.02
N PHE A 445 16.99 24.23 -14.35
CA PHE A 445 15.64 24.28 -13.80
C PHE A 445 15.48 25.46 -12.86
N THR A 446 16.44 25.66 -11.95
CA THR A 446 16.27 26.64 -10.89
C THR A 446 16.08 28.05 -11.45
N ALA A 447 16.98 28.47 -12.34
CA ALA A 447 16.88 29.81 -12.92
C ALA A 447 15.62 29.96 -13.75
N GLU A 448 15.33 28.96 -14.60
CA GLU A 448 14.15 29.04 -15.46
C GLU A 448 12.88 29.22 -14.64
N VAL A 449 12.81 28.55 -13.49
CA VAL A 449 11.60 28.54 -12.68
C VAL A 449 11.57 29.70 -11.70
N SER A 450 12.70 30.02 -11.10
CA SER A 450 12.76 31.10 -10.11
C SER A 450 12.41 32.44 -10.74
N GLN A 451 12.79 32.64 -11.99
CA GLN A 451 12.59 33.92 -12.68
C GLN A 451 11.27 33.99 -13.43
N CYS A 452 10.52 32.89 -13.49
CA CYS A 452 9.22 32.91 -14.16
C CYS A 452 8.21 33.71 -13.36
N ARG A 453 7.33 34.41 -14.05
CA ARG A 453 6.31 35.22 -13.41
C ARG A 453 5.41 34.41 -12.50
N ALA A 454 5.10 33.19 -12.90
CA ALA A 454 4.23 32.34 -12.08
C ALA A 454 4.84 32.08 -10.71
N SER A 455 6.18 32.07 -10.61
CA SER A 455 6.81 31.88 -9.30
C SER A 455 6.59 33.07 -8.39
N GLU A 456 6.53 34.28 -8.94
CA GLU A 456 6.12 35.43 -8.13
C GLU A 456 4.74 35.20 -7.54
N TYR A 457 3.81 34.70 -8.35
CA TYR A 457 2.46 34.42 -7.85
C TYR A 457 2.51 33.35 -6.77
N ILE A 458 3.31 32.30 -6.97
CA ILE A 458 3.52 31.30 -5.93
C ILE A 458 3.88 31.96 -4.61
N MET A 459 4.90 32.83 -4.63
CA MET A 459 5.40 33.40 -3.38
C MET A 459 4.40 34.36 -2.76
N LYS A 460 3.67 35.12 -3.59
CA LYS A 460 2.55 35.89 -3.06
C LYS A 460 1.55 34.98 -2.38
N ALA A 461 1.19 33.88 -3.04
CA ALA A 461 0.23 32.94 -2.45
C ALA A 461 0.76 32.35 -1.14
N VAL A 462 2.01 31.88 -1.14
CA VAL A 462 2.56 31.24 0.05
C VAL A 462 2.61 32.23 1.21
N TYR A 463 3.00 33.47 0.93
CA TYR A 463 3.07 34.47 2.01
C TYR A 463 1.69 34.80 2.53
N ILE A 464 0.76 35.15 1.64
CA ILE A 464 -0.57 35.59 2.07
C ILE A 464 -1.26 34.49 2.86
N ASN A 465 -1.29 33.28 2.31
CA ASN A 465 -2.01 32.19 2.98
C ASN A 465 -1.34 31.78 4.28
N THR A 466 0.00 31.85 4.36
CA THR A 466 0.68 31.57 5.61
C THR A 466 0.34 32.62 6.66
N ALA A 467 0.37 33.91 6.28
CA ALA A 467 0.07 34.97 7.23
C ALA A 467 -1.39 34.92 7.65
N LEU A 468 -2.31 34.65 6.72
CA LEU A 468 -3.72 34.59 7.07
C LEU A 468 -4.01 33.43 8.01
N LEU A 469 -3.48 32.25 7.70
CA LEU A 469 -3.72 31.09 8.56
C LEU A 469 -3.24 31.35 9.97
N ASN A 470 -2.01 31.87 10.11
CA ASN A 470 -1.44 32.09 11.44
C ASN A 470 -2.23 33.15 12.20
N SER A 471 -2.51 34.28 11.58
CA SER A 471 -3.32 35.31 12.23
C SER A 471 -4.73 34.80 12.50
N SER A 472 -5.32 34.07 11.54
CA SER A 472 -6.63 33.50 11.76
C SER A 472 -6.67 32.66 13.03
N CYS A 473 -5.57 31.94 13.32
CA CYS A 473 -5.55 31.04 14.45
C CYS A 473 -5.26 31.77 15.76
N THR A 474 -4.37 32.76 15.73
CA THR A 474 -3.89 33.40 16.95
C THR A 474 -4.65 34.67 17.32
N ALA A 475 -5.15 35.42 16.34
CA ALA A 475 -5.85 36.68 16.57
C ALA A 475 -7.27 36.54 16.03
N MET A 476 -8.07 35.70 16.69
CA MET A 476 -9.39 35.37 16.16
C MET A 476 -10.37 36.54 16.23
N GLU A 477 -10.25 37.39 17.25
CA GLU A 477 -11.18 38.49 17.45
C GLU A 477 -10.67 39.81 16.91
N GLU A 478 -9.44 39.87 16.41
CA GLU A 478 -8.82 41.13 15.98
C GLU A 478 -8.95 41.30 14.47
N TYR A 479 -9.20 42.54 14.06
CA TYR A 479 -9.03 42.94 12.66
C TYR A 479 -7.55 43.23 12.46
N GLN A 480 -6.81 42.24 12.00
CA GLN A 480 -5.35 42.31 11.94
C GLN A 480 -4.90 42.65 10.53
N VAL A 481 -3.96 43.58 10.42
CA VAL A 481 -3.42 44.00 9.13
C VAL A 481 -2.30 43.05 8.73
N ILE A 482 -2.31 42.64 7.47
CA ILE A 482 -1.27 41.80 6.90
C ILE A 482 -0.75 42.49 5.64
N PRO A 483 0.49 42.97 5.62
CA PRO A 483 1.02 43.55 4.39
C PRO A 483 1.35 42.46 3.39
N ILE A 484 1.18 42.78 2.11
CA ILE A 484 1.46 41.85 1.03
C ILE A 484 2.92 42.08 0.63
N ILE A 485 3.80 41.16 1.06
CA ILE A 485 5.23 41.32 0.87
C ILE A 485 5.78 40.15 0.05
N THR A 486 6.81 40.46 -0.74
CA THR A 486 7.70 39.44 -1.27
C THR A 486 9.13 39.94 -1.21
N LYS A 487 10.07 39.02 -1.06
CA LYS A 487 11.49 39.31 -1.15
C LYS A 487 12.02 38.64 -2.42
N CYS A 488 12.94 39.30 -3.11
CA CYS A 488 13.49 38.72 -4.32
C CYS A 488 14.91 39.23 -4.53
N ARG A 489 15.60 38.56 -5.45
CA ARG A 489 16.97 38.89 -5.83
C ARG A 489 16.97 39.21 -7.32
N ASP A 490 17.41 40.42 -7.67
CA ASP A 490 17.51 40.78 -9.07
C ASP A 490 18.52 39.89 -9.78
N THR A 491 18.47 39.91 -11.11
CA THR A 491 19.53 39.29 -11.88
C THR A 491 20.85 40.04 -11.71
N SER A 492 20.80 41.29 -11.25
CA SER A 492 22.00 42.03 -10.88
C SER A 492 22.55 41.62 -9.54
N GLY A 493 21.81 40.84 -8.75
CA GLY A 493 22.23 40.39 -7.45
C GLY A 493 21.65 41.16 -6.28
N GLN A 494 21.01 42.30 -6.54
CA GLN A 494 20.44 43.11 -5.47
C GLN A 494 19.25 42.40 -4.84
N ARG A 495 19.26 42.31 -3.51
CA ARG A 495 18.10 41.82 -2.77
C ARG A 495 17.15 42.98 -2.50
N ARG A 496 15.85 42.65 -2.41
CA ARG A 496 14.82 43.67 -2.50
C ARG A 496 13.57 43.20 -1.78
N THR A 497 12.89 44.13 -1.12
CA THR A 497 11.63 43.88 -0.43
C THR A 497 10.51 44.63 -1.13
N ASN A 498 9.44 43.93 -1.48
CA ASN A 498 8.36 44.47 -2.28
C ASN A 498 7.08 44.54 -1.45
N LEU A 499 6.28 45.59 -1.68
CA LEU A 499 5.00 45.78 -1.03
C LEU A 499 3.93 45.96 -2.09
N TYR A 500 2.98 45.01 -2.16
CA TYR A 500 1.91 45.07 -3.14
C TYR A 500 0.65 45.76 -2.61
N GLY A 501 0.47 45.80 -1.30
CA GLY A 501 -0.79 46.27 -0.74
C GLY A 501 -0.94 45.76 0.69
N PHE A 502 -2.19 45.63 1.11
CA PHE A 502 -2.50 45.21 2.47
C PHE A 502 -3.73 44.32 2.46
N ILE A 503 -3.86 43.53 3.52
CA ILE A 503 -5.00 42.66 3.75
C ILE A 503 -5.46 42.88 5.19
N ILE A 504 -6.76 43.07 5.39
CA ILE A 504 -7.35 43.23 6.71
C ILE A 504 -8.14 41.97 7.01
N LYS A 505 -7.66 41.20 7.98
CA LYS A 505 -8.33 39.96 8.36
C LYS A 505 -9.51 40.28 9.26
N GLY A 506 -10.65 39.67 8.98
CA GLY A 506 -11.81 39.77 9.85
C GLY A 506 -11.67 38.84 11.04
N ARG A 507 -12.79 38.61 11.72
CA ARG A 507 -12.82 37.57 12.72
C ARG A 507 -12.60 36.21 12.07
N SER A 508 -12.06 35.28 12.83
CA SER A 508 -11.57 34.03 12.26
C SER A 508 -11.74 32.87 13.24
N HIS A 509 -12.97 32.67 13.72
CA HIS A 509 -13.30 31.53 14.58
C HIS A 509 -13.55 30.30 13.69
N LEU A 510 -12.50 29.89 13.00
CA LEU A 510 -12.62 28.83 12.00
C LEU A 510 -12.64 27.47 12.68
N ARG A 511 -13.76 26.76 12.53
CA ARG A 511 -13.92 25.43 13.10
C ARG A 511 -13.84 24.38 12.00
N ASN A 512 -14.89 24.26 11.19
CA ASN A 512 -14.84 23.37 10.04
C ASN A 512 -13.81 23.87 9.03
N ASP A 513 -13.25 22.93 8.26
CA ASP A 513 -12.21 23.27 7.30
C ASP A 513 -12.71 24.16 6.17
N THR A 514 -14.03 24.26 5.98
CA THR A 514 -14.60 25.14 4.98
C THR A 514 -15.01 26.51 5.53
N ASP A 515 -15.01 26.67 6.85
CA ASP A 515 -15.42 27.95 7.44
C ASP A 515 -14.62 29.09 6.82
N VAL A 516 -15.25 30.25 6.76
CA VAL A 516 -14.73 31.38 5.99
C VAL A 516 -14.14 32.42 6.93
N VAL A 517 -12.98 32.94 6.55
CA VAL A 517 -12.48 34.21 7.06
C VAL A 517 -12.81 35.27 6.02
N ASN A 518 -13.48 36.33 6.43
CA ASN A 518 -13.63 37.49 5.57
C ASN A 518 -12.39 38.36 5.70
N PHE A 519 -11.91 38.88 4.57
CA PHE A 519 -10.82 39.83 4.60
C PHE A 519 -11.00 40.84 3.48
N ILE A 520 -10.31 41.97 3.62
CA ILE A 520 -10.31 43.03 2.64
C ILE A 520 -8.89 43.14 2.08
N SER A 521 -8.79 43.19 0.76
CA SER A 521 -7.50 43.29 0.07
C SER A 521 -7.42 44.66 -0.59
N LEU A 522 -6.37 45.42 -0.25
CA LEU A 522 -6.15 46.76 -0.79
C LEU A 522 -4.83 46.74 -1.55
N GLU A 523 -4.89 46.75 -2.88
CA GLU A 523 -3.76 46.40 -3.73
C GLU A 523 -3.49 47.50 -4.74
N PHE A 524 -2.23 47.94 -4.81
CA PHE A 524 -1.80 48.93 -5.78
C PHE A 524 -1.96 48.40 -7.20
N SER A 525 -2.04 49.34 -8.15
CA SER A 525 -2.11 48.99 -9.56
C SER A 525 -2.03 50.25 -10.40
N LEU A 526 -1.42 50.13 -11.57
CA LEU A 526 -1.47 51.16 -12.60
C LEU A 526 -2.55 50.87 -13.64
N THR A 527 -3.22 49.72 -13.53
CA THR A 527 -4.24 49.34 -14.49
C THR A 527 -5.49 50.18 -14.32
N ASP A 528 -5.94 50.80 -15.40
CA ASP A 528 -7.22 51.50 -15.40
C ASP A 528 -8.35 50.48 -15.43
N PRO A 529 -9.19 50.41 -14.39
CA PRO A 529 -10.24 49.38 -14.39
C PRO A 529 -11.31 49.61 -15.45
N ARG A 530 -11.52 50.85 -15.87
CA ARG A 530 -12.59 51.16 -16.82
C ARG A 530 -12.33 50.55 -18.19
N ASN A 531 -11.08 50.24 -18.52
CA ASN A 531 -10.77 49.62 -19.81
C ASN A 531 -11.22 48.16 -19.89
N GLU A 532 -11.60 47.57 -18.76
CA GLU A 532 -12.04 46.17 -18.74
C GLU A 532 -12.91 45.97 -17.51
N ILE A 533 -14.05 46.67 -17.47
CA ILE A 533 -14.81 46.80 -16.24
C ILE A 533 -15.42 45.46 -15.83
N HIS A 534 -15.67 44.57 -16.79
CA HIS A 534 -16.23 43.26 -16.45
C HIS A 534 -15.25 42.40 -15.67
N LYS A 535 -13.95 42.71 -15.74
CA LYS A 535 -12.97 41.95 -14.97
C LYS A 535 -13.03 42.25 -13.48
N TRP A 536 -13.60 43.39 -13.08
CA TRP A 536 -13.47 43.91 -11.73
C TRP A 536 -14.82 44.00 -11.01
N GLU A 537 -15.77 43.13 -11.37
CA GLU A 537 -17.11 43.17 -10.79
C GLU A 537 -17.08 43.33 -9.27
N LYS A 538 -16.19 42.59 -8.59
CA LYS A 538 -16.20 42.53 -7.14
C LYS A 538 -15.40 43.66 -6.49
N TYR A 539 -14.66 44.44 -7.26
CA TYR A 539 -13.76 45.43 -6.70
C TYR A 539 -14.41 46.81 -6.62
N CYS A 540 -13.91 47.62 -5.70
CA CYS A 540 -14.10 49.06 -5.70
C CYS A 540 -12.73 49.70 -5.88
N VAL A 541 -12.48 50.28 -7.05
CA VAL A 541 -11.16 50.80 -7.39
C VAL A 541 -11.09 52.28 -7.03
N LEU A 542 -10.09 52.64 -6.24
CA LEU A 542 -9.83 54.01 -5.87
C LEU A 542 -8.66 54.56 -6.68
N GLU A 543 -8.59 55.89 -6.75
CA GLU A 543 -7.40 56.59 -7.24
C GLU A 543 -6.78 57.29 -6.04
N ILE A 544 -5.52 56.98 -5.74
CA ILE A 544 -4.91 57.34 -4.47
C ILE A 544 -3.63 58.15 -4.63
N GLY A 545 -3.15 58.36 -5.84
CA GLY A 545 -1.94 59.14 -5.99
C GLY A 545 -1.49 59.23 -7.43
N ASP A 546 -0.36 59.89 -7.62
CA ASP A 546 0.29 60.04 -8.92
C ASP A 546 1.77 59.71 -8.79
N MET A 547 2.32 59.06 -9.81
CA MET A 547 3.68 58.55 -9.76
C MET A 547 4.45 59.01 -10.98
N GLU A 548 5.67 59.50 -10.76
CA GLU A 548 6.59 59.82 -11.85
C GLU A 548 7.43 58.59 -12.15
N ILE A 549 7.40 58.15 -13.40
CA ILE A 549 7.99 56.87 -13.81
C ILE A 549 9.06 57.13 -14.85
N ARG A 550 10.21 56.49 -14.68
CA ARG A 550 11.28 56.56 -15.67
C ARG A 550 10.92 55.74 -16.92
N THR A 551 11.47 56.16 -18.05
CA THR A 551 11.46 55.34 -19.26
C THR A 551 12.86 55.33 -19.86
N SER A 552 12.96 55.19 -21.17
CA SER A 552 14.27 55.26 -21.82
C SER A 552 14.90 56.63 -21.61
N ILE A 553 14.25 57.69 -22.14
CA ILE A 553 14.74 59.05 -21.95
C ILE A 553 13.55 59.99 -21.80
N SER A 554 12.68 59.70 -20.82
CA SER A 554 11.55 60.58 -20.54
C SER A 554 10.85 60.11 -19.27
N THR A 555 10.35 61.06 -18.49
CA THR A 555 9.60 60.77 -17.27
C THR A 555 8.11 60.84 -17.59
N ILE A 556 7.38 59.80 -17.22
CA ILE A 556 5.94 59.70 -17.47
C ILE A 556 5.19 59.90 -16.15
N MET A 557 3.99 60.45 -16.25
CA MET A 557 3.14 60.73 -15.09
C MET A 557 1.91 59.85 -15.19
N LYS A 558 1.83 58.84 -14.31
CA LYS A 558 0.73 57.89 -14.30
C LYS A 558 -0.03 57.95 -12.99
N PRO A 559 -1.35 57.76 -13.01
CA PRO A 559 -2.11 57.72 -11.76
C PRO A 559 -2.04 56.36 -11.10
N VAL A 560 -2.06 56.37 -9.77
CA VAL A 560 -1.91 55.17 -8.95
C VAL A 560 -3.29 54.79 -8.43
N TYR A 561 -3.72 53.56 -8.74
CA TYR A 561 -5.00 53.06 -8.29
C TYR A 561 -4.83 52.12 -7.10
N LEU A 562 -5.95 51.86 -6.42
CA LEU A 562 -6.00 50.93 -5.30
C LEU A 562 -7.20 50.03 -5.51
N TYR A 563 -6.94 48.79 -5.94
CA TYR A 563 -8.02 47.82 -6.11
C TYR A 563 -8.42 47.27 -4.75
N VAL A 564 -9.66 47.53 -4.36
CA VAL A 564 -10.17 47.20 -3.04
C VAL A 564 -11.34 46.24 -3.21
N ARG A 565 -11.38 45.21 -2.37
CA ARG A 565 -12.49 44.28 -2.42
C ARG A 565 -12.57 43.52 -1.10
N THR A 566 -13.78 43.08 -0.78
CA THR A 566 -13.99 42.10 0.27
C THR A 566 -13.84 40.72 -0.32
N ASN A 567 -13.29 39.80 0.47
CA ASN A 567 -12.99 38.46 -0.02
C ASN A 567 -12.97 37.50 1.16
N GLY A 568 -12.86 36.22 0.85
CA GLY A 568 -12.87 35.19 1.87
C GLY A 568 -12.00 34.01 1.49
N THR A 569 -11.66 33.22 2.51
CA THR A 569 -10.94 31.97 2.30
C THR A 569 -11.21 31.06 3.50
N SER A 570 -10.62 29.87 3.46
CA SER A 570 -10.88 28.84 4.46
C SER A 570 -9.57 28.19 4.85
N LYS A 571 -9.62 27.39 5.93
CA LYS A 571 -8.43 26.68 6.37
C LYS A 571 -7.91 25.74 5.29
N ILE A 572 -8.81 25.04 4.60
CA ILE A 572 -8.36 24.11 3.58
C ILE A 572 -7.75 24.85 2.39
N LYS A 573 -8.34 25.98 2.00
CA LYS A 573 -7.80 26.74 0.88
C LYS A 573 -6.49 27.41 1.27
N MET A 574 -6.40 27.93 2.49
CA MET A 574 -5.14 28.50 2.96
C MET A 574 -4.06 27.43 3.02
N LYS A 575 -4.40 26.24 3.52
CA LYS A 575 -3.43 25.15 3.59
C LYS A 575 -2.83 24.85 2.22
N TRP A 576 -3.69 24.76 1.19
CA TRP A 576 -3.20 24.43 -0.14
C TRP A 576 -2.47 25.59 -0.79
N GLY A 577 -2.80 26.83 -0.42
CA GLY A 577 -2.02 27.95 -0.89
C GLY A 577 -0.63 27.98 -0.29
N MET A 578 -0.53 27.65 1.00
CA MET A 578 0.77 27.55 1.65
C MET A 578 1.68 26.51 0.99
N GLU A 579 1.10 25.55 0.27
CA GLU A 579 1.85 24.48 -0.35
C GLU A 579 2.04 24.68 -1.85
N MET A 580 1.85 25.89 -2.36
CA MET A 580 1.83 26.09 -3.81
C MET A 580 3.20 25.87 -4.46
N ARG A 581 4.27 25.71 -3.69
CA ARG A 581 5.56 25.45 -4.30
C ARG A 581 5.61 24.10 -5.00
N ARG A 582 4.73 23.16 -4.66
CA ARG A 582 4.75 21.87 -5.34
C ARG A 582 4.39 22.00 -6.80
N CYS A 583 3.81 23.14 -7.22
CA CYS A 583 3.63 23.39 -8.65
C CYS A 583 4.95 23.30 -9.39
N LEU A 584 6.04 23.76 -8.75
CA LEU A 584 7.36 23.60 -9.34
C LEU A 584 7.62 22.16 -9.74
N LEU A 585 7.21 21.21 -8.90
CA LEU A 585 7.48 19.80 -9.16
C LEU A 585 6.67 19.29 -10.34
N GLN A 586 5.43 19.75 -10.49
CA GLN A 586 4.59 19.24 -11.57
C GLN A 586 5.19 19.58 -12.92
N SER A 587 5.60 20.83 -13.12
CA SER A 587 6.21 21.22 -14.38
C SER A 587 7.55 20.52 -14.59
N LEU A 588 8.40 20.56 -13.58
CA LEU A 588 9.80 20.20 -13.79
C LEU A 588 10.00 18.71 -14.07
N GLN A 589 9.24 17.85 -13.41
CA GLN A 589 9.42 16.43 -13.70
C GLN A 589 8.84 16.04 -15.04
N GLN A 590 7.84 16.79 -15.54
CA GLN A 590 7.41 16.61 -16.93
C GLN A 590 8.52 17.04 -17.88
N VAL A 591 9.14 18.18 -17.61
CA VAL A 591 10.28 18.63 -18.41
C VAL A 591 11.42 17.63 -18.34
N GLU A 592 11.77 17.20 -17.12
CA GLU A 592 12.90 16.30 -16.96
C GLU A 592 12.66 14.95 -17.63
N SER A 593 11.41 14.48 -17.64
CA SER A 593 11.11 13.23 -18.33
C SER A 593 11.28 13.40 -19.84
N MET A 594 10.99 14.58 -20.37
CA MET A 594 11.21 14.85 -21.79
C MET A 594 12.71 14.86 -22.10
N ILE A 595 13.50 15.55 -21.27
CA ILE A 595 14.95 15.53 -21.45
C ILE A 595 15.49 14.12 -21.31
N GLU A 596 14.98 13.36 -20.34
CA GLU A 596 15.50 12.01 -20.12
C GLU A 596 15.09 11.06 -21.23
N ALA A 597 13.92 11.26 -21.83
CA ALA A 597 13.47 10.37 -22.89
C ALA A 597 14.40 10.43 -24.10
N GLU A 598 14.79 11.64 -24.50
CA GLU A 598 15.78 11.77 -25.57
C GLU A 598 17.15 11.25 -25.13
N SER A 599 17.55 11.55 -23.89
CA SER A 599 18.84 11.08 -23.39
C SER A 599 18.96 9.57 -23.51
N ALA A 600 17.85 8.85 -23.30
CA ALA A 600 17.87 7.41 -23.47
C ALA A 600 18.17 7.04 -24.92
N VAL A 601 17.46 7.65 -25.86
CA VAL A 601 17.66 7.35 -27.28
C VAL A 601 19.03 7.86 -27.73
N LYS A 602 19.35 9.11 -27.40
CA LYS A 602 20.64 9.67 -27.76
C LYS A 602 21.79 9.09 -26.93
N GLU A 603 21.48 8.40 -25.83
CA GLU A 603 22.49 7.77 -24.98
C GLU A 603 23.52 8.79 -24.49
N LYS A 604 23.07 10.01 -24.22
CA LYS A 604 23.90 11.04 -23.62
C LYS A 604 22.99 12.01 -22.89
N ASP A 605 23.55 12.71 -21.91
CA ASP A 605 22.79 13.70 -21.14
C ASP A 605 22.41 14.85 -22.05
N MET A 606 21.15 14.88 -22.48
CA MET A 606 20.66 15.92 -23.38
C MET A 606 20.26 17.20 -22.65
N THR A 607 20.59 17.34 -21.36
CA THR A 607 20.24 18.53 -20.61
C THR A 607 20.78 19.79 -21.29
N GLU A 608 22.11 19.87 -21.45
CA GLU A 608 22.71 21.08 -21.95
C GLU A 608 22.28 21.40 -23.38
N PRO A 609 22.22 20.44 -24.32
CA PRO A 609 21.67 20.75 -25.65
C PRO A 609 20.29 21.38 -25.60
N PHE A 610 19.37 20.82 -24.81
CA PHE A 610 17.98 21.30 -24.81
C PHE A 610 17.90 22.77 -24.40
N PHE A 611 18.65 23.16 -23.37
CA PHE A 611 18.53 24.51 -22.82
C PHE A 611 19.38 25.54 -23.56
N ARG A 612 20.42 25.12 -24.27
CA ARG A 612 21.31 26.05 -24.96
C ARG A 612 21.08 26.07 -26.46
N ASN A 613 20.77 24.94 -27.06
CA ASN A 613 20.36 24.91 -28.45
C ASN A 613 18.86 25.17 -28.56
N ARG A 614 18.40 25.28 -29.80
CA ARG A 614 16.96 25.42 -30.07
C ARG A 614 16.54 24.51 -31.21
N GLU A 615 17.30 23.42 -31.44
CA GLU A 615 16.93 22.41 -32.42
C GLU A 615 15.70 21.63 -31.99
N ASN A 616 15.41 21.58 -30.69
CA ASN A 616 14.24 20.90 -30.15
C ASN A 616 13.25 21.94 -29.68
N ASP A 617 12.00 21.84 -30.14
CA ASP A 617 10.96 22.78 -29.73
C ASP A 617 9.60 22.10 -29.84
N TRP A 618 8.63 22.64 -29.11
CA TRP A 618 7.32 22.06 -28.97
C TRP A 618 6.24 23.12 -29.19
N PRO A 619 5.08 22.73 -29.73
CA PRO A 619 3.98 23.72 -29.87
C PRO A 619 3.42 24.11 -28.52
N ILE A 620 3.26 25.41 -28.29
CA ILE A 620 2.76 25.90 -27.01
C ILE A 620 1.93 27.17 -27.16
N GLY A 621 1.54 27.51 -28.39
CA GLY A 621 0.63 28.63 -28.54
C GLY A 621 0.29 28.90 -30.00
N GLU A 622 -0.53 29.93 -30.18
CA GLU A 622 -1.04 30.32 -31.49
C GLU A 622 -0.96 31.83 -31.66
N SER A 623 -0.51 32.25 -32.84
CA SER A 623 -0.53 33.66 -33.23
C SER A 623 -1.33 33.77 -34.51
N PRO A 624 -1.56 34.99 -35.04
CA PRO A 624 -2.20 35.08 -36.36
C PRO A 624 -1.46 34.27 -37.42
N GLN A 625 -0.12 34.26 -37.37
CA GLN A 625 0.65 33.43 -38.29
C GLN A 625 0.31 31.95 -38.15
N GLY A 626 -0.03 31.51 -36.94
CA GLY A 626 -0.37 30.13 -36.71
C GLY A 626 0.22 29.56 -35.43
N ILE A 627 0.56 28.28 -35.47
CA ILE A 627 1.03 27.57 -34.28
C ILE A 627 2.49 27.95 -34.02
N GLU A 628 2.76 28.48 -32.82
CA GLU A 628 4.10 28.89 -32.42
C GLU A 628 4.72 27.80 -31.54
N LYS A 629 6.01 27.55 -31.75
CA LYS A 629 6.77 26.58 -30.99
C LYS A 629 7.69 27.27 -29.99
N GLY A 630 8.08 26.52 -28.97
CA GLY A 630 8.90 27.08 -27.90
C GLY A 630 9.95 26.10 -27.44
N THR A 631 10.96 26.65 -26.77
CA THR A 631 12.08 25.87 -26.24
C THR A 631 11.67 25.14 -24.97
N ILE A 632 12.54 24.26 -24.50
CA ILE A 632 12.26 23.49 -23.30
C ILE A 632 12.09 24.42 -22.10
N GLY A 633 12.81 25.54 -22.08
CA GLY A 633 12.62 26.50 -21.01
C GLY A 633 11.25 27.15 -21.07
N LYS A 634 10.76 27.45 -22.27
CA LYS A 634 9.41 28.01 -22.41
C LYS A 634 8.37 26.99 -22.00
N VAL A 635 8.51 25.75 -22.46
CA VAL A 635 7.62 24.66 -22.04
C VAL A 635 7.59 24.58 -20.51
N CYS A 636 8.76 24.67 -19.88
CA CYS A 636 8.83 24.60 -18.42
C CYS A 636 7.98 25.69 -17.79
N ARG A 637 8.08 26.91 -18.30
CA ARG A 637 7.35 28.02 -17.70
C ARG A 637 5.85 28.00 -18.04
N VAL A 638 5.49 27.43 -19.20
CA VAL A 638 4.07 27.28 -19.52
C VAL A 638 3.44 26.24 -18.61
N LEU A 639 4.09 25.09 -18.45
CA LEU A 639 3.55 24.06 -17.56
C LEU A 639 3.56 24.52 -16.10
N LEU A 640 4.53 25.36 -15.72
CA LEU A 640 4.50 25.94 -14.39
C LEU A 640 3.30 26.85 -14.22
N ALA A 641 3.06 27.72 -15.21
CA ALA A 641 1.88 28.60 -15.15
C ALA A 641 0.59 27.79 -15.05
N LYS A 642 0.47 26.77 -15.89
CA LYS A 642 -0.70 25.91 -15.84
C LYS A 642 -0.92 25.35 -14.44
N SER A 643 0.13 24.79 -13.85
CA SER A 643 0.00 24.21 -12.51
C SER A 643 -0.32 25.27 -11.47
N VAL A 644 0.31 26.45 -11.59
CA VAL A 644 0.03 27.54 -10.65
C VAL A 644 -1.42 28.01 -10.79
N PHE A 645 -1.93 28.06 -12.02
CA PHE A 645 -3.30 28.52 -12.22
C PHE A 645 -4.32 27.47 -11.78
N ASN A 646 -4.00 26.18 -11.89
CA ASN A 646 -4.84 25.16 -11.29
C ASN A 646 -4.94 25.36 -9.78
N SER A 647 -3.90 25.90 -9.16
CA SER A 647 -3.90 26.12 -7.72
C SER A 647 -4.64 27.40 -7.36
N ILE A 648 -4.36 28.49 -8.09
CA ILE A 648 -5.08 29.74 -7.87
C ILE A 648 -6.57 29.55 -8.12
N TYR A 649 -6.92 28.84 -9.20
CA TYR A 649 -8.32 28.68 -9.58
C TYR A 649 -8.78 27.24 -9.43
N ALA A 650 -8.60 26.65 -8.25
CA ALA A 650 -9.13 25.33 -7.98
C ALA A 650 -10.65 25.39 -7.91
N SER A 651 -11.30 24.36 -8.45
CA SER A 651 -12.76 24.34 -8.50
C SER A 651 -13.23 22.94 -8.86
N ALA A 652 -14.41 22.58 -8.34
CA ALA A 652 -15.05 21.34 -8.76
C ALA A 652 -15.25 21.29 -10.27
N GLN A 653 -15.48 22.45 -10.89
CA GLN A 653 -15.59 22.50 -12.34
C GLN A 653 -14.31 22.02 -13.02
N LEU A 654 -13.16 22.49 -12.52
CA LEU A 654 -11.89 22.05 -13.07
C LEU A 654 -11.70 20.55 -12.86
N GLU A 655 -12.02 20.05 -11.66
CA GLU A 655 -11.91 18.62 -11.39
C GLU A 655 -12.72 17.82 -12.40
N GLY A 656 -13.99 18.20 -12.60
CA GLY A 656 -14.84 17.47 -13.52
C GLY A 656 -14.38 17.59 -14.97
N PHE A 657 -14.11 18.82 -15.40
CA PHE A 657 -13.66 19.03 -16.77
C PHE A 657 -12.37 18.26 -17.06
N SER A 658 -11.43 18.27 -16.11
CA SER A 658 -10.14 17.66 -16.36
C SER A 658 -10.24 16.15 -16.50
N ALA A 659 -11.05 15.51 -15.65
CA ALA A 659 -11.14 14.06 -15.65
C ALA A 659 -11.92 13.55 -16.85
N GLU A 660 -13.01 14.23 -17.22
CA GLU A 660 -13.83 13.76 -18.33
C GLU A 660 -13.20 14.10 -19.68
N SER A 661 -12.65 15.30 -19.83
CA SER A 661 -12.00 15.66 -21.08
C SER A 661 -10.74 14.84 -21.32
N ARG A 662 -10.12 14.31 -20.26
CA ARG A 662 -8.99 13.41 -20.44
C ARG A 662 -9.38 12.20 -21.28
N LYS A 663 -10.61 11.71 -21.11
CA LYS A 663 -11.08 10.60 -21.93
C LYS A 663 -11.13 10.97 -23.40
N LEU A 664 -11.68 12.15 -23.72
CA LEU A 664 -11.76 12.58 -25.10
C LEU A 664 -10.37 12.76 -25.70
N LEU A 665 -9.44 13.30 -24.90
CA LEU A 665 -8.05 13.42 -25.37
C LEU A 665 -7.46 12.06 -25.68
N LEU A 666 -7.70 11.08 -24.82
CA LEU A 666 -7.14 9.74 -25.04
C LEU A 666 -7.75 9.11 -26.29
N LEU A 667 -9.05 9.31 -26.52
CA LEU A 667 -9.66 8.84 -27.76
C LEU A 667 -9.00 9.45 -28.97
N ILE A 668 -8.72 10.75 -28.93
CA ILE A 668 -8.03 11.41 -30.03
C ILE A 668 -6.64 10.79 -30.23
N GLN A 669 -5.93 10.53 -29.13
CA GLN A 669 -4.61 9.91 -29.23
C GLN A 669 -4.71 8.52 -29.85
N ALA A 670 -5.72 7.75 -29.44
CA ALA A 670 -5.89 6.40 -30.00
C ALA A 670 -6.06 6.46 -31.51
N PHE A 671 -6.84 7.42 -32.01
CA PHE A 671 -7.00 7.58 -33.45
C PHE A 671 -5.67 7.94 -34.10
N ARG A 672 -4.96 8.90 -33.54
CA ARG A 672 -3.68 9.32 -34.09
C ARG A 672 -2.63 8.23 -34.00
N ASP A 673 -2.78 7.28 -33.08
CA ASP A 673 -1.92 6.11 -33.02
C ASP A 673 -2.34 5.01 -33.99
N ASN A 674 -3.44 5.22 -34.72
CA ASN A 674 -3.94 4.23 -35.67
C ASN A 674 -4.42 2.96 -34.95
N LEU A 675 -5.06 3.14 -33.80
CA LEU A 675 -5.55 2.03 -32.99
C LEU A 675 -7.06 1.85 -33.11
N ASP A 676 -7.70 2.50 -34.08
CA ASP A 676 -9.09 2.23 -34.41
C ASP A 676 -9.99 2.42 -33.19
N PRO A 677 -10.04 3.62 -32.62
CA PRO A 677 -10.83 3.83 -31.41
C PRO A 677 -12.32 3.72 -31.67
N GLY A 678 -13.05 3.28 -30.66
CA GLY A 678 -14.49 3.18 -30.72
C GLY A 678 -15.15 3.65 -29.44
N THR A 679 -16.23 4.40 -29.57
CA THR A 679 -17.01 4.87 -28.44
C THR A 679 -18.32 4.09 -28.35
N PHE A 680 -18.98 4.21 -27.21
CA PHE A 680 -20.30 3.62 -27.00
C PHE A 680 -21.39 4.67 -26.90
N ASP A 681 -21.18 5.71 -26.09
CA ASP A 681 -22.11 6.84 -25.98
C ASP A 681 -21.28 8.11 -25.96
N LEU A 682 -20.79 8.51 -27.14
CA LEU A 682 -19.98 9.71 -27.25
C LEU A 682 -20.76 10.96 -26.85
N LYS A 683 -22.06 10.98 -27.12
CA LYS A 683 -22.88 12.14 -26.72
C LYS A 683 -22.90 12.29 -25.21
N GLY A 684 -22.99 11.18 -24.48
CA GLY A 684 -22.95 11.26 -23.02
C GLY A 684 -21.63 11.79 -22.50
N LEU A 685 -20.53 11.43 -23.17
CA LEU A 685 -19.22 11.93 -22.74
C LEU A 685 -19.13 13.45 -22.89
N TYR A 686 -19.62 13.98 -24.03
CA TYR A 686 -19.65 15.43 -24.21
C TYR A 686 -20.47 16.09 -23.11
N GLU A 687 -21.57 15.47 -22.70
CA GLU A 687 -22.40 16.04 -21.65
C GLU A 687 -21.67 16.05 -20.32
N ALA A 688 -20.93 14.97 -20.03
CA ALA A 688 -20.14 14.94 -18.80
C ALA A 688 -19.09 16.04 -18.78
N ILE A 689 -18.51 16.34 -19.94
CA ILE A 689 -17.55 17.43 -20.03
C ILE A 689 -18.25 18.78 -19.91
N GLU A 690 -19.23 19.02 -20.78
CA GLU A 690 -19.84 20.34 -20.86
C GLU A 690 -20.63 20.69 -19.61
N GLU A 691 -21.14 19.67 -18.90
CA GLU A 691 -21.78 19.90 -17.62
C GLU A 691 -20.88 20.67 -16.66
N CYS A 692 -19.57 20.50 -16.77
CA CYS A 692 -18.62 21.09 -15.83
C CYS A 692 -18.20 22.51 -16.19
N ILE A 693 -18.53 22.98 -17.40
CA ILE A 693 -18.13 24.32 -17.83
C ILE A 693 -19.28 25.25 -17.44
N ILE A 694 -19.17 25.88 -16.27
CA ILE A 694 -20.25 26.70 -15.74
C ILE A 694 -19.84 28.17 -15.76
N ASN A 695 -18.96 28.58 -14.84
CA ASN A 695 -18.65 30.00 -14.70
C ASN A 695 -17.19 30.33 -14.39
N ASP A 696 -16.31 29.35 -14.19
CA ASP A 696 -14.97 29.67 -13.69
C ASP A 696 -14.09 30.14 -14.85
N PRO A 697 -13.37 31.27 -14.69
CA PRO A 697 -12.53 31.76 -15.79
C PRO A 697 -11.51 30.74 -16.27
N TRP A 698 -10.91 29.99 -15.34
CA TRP A 698 -9.84 29.08 -15.70
C TRP A 698 -10.37 27.85 -16.44
N VAL A 699 -11.53 27.33 -16.02
CA VAL A 699 -12.09 26.18 -16.72
C VAL A 699 -12.57 26.58 -18.11
N LEU A 700 -13.16 27.78 -18.23
CA LEU A 700 -13.59 28.25 -19.55
C LEU A 700 -12.40 28.32 -20.50
N LEU A 701 -11.27 28.85 -20.03
CA LEU A 701 -10.09 28.94 -20.89
C LEU A 701 -9.57 27.56 -21.26
N ASN A 702 -9.61 26.61 -20.33
CA ASN A 702 -9.16 25.26 -20.64
C ASN A 702 -10.08 24.59 -21.65
N ALA A 703 -11.39 24.81 -21.52
CA ALA A 703 -12.33 24.33 -22.52
C ALA A 703 -11.99 24.90 -23.90
N SER A 704 -11.71 26.20 -23.95
CA SER A 704 -11.30 26.83 -25.21
C SER A 704 -9.99 26.22 -25.71
N TRP A 705 -9.02 26.04 -24.82
CA TRP A 705 -7.75 25.45 -25.23
C TRP A 705 -7.97 24.09 -25.89
N PHE A 706 -8.90 23.29 -25.35
CA PHE A 706 -9.19 22.00 -25.96
C PHE A 706 -9.70 22.16 -27.39
N ASN A 707 -10.65 23.09 -27.59
CA ASN A 707 -11.18 23.33 -28.92
C ASN A 707 -10.07 23.79 -29.88
N SER A 708 -9.25 24.74 -29.43
CA SER A 708 -8.11 25.16 -30.25
C SER A 708 -7.23 23.97 -30.60
N PHE A 709 -7.01 23.07 -29.64
CA PHE A 709 -6.22 21.88 -29.89
C PHE A 709 -6.93 20.95 -30.88
N LEU A 710 -8.21 20.68 -30.65
CA LEU A 710 -8.98 19.85 -31.57
C LEU A 710 -8.91 20.41 -32.99
N LYS A 711 -9.09 21.73 -33.13
CA LYS A 711 -9.05 22.35 -34.44
C LYS A 711 -7.68 22.19 -35.08
N ALA A 712 -6.61 22.41 -34.30
CA ALA A 712 -5.26 22.29 -34.84
C ALA A 712 -4.96 20.86 -35.28
N VAL A 713 -5.51 19.87 -34.59
CA VAL A 713 -5.31 18.48 -34.99
C VAL A 713 -6.04 18.19 -36.30
N GLN A 714 -7.27 18.67 -36.42
CA GLN A 714 -8.05 18.42 -37.63
C GLN A 714 -7.33 18.93 -38.86
N LEU A 715 -6.68 20.09 -38.77
CA LEU A 715 -5.98 20.66 -39.92
C LEU A 715 -4.84 19.76 -40.36
N SER A 716 -3.89 19.48 -39.46
CA SER A 716 -2.71 18.72 -39.82
C SER A 716 -3.04 17.34 -40.39
N MET A 717 -4.22 16.81 -40.08
CA MET A 717 -4.61 15.49 -40.58
C MET A 717 -5.21 15.59 -41.98
N GLY A 718 -6.51 15.84 -42.05
CA GLY A 718 -7.21 15.88 -43.34
C GLY A 718 -7.34 17.28 -43.89
N MET B 10 1.14 36.37 -29.40
CA MET B 10 0.96 34.90 -29.24
C MET B 10 0.19 34.59 -27.96
N ASP B 11 -0.82 33.72 -28.09
CA ASP B 11 -1.55 33.20 -26.95
C ASP B 11 -0.99 31.82 -26.59
N VAL B 12 -0.61 31.65 -25.33
CA VAL B 12 -0.04 30.38 -24.88
C VAL B 12 -1.17 29.38 -24.66
N ASN B 13 -0.95 28.15 -25.11
CA ASN B 13 -1.91 27.06 -24.94
C ASN B 13 -1.15 25.78 -24.62
N PRO B 14 -1.13 25.35 -23.35
CA PRO B 14 -0.43 24.11 -23.02
C PRO B 14 -0.95 22.89 -23.77
N MET B 15 -2.24 22.89 -24.13
CA MET B 15 -2.82 21.73 -24.80
C MET B 15 -2.09 21.41 -26.11
N LEU B 16 -1.55 22.42 -26.78
CA LEU B 16 -0.91 22.20 -28.07
C LEU B 16 0.35 21.36 -27.96
N ILE B 17 0.86 21.12 -26.75
CA ILE B 17 1.96 20.18 -26.57
C ILE B 17 1.57 18.81 -27.11
N PHE B 18 0.31 18.41 -26.91
CA PHE B 18 -0.15 17.10 -27.35
C PHE B 18 -0.08 16.91 -28.86
N LEU B 19 0.14 17.99 -29.63
CA LEU B 19 0.38 17.82 -31.05
C LEU B 19 1.64 17.00 -31.30
N LYS B 20 2.66 17.18 -30.47
CA LYS B 20 3.91 16.46 -30.60
C LYS B 20 4.07 15.33 -29.58
N VAL B 21 3.73 15.58 -28.33
CA VAL B 21 3.94 14.59 -27.26
C VAL B 21 2.67 13.76 -27.12
N PRO B 22 2.73 12.44 -27.19
CA PRO B 22 1.51 11.64 -26.99
C PRO B 22 0.87 11.95 -25.65
N VAL B 23 -0.45 11.77 -25.58
CA VAL B 23 -1.21 12.17 -24.40
C VAL B 23 -0.71 11.44 -23.17
N GLN B 24 -0.38 10.15 -23.31
CA GLN B 24 0.10 9.39 -22.15
C GLN B 24 1.41 9.94 -21.62
N ASN B 25 2.31 10.37 -22.51
CA ASN B 25 3.63 10.85 -22.10
C ASN B 25 3.61 12.28 -21.59
N ALA B 26 2.49 12.99 -21.70
CA ALA B 26 2.34 14.31 -21.09
C ALA B 26 1.10 14.36 -20.21
N ILE B 27 0.65 13.20 -19.73
CA ILE B 27 -0.60 13.10 -18.99
C ILE B 27 -0.57 13.94 -17.71
N SER B 28 0.62 14.23 -17.19
CA SER B 28 0.72 15.02 -15.97
C SER B 28 0.02 16.36 -16.11
N THR B 29 -0.02 16.92 -17.33
CA THR B 29 -0.63 18.22 -17.55
C THR B 29 -2.15 18.18 -17.47
N THR B 30 -2.78 17.02 -17.30
CA THR B 30 -4.22 16.90 -17.21
C THR B 30 -4.69 16.60 -15.79
N PHE B 31 -3.79 16.59 -14.81
CA PHE B 31 -4.16 16.35 -13.42
C PHE B 31 -3.94 17.63 -12.62
N PRO B 32 -5.02 18.35 -12.24
CA PRO B 32 -4.88 19.63 -11.53
C PRO B 32 -4.75 19.46 -10.01
N TYR B 33 -3.84 18.58 -9.59
CA TYR B 33 -3.78 18.14 -8.19
C TYR B 33 -2.86 19.01 -7.34
N THR B 34 -2.64 20.26 -7.72
CA THR B 34 -1.94 21.22 -6.86
C THR B 34 -2.89 22.20 -6.18
N GLY B 35 -4.19 22.05 -6.40
CA GLY B 35 -5.18 22.91 -5.76
C GLY B 35 -6.02 22.15 -4.76
N ASP B 36 -6.64 22.87 -3.85
CA ASP B 36 -7.53 22.25 -2.88
C ASP B 36 -8.63 21.47 -3.60
N PRO B 37 -8.93 20.25 -3.19
CA PRO B 37 -10.00 19.49 -3.84
C PRO B 37 -11.36 19.91 -3.33
N PRO B 38 -12.44 19.52 -4.00
CA PRO B 38 -13.77 19.96 -3.57
C PRO B 38 -14.15 19.41 -2.20
N TYR B 39 -14.83 20.25 -1.41
CA TYR B 39 -15.35 19.87 -0.11
C TYR B 39 -16.84 20.20 -0.05
N SER B 40 -17.58 19.38 0.67
CA SER B 40 -18.99 19.66 0.91
C SER B 40 -19.13 20.61 2.09
N HIS B 41 -20.13 21.48 2.01
CA HIS B 41 -20.53 22.33 3.12
C HIS B 41 -21.93 21.92 3.55
N GLY B 42 -22.12 21.76 4.85
CA GLY B 42 -23.44 21.42 5.36
C GLY B 42 -23.75 19.94 5.25
N THR B 43 -25.02 19.64 4.98
CA THR B 43 -25.53 18.28 5.10
C THR B 43 -25.21 17.44 3.87
N GLY B 44 -25.18 16.13 4.07
CA GLY B 44 -25.25 15.14 3.03
C GLY B 44 -26.60 14.47 2.94
N THR B 45 -27.61 14.96 3.66
CA THR B 45 -28.95 14.38 3.59
C THR B 45 -29.49 14.41 2.17
N GLY B 46 -29.26 15.50 1.44
CA GLY B 46 -29.68 15.57 0.06
C GLY B 46 -29.07 14.47 -0.80
N TYR B 47 -27.84 14.08 -0.51
CA TYR B 47 -27.17 13.07 -1.30
C TYR B 47 -27.60 11.66 -0.90
N THR B 48 -27.79 11.41 0.39
CA THR B 48 -28.27 10.10 0.83
C THR B 48 -29.64 9.81 0.23
N MET B 49 -30.52 10.82 0.17
CA MET B 49 -31.83 10.63 -0.43
C MET B 49 -31.72 10.35 -1.93
N ASP B 50 -30.85 11.08 -2.63
CA ASP B 50 -30.59 10.80 -4.03
C ASP B 50 -30.17 9.34 -4.22
N THR B 51 -29.22 8.88 -3.41
CA THR B 51 -28.72 7.51 -3.54
C THR B 51 -29.83 6.51 -3.25
N VAL B 52 -30.56 6.70 -2.16
CA VAL B 52 -31.67 5.80 -1.82
C VAL B 52 -32.69 5.79 -2.94
N ILE B 53 -33.04 6.96 -3.48
CA ILE B 53 -34.04 7.04 -4.54
C ILE B 53 -33.53 6.36 -5.81
N ARG B 54 -32.33 6.74 -6.26
CA ARG B 54 -31.78 6.14 -7.48
C ARG B 54 -31.68 4.64 -7.37
N THR B 55 -31.27 4.13 -6.20
CA THR B 55 -31.11 2.69 -6.03
C THR B 55 -32.42 1.95 -6.29
N HIS B 56 -33.53 2.48 -5.77
CA HIS B 56 -34.82 1.83 -5.99
C HIS B 56 -35.30 1.97 -7.42
N ASP B 57 -34.99 3.09 -8.08
CA ASP B 57 -35.37 3.27 -9.47
C ASP B 57 -34.76 2.20 -10.35
N TYR B 58 -33.45 1.93 -10.18
CA TYR B 58 -32.79 0.90 -10.97
C TYR B 58 -33.37 -0.48 -10.70
N SER B 59 -34.10 -0.65 -9.60
CA SER B 59 -34.66 -1.94 -9.21
C SER B 59 -36.19 -1.88 -9.15
N SER B 60 -36.79 -0.92 -9.83
CA SER B 60 -38.19 -0.56 -9.56
C SER B 60 -39.17 -1.63 -10.03
N ARG B 61 -38.81 -2.42 -11.05
CA ARG B 61 -39.69 -3.47 -11.54
C ARG B 61 -39.69 -4.70 -10.63
N GLY B 62 -39.05 -4.63 -9.47
CA GLY B 62 -38.98 -5.76 -8.56
C GLY B 62 -40.25 -5.96 -7.77
N ILE B 63 -40.11 -6.67 -6.66
CA ILE B 63 -41.24 -7.15 -5.87
C ILE B 63 -41.13 -6.54 -4.48
N TRP B 64 -42.13 -5.74 -4.11
CA TRP B 64 -42.17 -5.09 -2.80
C TRP B 64 -42.74 -6.04 -1.76
N LYS B 65 -42.22 -5.93 -0.54
CA LYS B 65 -42.74 -6.68 0.59
C LYS B 65 -42.37 -5.98 1.89
N THR B 66 -43.26 -6.09 2.88
CA THR B 66 -43.06 -5.49 4.18
C THR B 66 -42.42 -6.49 5.12
N ASN B 67 -41.47 -6.03 5.92
CA ASN B 67 -40.65 -6.92 6.73
C ASN B 67 -41.36 -7.29 8.02
N SER B 68 -41.25 -8.58 8.39
CA SER B 68 -41.93 -9.07 9.58
C SER B 68 -41.40 -8.41 10.85
N GLU B 69 -40.07 -8.30 10.96
CA GLU B 69 -39.44 -7.82 12.18
C GLU B 69 -39.28 -6.31 12.24
N THR B 70 -39.25 -5.63 11.09
CA THR B 70 -39.03 -4.19 11.13
C THR B 70 -40.08 -3.29 10.51
N GLY B 71 -40.93 -3.82 9.64
CA GLY B 71 -41.95 -2.98 9.07
C GLY B 71 -41.50 -2.11 7.92
N ALA B 72 -40.32 -2.39 7.36
CA ALA B 72 -39.75 -1.58 6.30
C ALA B 72 -40.11 -2.16 4.95
N GLN B 73 -40.41 -1.29 4.00
CA GLN B 73 -40.78 -1.72 2.66
C GLN B 73 -39.50 -2.05 1.88
N GLN B 74 -39.38 -3.29 1.44
CA GLN B 74 -38.14 -3.82 0.89
C GLN B 74 -38.35 -4.27 -0.54
N LEU B 75 -37.66 -3.60 -1.47
CA LEU B 75 -37.73 -3.96 -2.88
C LEU B 75 -36.77 -5.10 -3.19
N ASN B 76 -37.24 -6.07 -3.97
CA ASN B 76 -36.43 -7.20 -4.39
C ASN B 76 -36.42 -7.28 -5.92
N PRO B 77 -35.32 -6.90 -6.58
CA PRO B 77 -35.31 -6.91 -8.05
C PRO B 77 -34.72 -8.17 -8.69
N ILE B 78 -34.08 -9.03 -7.92
CA ILE B 78 -33.31 -10.12 -8.52
C ILE B 78 -34.27 -11.21 -8.97
N ASP B 79 -33.89 -11.89 -10.07
CA ASP B 79 -34.79 -12.80 -10.78
C ASP B 79 -36.04 -12.07 -11.28
N GLY B 80 -35.96 -10.75 -11.40
CA GLY B 80 -37.06 -9.96 -11.91
C GLY B 80 -37.04 -9.94 -13.42
N PRO B 81 -37.83 -9.05 -14.02
CA PRO B 81 -37.88 -8.98 -15.49
C PRO B 81 -36.55 -8.52 -16.06
N LEU B 82 -36.11 -9.22 -17.11
CA LEU B 82 -34.88 -8.84 -17.78
C LEU B 82 -34.99 -7.40 -18.27
N PRO B 83 -33.90 -6.63 -18.25
CA PRO B 83 -33.97 -5.25 -18.71
C PRO B 83 -34.20 -5.18 -20.21
N GLU B 84 -34.78 -4.05 -20.64
CA GLU B 84 -35.07 -3.84 -22.05
C GLU B 84 -34.49 -2.53 -22.59
N ASP B 85 -33.74 -1.79 -21.77
CA ASP B 85 -32.96 -0.64 -22.21
C ASP B 85 -31.56 -0.75 -21.62
N ASN B 86 -30.73 0.26 -21.90
CA ASN B 86 -29.36 0.29 -21.40
C ASN B 86 -29.22 1.10 -20.12
N GLU B 87 -30.30 1.68 -19.61
CA GLU B 87 -30.23 2.39 -18.35
C GLU B 87 -29.70 1.45 -17.26
N PRO B 88 -29.22 2.01 -16.15
CA PRO B 88 -28.70 1.15 -15.08
C PRO B 88 -29.81 0.29 -14.50
N SER B 89 -29.51 -1.00 -14.32
CA SER B 89 -30.50 -1.97 -13.89
C SER B 89 -29.89 -2.89 -12.85
N GLY B 90 -30.72 -3.30 -11.88
CA GLY B 90 -30.29 -4.20 -10.83
C GLY B 90 -31.02 -5.53 -10.87
N TYR B 91 -31.44 -5.93 -12.07
CA TYR B 91 -32.22 -7.16 -12.24
C TYR B 91 -31.28 -8.34 -12.49
N ALA B 92 -30.53 -8.68 -11.45
CA ALA B 92 -29.58 -9.78 -11.50
C ALA B 92 -30.31 -11.11 -11.38
N GLN B 93 -29.84 -12.10 -12.12
CA GLN B 93 -30.47 -13.41 -12.18
C GLN B 93 -29.66 -14.39 -11.35
N THR B 94 -30.30 -14.96 -10.33
CA THR B 94 -29.60 -15.84 -9.39
C THR B 94 -28.88 -16.97 -10.12
N ASP B 95 -29.57 -17.64 -11.05
CA ASP B 95 -28.97 -18.79 -11.71
C ASP B 95 -27.78 -18.39 -12.57
N CYS B 96 -27.79 -17.20 -13.15
CA CYS B 96 -26.65 -16.74 -13.93
C CYS B 96 -25.46 -16.45 -13.04
N VAL B 97 -25.70 -15.91 -11.85
CA VAL B 97 -24.62 -15.69 -10.89
C VAL B 97 -24.00 -17.02 -10.48
N LEU B 98 -24.84 -18.02 -10.19
CA LEU B 98 -24.33 -19.32 -9.76
C LEU B 98 -23.54 -20.00 -10.87
N GLU B 99 -23.99 -19.87 -12.12
CA GLU B 99 -23.23 -20.44 -13.23
C GLU B 99 -21.84 -19.80 -13.32
N LEU B 100 -21.77 -18.48 -13.11
CA LEU B 100 -20.48 -17.80 -13.13
C LEU B 100 -19.61 -18.23 -11.95
N ILE B 101 -20.21 -18.32 -10.75
CA ILE B 101 -19.44 -18.76 -9.58
C ILE B 101 -19.02 -20.21 -9.76
N GLU B 102 -19.86 -21.03 -10.38
CA GLU B 102 -19.46 -22.41 -10.67
C GLU B 102 -18.30 -22.46 -11.66
N GLY B 103 -18.37 -21.64 -12.72
CA GLY B 103 -17.27 -21.56 -13.64
C GLY B 103 -15.97 -21.15 -12.98
N LEU B 104 -16.06 -20.37 -11.91
CA LEU B 104 -14.87 -19.99 -11.15
C LEU B 104 -14.35 -21.18 -10.35
N ASP B 105 -15.25 -22.03 -9.85
CA ASP B 105 -14.83 -23.21 -9.11
C ASP B 105 -14.18 -24.23 -10.04
N ARG B 106 -14.72 -24.40 -11.25
CA ARG B 106 -14.13 -25.32 -12.21
C ARG B 106 -12.72 -24.88 -12.61
N SER B 107 -12.55 -23.60 -12.88
CA SER B 107 -11.28 -23.09 -13.40
C SER B 107 -10.19 -23.05 -12.34
N HIS B 108 -10.55 -23.06 -11.06
CA HIS B 108 -9.58 -23.00 -9.96
C HIS B 108 -9.92 -24.07 -8.93
N PRO B 109 -9.67 -25.35 -9.25
CA PRO B 109 -10.01 -26.41 -8.31
C PRO B 109 -9.24 -26.28 -7.00
N GLY B 110 -9.96 -26.45 -5.89
CA GLY B 110 -9.38 -26.35 -4.57
C GLY B 110 -9.33 -24.95 -4.00
N LEU B 111 -9.49 -23.93 -4.85
CA LEU B 111 -9.46 -22.55 -4.37
C LEU B 111 -10.52 -22.32 -3.30
N PHE B 112 -11.78 -22.57 -3.65
CA PHE B 112 -12.86 -22.41 -2.67
C PHE B 112 -12.57 -23.21 -1.40
N GLU B 113 -12.10 -24.44 -1.56
CA GLU B 113 -11.80 -25.28 -0.40
C GLU B 113 -10.80 -24.60 0.52
N THR B 114 -9.59 -24.35 0.02
CA THR B 114 -8.55 -23.76 0.86
C THR B 114 -8.91 -22.35 1.29
N ALA B 115 -9.70 -21.63 0.50
CA ALA B 115 -10.18 -20.32 0.92
C ALA B 115 -11.09 -20.45 2.14
N CYS B 116 -12.01 -21.41 2.12
CA CYS B 116 -12.89 -21.63 3.26
C CYS B 116 -12.10 -22.14 4.46
N GLN B 117 -11.19 -23.09 4.24
CA GLN B 117 -10.41 -23.63 5.36
C GLN B 117 -9.62 -22.54 6.05
N GLU B 118 -8.96 -21.68 5.26
CA GLU B 118 -8.24 -20.55 5.86
C GLU B 118 -9.18 -19.66 6.65
N THR B 119 -10.39 -19.44 6.14
CA THR B 119 -11.36 -18.64 6.89
C THR B 119 -11.84 -19.37 8.13
N ILE B 120 -12.07 -20.68 8.02
CA ILE B 120 -12.41 -21.49 9.20
C ILE B 120 -11.38 -21.27 10.30
N ASP B 121 -10.10 -21.42 9.95
CA ASP B 121 -9.04 -21.28 10.95
C ASP B 121 -9.05 -19.89 11.58
N ALA B 122 -9.33 -18.86 10.78
CA ALA B 122 -9.38 -17.50 11.31
C ALA B 122 -10.53 -17.35 12.29
N ILE B 123 -11.72 -17.84 11.92
CA ILE B 123 -12.87 -17.75 12.82
C ILE B 123 -12.56 -18.39 14.17
N GLN B 124 -11.93 -19.56 14.15
CA GLN B 124 -11.65 -20.27 15.40
C GLN B 124 -10.60 -19.56 16.23
N GLN B 125 -9.66 -18.84 15.60
CA GLN B 125 -8.57 -18.19 16.32
C GLN B 125 -8.82 -16.72 16.60
N THR B 126 -9.74 -16.07 15.91
CA THR B 126 -9.90 -14.62 16.03
C THR B 126 -10.49 -14.25 17.38
N ARG B 127 -9.85 -13.33 18.08
CA ARG B 127 -10.32 -12.82 19.35
C ARG B 127 -11.16 -11.56 19.15
N VAL B 128 -11.85 -11.15 20.21
CA VAL B 128 -12.71 -9.97 20.13
C VAL B 128 -11.87 -8.72 19.89
N ASP B 129 -10.63 -8.70 20.39
CA ASP B 129 -9.71 -7.58 20.20
C ASP B 129 -9.71 -7.10 18.76
N LYS B 130 -9.75 -8.03 17.81
CA LYS B 130 -9.53 -7.71 16.40
C LYS B 130 -10.42 -6.58 15.91
N LEU B 131 -11.56 -6.35 16.55
CA LEU B 131 -12.46 -5.27 16.15
C LEU B 131 -12.11 -3.94 16.81
N THR B 132 -11.08 -3.89 17.66
CA THR B 132 -10.52 -2.61 18.06
C THR B 132 -9.78 -1.95 16.91
N GLN B 133 -9.15 -2.76 16.06
CA GLN B 133 -8.56 -2.26 14.82
C GLN B 133 -9.66 -1.85 13.85
N GLY B 134 -9.36 -0.85 13.03
CA GLY B 134 -10.19 -0.54 11.88
C GLY B 134 -10.69 0.89 11.90
N ARG B 135 -11.37 1.23 10.79
CA ARG B 135 -11.93 2.55 10.59
C ARG B 135 -13.05 2.81 11.60
N GLN B 136 -13.58 4.03 11.58
CA GLN B 136 -14.69 4.37 12.45
C GLN B 136 -15.90 3.48 12.17
N THR B 137 -16.78 3.39 13.15
CA THR B 137 -17.95 2.53 13.06
C THR B 137 -19.16 3.25 13.65
N TYR B 138 -20.31 3.08 13.01
CA TYR B 138 -21.54 3.64 13.56
C TYR B 138 -21.87 2.96 14.89
N ASP B 139 -22.11 3.77 15.91
CA ASP B 139 -22.37 3.29 17.26
C ASP B 139 -23.85 3.45 17.56
N TRP B 140 -24.54 2.34 17.76
CA TRP B 140 -25.96 2.39 18.08
C TRP B 140 -26.22 2.84 19.51
N THR B 141 -25.21 2.76 20.39
CA THR B 141 -25.35 3.29 21.74
C THR B 141 -25.57 4.80 21.73
N LEU B 142 -25.01 5.50 20.73
CA LEU B 142 -25.05 6.95 20.70
C LEU B 142 -25.62 7.52 19.40
N ASN B 143 -26.01 6.67 18.44
CA ASN B 143 -26.50 7.13 17.14
C ASN B 143 -25.50 8.10 16.50
N ARG B 144 -24.22 7.76 16.60
CA ARG B 144 -23.15 8.56 16.01
C ARG B 144 -21.97 7.65 15.71
N ASN B 145 -21.10 8.11 14.81
CA ASN B 145 -19.87 7.41 14.55
C ASN B 145 -18.92 7.53 15.74
N GLN B 146 -18.18 6.46 16.00
CA GLN B 146 -17.21 6.43 17.08
C GLN B 146 -16.01 5.60 16.63
N PRO B 147 -14.85 5.79 17.24
CA PRO B 147 -13.72 4.90 16.96
C PRO B 147 -14.12 3.44 17.16
N ALA B 148 -13.52 2.57 16.36
CA ALA B 148 -13.87 1.15 16.39
C ALA B 148 -13.85 0.59 17.80
N ALA B 149 -12.82 0.93 18.58
CA ALA B 149 -12.66 0.33 19.90
C ALA B 149 -13.77 0.77 20.85
N THR B 150 -14.16 2.04 20.81
CA THR B 150 -15.19 2.53 21.73
C THR B 150 -16.54 1.92 21.40
N ALA B 151 -16.92 1.92 20.13
CA ALA B 151 -18.16 1.26 19.73
C ALA B 151 -18.17 -0.20 20.19
N LEU B 152 -17.02 -0.86 20.12
CA LEU B 152 -16.93 -2.24 20.61
C LEU B 152 -17.14 -2.29 22.11
N ALA B 153 -16.41 -1.46 22.87
CA ALA B 153 -16.57 -1.44 24.31
C ALA B 153 -17.99 -1.04 24.71
N ASN B 154 -18.59 -0.11 23.96
CA ASN B 154 -19.94 0.33 24.28
C ASN B 154 -20.96 -0.78 24.06
N THR B 155 -20.90 -1.45 22.91
CA THR B 155 -21.82 -2.56 22.65
C THR B 155 -21.64 -3.67 23.68
N ILE B 156 -20.40 -4.00 24.02
CA ILE B 156 -20.16 -5.04 25.02
C ILE B 156 -20.72 -4.62 26.37
N GLU B 157 -20.58 -3.33 26.71
CA GLU B 157 -21.09 -2.86 28.00
C GLU B 157 -22.61 -2.97 28.05
N VAL B 158 -23.29 -2.49 27.02
CA VAL B 158 -24.75 -2.57 26.99
C VAL B 158 -25.21 -4.03 26.87
N PHE B 159 -24.44 -4.86 26.15
CA PHE B 159 -24.75 -6.28 26.11
C PHE B 159 -24.61 -6.90 27.50
N ARG B 160 -23.56 -6.53 28.23
CA ARG B 160 -23.35 -7.06 29.57
C ARG B 160 -24.48 -6.66 30.50
N LYS B 161 -24.93 -5.39 30.42
CA LYS B 161 -25.97 -4.93 31.32
C LYS B 161 -27.31 -5.59 31.01
N ASN B 162 -27.53 -5.99 29.77
CA ASN B 162 -28.61 -6.91 29.45
C ASN B 162 -28.06 -8.34 29.67
N GLY B 163 -28.65 -9.35 29.03
CA GLY B 163 -28.31 -10.71 29.38
C GLY B 163 -27.36 -11.42 28.44
N TYR B 164 -26.36 -10.72 27.92
CA TYR B 164 -25.48 -11.26 26.88
C TYR B 164 -24.03 -11.11 27.30
N LYS B 165 -23.34 -12.25 27.49
CA LYS B 165 -21.96 -12.21 27.96
C LYS B 165 -21.09 -13.33 27.38
N LEU B 166 -21.51 -13.98 26.29
CA LEU B 166 -20.73 -15.08 25.75
C LEU B 166 -19.32 -14.63 25.34
N ASN B 167 -19.18 -13.39 24.86
CA ASN B 167 -17.87 -12.87 24.48
C ASN B 167 -16.88 -12.87 25.64
N GLU B 168 -17.37 -13.07 26.88
CA GLU B 168 -16.49 -13.24 28.03
C GLU B 168 -15.36 -14.21 27.73
N SER B 169 -15.61 -15.18 26.85
CA SER B 169 -14.56 -16.13 26.46
C SER B 169 -13.37 -15.41 25.85
N GLY B 170 -13.61 -14.34 25.10
CA GLY B 170 -12.57 -13.63 24.41
C GLY B 170 -12.48 -13.93 22.92
N ARG B 171 -13.23 -14.90 22.42
CA ARG B 171 -13.20 -15.27 21.02
C ARG B 171 -14.35 -14.60 20.27
N LEU B 172 -14.07 -14.17 19.04
CA LEU B 172 -14.97 -13.28 18.33
C LEU B 172 -16.28 -13.96 17.96
N ILE B 173 -16.25 -15.27 17.66
CA ILE B 173 -17.48 -15.94 17.26
C ILE B 173 -18.50 -15.91 18.39
N ASP B 174 -18.04 -15.87 19.65
CA ASP B 174 -18.97 -15.78 20.77
C ASP B 174 -19.60 -14.40 20.86
N PHE B 175 -18.81 -13.34 20.60
CA PHE B 175 -19.40 -12.01 20.49
C PHE B 175 -20.43 -11.98 19.37
N LEU B 176 -20.16 -12.69 18.28
CA LEU B 176 -21.11 -12.72 17.16
C LEU B 176 -22.39 -13.45 17.55
N LYS B 177 -22.28 -14.51 18.35
CA LYS B 177 -23.47 -15.17 18.88
C LYS B 177 -24.30 -14.20 19.73
N ASP B 178 -23.64 -13.48 20.64
CA ASP B 178 -24.34 -12.48 21.45
C ASP B 178 -25.12 -11.51 20.57
N VAL B 179 -24.54 -11.11 19.43
CA VAL B 179 -25.21 -10.14 18.56
C VAL B 179 -26.52 -10.71 18.05
N LEU B 180 -26.53 -11.98 17.64
CA LEU B 180 -27.75 -12.58 17.12
C LEU B 180 -28.74 -12.88 18.24
N LEU B 181 -28.24 -13.29 19.41
CA LEU B 181 -29.12 -13.51 20.55
C LEU B 181 -29.77 -12.21 21.02
N SER B 182 -29.12 -11.07 20.75
CA SER B 182 -29.63 -9.79 21.24
C SER B 182 -30.85 -9.30 20.48
N PHE B 183 -31.16 -9.87 19.31
CA PHE B 183 -32.34 -9.48 18.57
C PHE B 183 -33.63 -10.02 19.17
N GLU B 184 -33.53 -11.00 20.06
CA GLU B 184 -34.72 -11.56 20.71
C GLU B 184 -35.23 -10.70 21.85
N ASN B 185 -34.39 -9.81 22.39
CA ASN B 185 -34.81 -8.95 23.49
C ASN B 185 -35.94 -8.04 23.04
N ASP B 186 -36.85 -7.76 23.97
CA ASP B 186 -37.97 -6.86 23.72
C ASP B 186 -37.91 -5.61 24.59
N SER B 187 -36.83 -5.44 25.36
CA SER B 187 -36.68 -4.29 26.25
C SER B 187 -35.19 -4.02 26.46
N MET B 188 -34.49 -3.71 25.37
CA MET B 188 -33.05 -3.44 25.45
C MET B 188 -32.82 -2.11 26.14
N GLU B 189 -32.11 -2.15 27.27
CA GLU B 189 -31.91 -0.98 28.11
C GLU B 189 -30.62 -0.27 27.74
N VAL B 190 -30.69 1.06 27.59
CA VAL B 190 -29.55 1.88 27.21
C VAL B 190 -29.51 3.10 28.12
N THR B 191 -28.30 3.52 28.49
CA THR B 191 -28.11 4.75 29.24
C THR B 191 -27.79 5.89 28.28
N THR B 192 -28.52 6.99 28.43
CA THR B 192 -28.20 8.23 27.74
C THR B 192 -27.58 9.21 28.74
N HIS B 193 -27.22 10.38 28.25
CA HIS B 193 -26.68 11.45 29.08
C HIS B 193 -27.38 12.76 28.72
N PHE B 194 -27.60 13.59 29.74
CA PHE B 194 -28.32 14.84 29.57
C PHE B 194 -27.73 15.88 30.52
N GLN B 195 -27.88 17.15 30.17
CA GLN B 195 -27.31 18.23 30.95
C GLN B 195 -28.31 18.69 32.02
N LYS B 196 -27.85 18.71 33.27
CA LYS B 196 -28.63 19.20 34.40
C LYS B 196 -28.06 20.53 34.85
N LYS B 197 -28.94 21.41 35.34
CA LYS B 197 -28.57 22.78 35.68
C LYS B 197 -28.82 23.00 37.16
N LYS B 198 -27.78 22.83 37.97
CA LYS B 198 -27.83 23.06 39.40
C LYS B 198 -27.53 24.53 39.71
N ARG B 199 -27.74 24.89 40.98
CA ARG B 199 -27.44 26.22 41.51
C ARG B 199 -26.64 26.06 42.78
N ILE B 200 -25.55 26.82 42.91
CA ILE B 200 -24.65 26.70 44.05
C ILE B 200 -24.18 28.09 44.47
N ARG B 201 -23.83 28.22 45.75
CA ARG B 201 -23.35 29.47 46.32
C ARG B 201 -21.85 29.60 46.13
N ASP B 202 -21.40 30.85 46.00
CA ASP B 202 -19.98 31.16 45.86
C ASP B 202 -19.64 32.39 46.69
N ASN B 203 -18.57 32.31 47.46
CA ASN B 203 -18.07 33.46 48.19
C ASN B 203 -17.29 34.39 47.27
N LYS B 206 -20.12 36.43 47.23
CA LYS B 206 -21.28 35.92 47.94
C LYS B 206 -22.54 36.05 47.09
N LYS B 207 -22.53 35.36 45.95
CA LYS B 207 -23.66 35.32 45.03
C LYS B 207 -23.91 33.87 44.62
N MET B 208 -25.00 33.65 43.90
CA MET B 208 -25.42 32.32 43.48
C MET B 208 -25.34 32.24 41.96
N ILE B 209 -24.58 31.27 41.45
CA ILE B 209 -24.31 31.13 40.03
C ILE B 209 -24.81 29.76 39.57
N THR B 210 -25.21 29.71 38.30
CA THR B 210 -25.72 28.48 37.70
C THR B 210 -24.57 27.54 37.35
N GLN B 211 -24.86 26.25 37.35
CA GLN B 211 -23.85 25.21 37.17
C GLN B 211 -24.38 24.16 36.20
N ARG B 212 -23.76 24.03 35.04
CA ARG B 212 -24.06 22.95 34.12
C ARG B 212 -23.39 21.66 34.60
N THR B 213 -24.17 20.58 34.67
CA THR B 213 -23.63 19.26 34.98
C THR B 213 -24.35 18.24 34.11
N ILE B 214 -23.89 17.00 34.19
CA ILE B 214 -24.33 15.94 33.28
C ILE B 214 -24.83 14.77 34.12
N GLY B 215 -26.08 14.36 33.86
CA GLY B 215 -26.63 13.16 34.46
C GLY B 215 -26.92 12.11 33.41
N LYS B 216 -27.07 10.85 33.83
CA LYS B 216 -27.40 9.77 32.90
C LYS B 216 -28.71 9.12 33.32
N LYS B 217 -29.46 8.69 32.31
CA LYS B 217 -30.82 8.19 32.49
C LYS B 217 -31.02 6.93 31.65
N ARG B 218 -31.65 5.92 32.25
CA ARG B 218 -31.87 4.66 31.55
C ARG B 218 -33.08 4.78 30.63
N VAL B 219 -32.99 4.11 29.47
CA VAL B 219 -34.06 4.08 28.48
C VAL B 219 -34.16 2.66 27.94
N LYS B 220 -35.36 2.10 27.98
CA LYS B 220 -35.62 0.79 27.37
C LYS B 220 -36.13 0.98 25.95
N LEU B 221 -35.72 0.09 25.06
CA LEU B 221 -36.02 0.20 23.63
C LEU B 221 -37.01 -0.88 23.21
N THR B 222 -37.83 -0.55 22.21
CA THR B 222 -38.70 -1.51 21.58
C THR B 222 -37.88 -2.63 20.94
N LYS B 223 -38.57 -3.70 20.55
CA LYS B 223 -37.92 -4.72 19.73
C LYS B 223 -37.61 -4.18 18.35
N LYS B 224 -38.53 -3.40 17.78
CA LYS B 224 -38.23 -2.68 16.54
C LYS B 224 -37.03 -1.77 16.72
N ASN B 225 -37.11 -0.85 17.68
CA ASN B 225 -36.06 0.14 17.92
C ASN B 225 -34.67 -0.46 17.82
N TYR B 226 -34.37 -1.45 18.65
CA TYR B 226 -33.04 -2.05 18.63
C TYR B 226 -32.74 -2.67 17.28
N LEU B 227 -33.71 -3.38 16.69
CA LEU B 227 -33.50 -4.01 15.39
C LEU B 227 -33.18 -2.97 14.33
N ILE B 228 -33.98 -1.90 14.27
CA ILE B 228 -33.71 -0.82 13.32
C ILE B 228 -32.31 -0.26 13.57
N ARG B 229 -31.99 0.04 14.83
CA ARG B 229 -30.67 0.59 15.14
C ARG B 229 -29.56 -0.38 14.75
N ALA B 230 -29.76 -1.68 14.99
CA ALA B 230 -28.73 -2.66 14.69
C ALA B 230 -28.54 -2.87 13.20
N LEU B 231 -29.55 -2.57 12.39
CA LEU B 231 -29.46 -2.67 10.94
C LEU B 231 -29.16 -1.32 10.29
N THR B 232 -28.70 -0.36 11.07
CA THR B 232 -28.50 1.01 10.57
C THR B 232 -27.07 1.18 10.07
N LEU B 233 -26.95 1.92 8.98
CA LEU B 233 -25.66 2.27 8.40
C LEU B 233 -25.63 3.78 8.21
N ASN B 234 -24.65 4.43 8.83
CA ASN B 234 -24.59 5.88 8.80
C ASN B 234 -24.31 6.39 7.39
N THR B 235 -24.55 7.68 7.16
CA THR B 235 -24.25 8.30 5.88
C THR B 235 -23.66 9.68 6.12
N MET B 236 -22.88 10.12 5.13
CA MET B 236 -22.21 11.41 5.14
C MET B 236 -21.63 11.61 3.75
N THR B 237 -21.23 12.84 3.46
CA THR B 237 -20.67 13.17 2.16
C THR B 237 -19.18 12.87 2.14
N LYS B 238 -18.70 12.34 1.02
CA LYS B 238 -17.28 12.09 0.83
C LYS B 238 -16.60 13.38 0.38
N ASP B 239 -15.66 13.86 1.17
CA ASP B 239 -14.95 15.10 0.88
C ASP B 239 -13.61 14.80 0.19
N ALA B 240 -13.04 15.85 -0.39
CA ALA B 240 -11.69 15.81 -0.95
C ALA B 240 -11.59 14.86 -2.14
N GLU B 241 -12.70 14.58 -2.80
CA GLU B 241 -12.72 13.63 -3.92
C GLU B 241 -12.37 14.36 -5.22
N ARG B 242 -11.48 13.77 -6.00
CA ARG B 242 -11.00 14.39 -7.23
C ARG B 242 -11.81 13.90 -8.44
N GLY B 243 -11.76 14.70 -9.50
CA GLY B 243 -12.30 14.30 -10.78
C GLY B 243 -13.80 14.28 -10.88
N LYS B 244 -14.51 15.03 -10.04
CA LYS B 244 -15.97 14.98 -10.02
C LYS B 244 -16.55 16.34 -9.71
N LEU B 245 -17.48 16.79 -10.56
CA LEU B 245 -18.17 18.05 -10.34
C LEU B 245 -19.02 18.01 -9.07
N LYS B 246 -19.74 16.91 -8.87
CA LYS B 246 -20.76 16.83 -7.83
C LYS B 246 -20.34 15.87 -6.72
N ARG B 247 -20.69 16.22 -5.49
CA ARG B 247 -20.42 15.36 -4.35
C ARG B 247 -21.27 14.09 -4.43
N ARG B 248 -20.90 13.11 -3.62
CA ARG B 248 -21.68 11.88 -3.50
C ARG B 248 -21.59 11.36 -2.07
N ALA B 249 -22.55 10.53 -1.71
CA ALA B 249 -22.70 10.07 -0.34
C ALA B 249 -21.94 8.78 -0.10
N ILE B 250 -21.52 8.58 1.15
CA ILE B 250 -20.75 7.42 1.57
C ILE B 250 -21.34 6.94 2.90
N ALA B 251 -21.09 5.68 3.25
CA ALA B 251 -21.76 5.05 4.37
C ALA B 251 -20.76 4.37 5.31
N THR B 252 -21.20 4.18 6.55
CA THR B 252 -20.37 3.62 7.62
C THR B 252 -21.11 2.45 8.25
N PRO B 253 -20.57 1.23 8.26
CA PRO B 253 -21.23 0.12 8.94
C PRO B 253 -21.28 0.31 10.45
N GLY B 254 -22.18 -0.44 11.07
CA GLY B 254 -22.35 -0.42 12.50
C GLY B 254 -21.65 -1.58 13.20
N MET B 255 -21.84 -1.63 14.52
CA MET B 255 -21.10 -2.58 15.35
C MET B 255 -21.65 -4.00 15.23
N GLN B 256 -22.97 -4.15 15.02
CA GLN B 256 -23.54 -5.49 14.93
C GLN B 256 -23.05 -6.21 13.67
N ILE B 257 -22.96 -5.50 12.55
CA ILE B 257 -22.60 -6.14 11.28
C ILE B 257 -21.10 -6.25 11.08
N ARG B 258 -20.31 -5.42 11.77
CA ARG B 258 -18.87 -5.35 11.51
C ARG B 258 -18.21 -6.72 11.56
N GLY B 259 -18.32 -7.41 12.70
CA GLY B 259 -17.64 -8.67 12.87
C GLY B 259 -18.00 -9.69 11.80
N PHE B 260 -19.25 -9.69 11.35
CA PHE B 260 -19.65 -10.59 10.27
C PHE B 260 -19.06 -10.15 8.94
N VAL B 261 -18.99 -8.84 8.71
CA VAL B 261 -18.36 -8.34 7.48
C VAL B 261 -16.88 -8.72 7.46
N TYR B 262 -16.21 -8.64 8.60
CA TYR B 262 -14.79 -9.00 8.67
C TYR B 262 -14.54 -10.37 8.08
N PHE B 263 -15.36 -11.36 8.45
CA PHE B 263 -15.10 -12.72 8.02
C PHE B 263 -15.53 -12.98 6.58
N VAL B 264 -16.56 -12.29 6.10
CA VAL B 264 -16.93 -12.39 4.69
C VAL B 264 -15.82 -11.81 3.82
N GLU B 265 -15.43 -10.57 4.10
CA GLU B 265 -14.33 -9.96 3.35
C GLU B 265 -13.06 -10.80 3.43
N LEU B 266 -12.84 -11.46 4.56
CA LEU B 266 -11.69 -12.35 4.69
C LEU B 266 -11.78 -13.52 3.71
N LEU B 267 -12.98 -14.05 3.51
CA LEU B 267 -13.17 -15.09 2.50
C LEU B 267 -12.96 -14.52 1.10
N ALA B 268 -13.61 -13.40 0.80
CA ALA B 268 -13.43 -12.78 -0.51
C ALA B 268 -11.97 -12.43 -0.75
N ARG B 269 -11.26 -11.98 0.29
CA ARG B 269 -9.84 -11.68 0.14
C ARG B 269 -9.05 -12.93 -0.21
N ASN B 270 -9.31 -14.05 0.49
CA ASN B 270 -8.58 -15.28 0.20
C ASN B 270 -8.88 -15.79 -1.20
N ILE B 271 -10.09 -15.54 -1.70
CA ILE B 271 -10.40 -15.85 -3.10
C ILE B 271 -9.60 -14.95 -4.02
N CYS B 272 -9.68 -13.64 -3.80
CA CYS B 272 -9.04 -12.68 -4.70
C CYS B 272 -7.52 -12.85 -4.70
N GLU B 273 -6.94 -13.18 -3.55
CA GLU B 273 -5.50 -13.37 -3.48
C GLU B 273 -4.99 -14.36 -4.52
N ARG B 274 -5.85 -15.27 -4.99
CA ARG B 274 -5.44 -16.36 -5.87
C ARG B 274 -6.09 -16.29 -7.24
N LEU B 275 -6.72 -15.16 -7.60
CA LEU B 275 -7.30 -14.98 -8.93
C LEU B 275 -6.42 -14.00 -9.70
N GLU B 276 -5.91 -14.46 -10.86
CA GLU B 276 -5.03 -13.61 -11.67
C GLU B 276 -5.77 -12.38 -12.18
N GLN B 277 -7.08 -12.46 -12.35
CA GLN B 277 -7.86 -11.36 -12.92
C GLN B 277 -8.33 -10.35 -11.88
N SER B 278 -7.98 -10.52 -10.61
CA SER B 278 -8.38 -9.60 -9.56
C SER B 278 -7.30 -8.56 -9.33
N GLY B 279 -7.68 -7.28 -9.37
CA GLY B 279 -6.78 -6.23 -8.98
C GLY B 279 -6.58 -6.10 -7.49
N LEU B 280 -7.56 -6.57 -6.70
CA LEU B 280 -7.45 -6.53 -5.25
C LEU B 280 -6.86 -7.85 -4.73
N PRO B 281 -6.18 -7.81 -3.58
CA PRO B 281 -5.83 -6.67 -2.75
C PRO B 281 -4.39 -6.19 -2.95
N VAL B 282 -3.79 -6.52 -4.10
CA VAL B 282 -2.38 -6.24 -4.35
C VAL B 282 -2.18 -4.76 -4.56
N GLY B 283 -0.92 -4.32 -4.53
CA GLY B 283 -0.58 -2.92 -4.68
C GLY B 283 -0.34 -2.52 -6.12
N GLY B 284 0.08 -1.27 -6.29
CA GLY B 284 0.21 -0.67 -7.61
C GLY B 284 1.10 -1.44 -8.57
N ASN B 285 2.34 -1.70 -8.17
CA ASN B 285 3.27 -2.37 -9.08
C ASN B 285 2.81 -3.78 -9.41
N GLU B 286 2.17 -4.47 -8.48
CA GLU B 286 1.69 -5.82 -8.77
C GLU B 286 0.43 -5.79 -9.64
N LYS B 287 -0.41 -4.76 -9.50
CA LYS B 287 -1.51 -4.57 -10.44
C LYS B 287 -0.97 -4.49 -11.86
N LYS B 288 0.07 -3.68 -12.06
CA LYS B 288 0.65 -3.53 -13.40
C LYS B 288 1.29 -4.82 -13.88
N ALA B 289 1.85 -5.61 -12.98
CA ALA B 289 2.37 -6.92 -13.38
C ALA B 289 1.24 -7.84 -13.80
N LYS B 290 0.15 -7.87 -13.03
CA LYS B 290 -1.00 -8.70 -13.39
C LYS B 290 -1.58 -8.31 -14.74
N LEU B 291 -1.65 -7.00 -15.02
CA LEU B 291 -2.13 -6.56 -16.32
C LEU B 291 -1.17 -6.92 -17.43
N ALA B 292 0.14 -6.84 -17.16
CA ALA B 292 1.13 -7.25 -18.15
C ALA B 292 1.01 -8.73 -18.48
N ASN B 293 0.55 -9.53 -17.51
CA ASN B 293 0.50 -10.98 -17.71
C ASN B 293 -0.64 -11.37 -18.65
N VAL B 294 -1.81 -10.76 -18.50
CA VAL B 294 -2.93 -11.17 -19.34
C VAL B 294 -2.73 -10.69 -20.78
N ILE B 295 -2.08 -9.54 -20.97
CA ILE B 295 -1.67 -9.14 -22.31
C ILE B 295 -0.68 -10.16 -22.87
N LYS B 296 0.35 -10.48 -22.10
CA LYS B 296 1.29 -11.51 -22.50
C LYS B 296 0.59 -12.83 -22.78
N LYS B 297 -0.41 -13.17 -21.96
CA LYS B 297 -1.12 -14.43 -22.12
C LYS B 297 -2.08 -14.39 -23.30
N MET B 298 -2.78 -13.27 -23.49
CA MET B 298 -3.72 -13.16 -24.61
C MET B 298 -2.99 -13.20 -25.93
N MET B 299 -1.79 -12.61 -26.00
CA MET B 299 -1.05 -12.61 -27.25
C MET B 299 -0.46 -13.98 -27.57
N ALA B 300 -0.02 -14.70 -26.54
CA ALA B 300 0.57 -16.02 -26.75
C ALA B 300 -0.47 -17.04 -27.18
N LYS B 301 -1.73 -16.86 -26.77
CA LYS B 301 -2.79 -17.81 -27.07
C LYS B 301 -3.54 -17.48 -28.36
N SER B 302 -3.09 -16.48 -29.12
CA SER B 302 -3.76 -16.08 -30.35
C SER B 302 -2.86 -16.35 -31.55
N THR B 303 -3.49 -16.54 -32.70
CA THR B 303 -2.77 -16.76 -33.94
C THR B 303 -2.41 -15.42 -34.59
N ASP B 304 -1.46 -15.47 -35.52
CA ASP B 304 -1.08 -14.26 -36.24
C ASP B 304 -2.24 -13.68 -37.04
N GLU B 305 -3.30 -14.47 -37.28
CA GLU B 305 -4.44 -14.00 -38.04
C GLU B 305 -5.41 -13.18 -37.20
N GLU B 306 -5.38 -13.32 -35.87
CA GLU B 306 -6.43 -12.80 -35.01
C GLU B 306 -6.18 -11.34 -34.62
N LEU B 307 -7.23 -10.72 -34.09
CA LEU B 307 -7.23 -9.33 -33.66
C LEU B 307 -7.21 -9.23 -32.15
N SER B 308 -6.99 -8.02 -31.66
CA SER B 308 -7.05 -7.74 -30.23
C SER B 308 -7.45 -6.29 -30.02
N TYR B 309 -8.54 -6.08 -29.28
CA TYR B 309 -8.97 -4.77 -28.84
C TYR B 309 -9.04 -4.76 -27.32
N THR B 310 -8.90 -3.58 -26.72
CA THR B 310 -8.92 -3.43 -25.28
C THR B 310 -9.97 -2.40 -24.89
N ILE B 311 -10.82 -2.75 -23.94
CA ILE B 311 -11.80 -1.81 -23.38
C ILE B 311 -11.19 -1.17 -22.14
N THR B 312 -10.96 0.13 -22.20
CA THR B 312 -10.76 0.93 -21.00
C THR B 312 -12.13 1.09 -20.35
N GLY B 313 -12.36 0.41 -19.23
CA GLY B 313 -13.70 0.12 -18.76
C GLY B 313 -14.02 0.73 -17.42
N ASP B 314 -15.26 1.21 -17.29
CA ASP B 314 -15.81 1.73 -16.05
C ASP B 314 -17.25 1.26 -15.92
N ASN B 315 -17.61 0.73 -14.76
CA ASN B 315 -18.98 0.30 -14.51
C ASN B 315 -19.73 1.44 -13.82
N THR B 316 -20.84 1.88 -14.43
CA THR B 316 -21.63 2.95 -13.86
C THR B 316 -22.52 2.43 -12.74
N LYS B 317 -22.79 3.30 -11.77
CA LYS B 317 -23.62 2.96 -10.62
C LYS B 317 -23.30 1.55 -10.13
N TRP B 318 -22.08 1.38 -9.63
CA TRP B 318 -21.54 0.07 -9.28
C TRP B 318 -22.12 -0.44 -7.96
N ASN B 319 -22.07 0.37 -6.91
CA ASN B 319 -22.58 -0.06 -5.62
C ASN B 319 -24.10 -0.10 -5.61
N GLU B 320 -24.75 0.85 -6.30
CA GLU B 320 -26.20 0.93 -6.26
C GLU B 320 -26.86 -0.30 -6.86
N ASN B 321 -26.18 -1.02 -7.75
CA ASN B 321 -26.79 -2.11 -8.51
C ASN B 321 -26.21 -3.47 -8.17
N GLN B 322 -25.44 -3.60 -7.09
CA GLN B 322 -25.15 -4.90 -6.53
C GLN B 322 -26.16 -5.18 -5.41
N ASN B 323 -26.26 -6.46 -5.01
CA ASN B 323 -27.40 -6.85 -4.17
C ASN B 323 -26.99 -7.76 -3.00
N PRO B 324 -27.48 -7.47 -1.79
CA PRO B 324 -27.23 -8.41 -0.68
C PRO B 324 -27.68 -9.84 -0.96
N ARG B 325 -28.87 -9.99 -1.57
CA ARG B 325 -29.37 -11.33 -1.87
C ARG B 325 -28.42 -12.08 -2.79
N ILE B 326 -27.88 -11.39 -3.80
CA ILE B 326 -26.91 -12.02 -4.69
C ILE B 326 -25.64 -12.37 -3.92
N PHE B 327 -25.22 -11.51 -3.00
CA PHE B 327 -24.07 -11.82 -2.16
C PHE B 327 -24.33 -13.05 -1.31
N LEU B 328 -25.57 -13.25 -0.86
CA LEU B 328 -25.91 -14.47 -0.13
C LEU B 328 -25.76 -15.69 -1.02
N ALA B 329 -26.20 -15.59 -2.28
CA ALA B 329 -25.99 -16.67 -3.23
C ALA B 329 -24.51 -16.99 -3.38
N MET B 330 -23.68 -15.96 -3.62
CA MET B 330 -22.24 -16.17 -3.78
C MET B 330 -21.67 -16.89 -2.57
N VAL B 331 -21.92 -16.37 -1.36
CA VAL B 331 -21.34 -16.94 -0.16
C VAL B 331 -21.72 -18.40 -0.02
N LEU B 332 -23.00 -18.72 -0.24
CA LEU B 332 -23.46 -20.09 -0.06
C LEU B 332 -22.86 -21.03 -1.10
N ARG B 333 -22.68 -20.54 -2.33
CA ARG B 333 -22.08 -21.38 -3.36
C ARG B 333 -20.58 -21.57 -3.11
N ILE B 334 -19.89 -20.50 -2.72
CA ILE B 334 -18.47 -20.60 -2.42
C ILE B 334 -18.20 -21.50 -1.24
N THR B 335 -19.18 -21.66 -0.34
CA THR B 335 -19.03 -22.47 0.86
C THR B 335 -19.68 -23.85 0.74
N ALA B 336 -20.12 -24.23 -0.46
CA ALA B 336 -20.77 -25.52 -0.64
C ALA B 336 -19.88 -26.64 -0.11
N GLY B 337 -20.50 -27.58 0.62
CA GLY B 337 -19.79 -28.69 1.20
C GLY B 337 -19.07 -28.40 2.49
N GLN B 338 -19.16 -27.18 3.02
CA GLN B 338 -18.53 -26.81 4.27
C GLN B 338 -19.50 -26.95 5.42
N PRO B 339 -18.99 -27.01 6.66
CA PRO B 339 -19.88 -27.13 7.82
C PRO B 339 -20.95 -26.04 7.81
N GLU B 340 -22.18 -26.43 8.12
CA GLU B 340 -23.31 -25.52 7.98
C GLU B 340 -23.23 -24.35 8.96
N TRP B 341 -22.55 -24.51 10.08
CA TRP B 341 -22.35 -23.38 10.99
C TRP B 341 -21.49 -22.31 10.34
N PHE B 342 -20.45 -22.73 9.62
CA PHE B 342 -19.57 -21.79 8.94
C PHE B 342 -20.27 -21.12 7.77
N ARG B 343 -21.15 -21.84 7.08
CA ARG B 343 -21.93 -21.23 5.99
C ARG B 343 -22.91 -20.21 6.55
N ASP B 344 -23.63 -20.57 7.62
CA ASP B 344 -24.63 -19.67 8.19
C ASP B 344 -23.98 -18.48 8.88
N LEU B 345 -22.79 -18.67 9.46
CA LEU B 345 -22.08 -17.56 10.09
C LEU B 345 -21.75 -16.47 9.07
N LEU B 346 -21.16 -16.87 7.94
CA LEU B 346 -20.82 -15.89 6.92
C LEU B 346 -22.06 -15.28 6.27
N ALA B 347 -23.16 -16.04 6.21
CA ALA B 347 -24.38 -15.54 5.60
C ALA B 347 -25.04 -14.45 6.41
N VAL B 348 -24.58 -14.19 7.64
CA VAL B 348 -25.18 -13.14 8.46
C VAL B 348 -25.07 -11.79 7.78
N ALA B 349 -23.86 -11.42 7.37
CA ALA B 349 -23.66 -10.07 6.83
C ALA B 349 -24.48 -9.82 5.58
N PRO B 350 -24.53 -10.69 4.58
CA PRO B 350 -25.44 -10.45 3.44
C PRO B 350 -26.88 -10.25 3.87
N ILE B 351 -27.34 -11.01 4.87
CA ILE B 351 -28.73 -10.91 5.31
C ILE B 351 -28.99 -9.55 5.95
N MET B 352 -28.15 -9.16 6.91
CA MET B 352 -28.27 -7.84 7.50
C MET B 352 -28.24 -6.75 6.44
N PHE B 353 -27.41 -6.95 5.39
CA PHE B 353 -27.35 -5.99 4.31
C PHE B 353 -28.65 -5.95 3.52
N SER B 354 -29.36 -7.08 3.43
CA SER B 354 -30.63 -7.09 2.71
C SER B 354 -31.72 -6.35 3.48
N ASN B 355 -31.68 -6.41 4.80
CA ASN B 355 -32.61 -5.69 5.65
C ASN B 355 -31.98 -4.43 6.24
N LYS B 356 -31.04 -3.82 5.52
CA LYS B 356 -30.32 -2.67 6.04
C LYS B 356 -31.17 -1.42 5.95
N VAL B 357 -30.83 -0.44 6.78
CA VAL B 357 -31.54 0.82 6.87
C VAL B 357 -30.51 1.93 6.98
N ALA B 358 -30.74 3.04 6.29
CA ALA B 358 -29.76 4.11 6.17
C ALA B 358 -30.20 5.33 6.97
N ARG B 359 -29.30 5.81 7.83
CA ARG B 359 -29.52 7.11 8.46
C ARG B 359 -29.46 8.21 7.41
N LEU B 360 -30.34 9.20 7.53
CA LEU B 360 -30.48 10.23 6.51
C LEU B 360 -29.63 11.47 6.79
N GLY B 361 -28.84 11.48 7.86
CA GLY B 361 -27.85 12.51 8.05
C GLY B 361 -28.29 13.65 8.94
N ARG B 362 -27.54 14.75 8.84
CA ARG B 362 -27.76 15.90 9.71
C ARG B 362 -29.17 16.46 9.55
N GLY B 363 -29.66 16.54 8.31
CA GLY B 363 -30.97 17.12 8.04
C GLY B 363 -30.89 18.28 7.07
N TYR B 364 -31.37 19.45 7.49
CA TYR B 364 -31.27 20.65 6.67
C TYR B 364 -31.24 21.87 7.58
N MET B 365 -30.76 22.98 7.02
CA MET B 365 -30.78 24.28 7.69
C MET B 365 -31.68 25.23 6.91
N PHE B 366 -32.49 26.00 7.63
CA PHE B 366 -33.38 26.97 7.03
C PHE B 366 -32.94 28.39 7.38
N GLU B 367 -33.44 29.35 6.60
CA GLU B 367 -32.97 30.72 6.66
C GLU B 367 -34.12 31.67 6.37
N SER B 368 -34.21 32.75 7.14
CA SER B 368 -35.20 33.80 6.94
C SER B 368 -34.49 35.11 6.71
N LYS B 369 -34.64 35.66 5.50
CA LYS B 369 -33.97 36.92 5.17
C LYS B 369 -34.59 38.09 5.91
N SER B 370 -35.92 38.16 5.95
CA SER B 370 -36.60 39.25 6.64
C SER B 370 -36.24 39.27 8.12
N MET B 371 -36.27 38.11 8.78
CA MET B 371 -36.01 38.03 10.21
C MET B 371 -34.55 37.80 10.55
N HIS B 372 -33.73 37.41 9.58
CA HIS B 372 -32.30 37.20 9.78
C HIS B 372 -32.07 36.18 10.91
N LEU B 373 -32.56 34.97 10.69
CA LEU B 373 -32.35 33.88 11.63
C LEU B 373 -32.13 32.58 10.87
N ARG B 374 -31.53 31.61 11.56
CA ARG B 374 -31.24 30.29 11.01
C ARG B 374 -31.65 29.24 12.01
N THR B 375 -32.03 28.06 11.50
CA THR B 375 -32.47 26.98 12.37
C THR B 375 -32.09 25.64 11.77
N GLN B 376 -31.83 24.68 12.64
CA GLN B 376 -31.46 23.32 12.26
C GLN B 376 -32.66 22.40 12.39
N ILE B 377 -32.76 21.41 11.50
CA ILE B 377 -33.85 20.44 11.55
C ILE B 377 -33.31 19.06 11.26
N SER B 378 -33.63 18.13 12.14
CA SER B 378 -33.13 16.76 12.06
C SER B 378 -33.71 16.05 10.85
N ALA B 379 -33.04 14.98 10.44
CA ALA B 379 -33.58 14.13 9.38
C ALA B 379 -34.78 13.33 9.86
N GLU B 380 -34.86 13.07 11.17
CA GLU B 380 -36.05 12.43 11.72
C GLU B 380 -37.30 13.24 11.41
N ASN B 381 -37.18 14.58 11.45
CA ASN B 381 -38.32 15.45 11.22
C ASN B 381 -38.81 15.43 9.78
N LEU B 382 -38.12 14.76 8.87
CA LEU B 382 -38.54 14.77 7.47
C LEU B 382 -39.83 14.00 7.24
N SER B 383 -40.22 13.14 8.17
CA SER B 383 -41.53 12.50 8.09
C SER B 383 -42.64 13.48 8.50
N ASP B 384 -42.57 13.98 9.73
CA ASP B 384 -43.54 14.95 10.23
C ASP B 384 -43.75 16.22 9.42
N ILE B 385 -42.82 17.17 9.53
CA ILE B 385 -42.86 18.34 8.67
C ILE B 385 -43.51 18.90 7.42
N ASN B 386 -43.88 20.18 7.47
CA ASN B 386 -44.44 20.87 6.32
C ASN B 386 -43.39 21.01 5.22
N LEU B 387 -43.85 20.94 3.97
CA LEU B 387 -42.96 21.00 2.81
C LEU B 387 -42.89 22.39 2.19
N ARG B 388 -43.43 23.41 2.86
CA ARG B 388 -43.34 24.76 2.33
C ARG B 388 -41.91 25.29 2.39
N TYR B 389 -41.11 24.76 3.32
CA TYR B 389 -39.75 25.26 3.50
C TYR B 389 -38.85 24.95 2.31
N PHE B 390 -39.05 23.80 1.66
CA PHE B 390 -38.07 23.23 0.76
C PHE B 390 -38.26 23.71 -0.68
N ASN B 391 -37.15 23.65 -1.43
CA ASN B 391 -37.21 23.84 -2.87
C ASN B 391 -37.82 22.59 -3.53
N GLU B 392 -38.10 22.71 -4.82
CA GLU B 392 -38.88 21.68 -5.51
C GLU B 392 -38.15 20.34 -5.50
N ASP B 393 -36.89 20.32 -5.93
CA ASP B 393 -36.15 19.07 -6.01
C ASP B 393 -36.09 18.39 -4.65
N THR B 394 -35.77 19.15 -3.60
CA THR B 394 -35.71 18.56 -2.27
C THR B 394 -37.09 18.09 -1.81
N LYS B 395 -38.11 18.93 -2.03
CA LYS B 395 -39.47 18.52 -1.72
C LYS B 395 -39.79 17.17 -2.36
N LYS B 396 -39.59 17.05 -3.67
CA LYS B 396 -39.83 15.79 -4.37
C LYS B 396 -39.09 14.64 -3.69
N LYS B 397 -37.80 14.85 -3.41
CA LYS B 397 -37.02 13.79 -2.76
C LYS B 397 -37.66 13.35 -1.45
N ILE B 398 -38.19 14.30 -0.69
CA ILE B 398 -38.85 13.96 0.57
C ILE B 398 -40.16 13.20 0.30
N GLU B 399 -40.82 13.51 -0.80
CA GLU B 399 -42.03 12.81 -1.13
C GLU B 399 -41.80 11.32 -1.36
N LYS B 400 -40.69 10.97 -1.99
CA LYS B 400 -40.39 9.56 -2.26
C LYS B 400 -39.79 8.87 -1.04
N ILE B 401 -38.92 9.57 -0.31
CA ILE B 401 -38.27 8.95 0.84
C ILE B 401 -39.26 8.64 1.95
N ARG B 402 -40.39 9.34 2.00
CA ARG B 402 -41.36 9.10 3.06
C ARG B 402 -41.95 7.70 2.97
N HIS B 403 -42.16 7.20 1.75
CA HIS B 403 -42.67 5.84 1.59
C HIS B 403 -41.70 4.81 2.16
N LEU B 404 -40.41 5.12 2.20
CA LEU B 404 -39.39 4.20 2.71
C LEU B 404 -39.00 4.47 4.16
N MET B 405 -39.52 5.54 4.76
CA MET B 405 -39.04 5.96 6.07
C MET B 405 -39.48 4.99 7.16
N VAL B 406 -38.56 4.69 8.08
CA VAL B 406 -38.86 3.81 9.22
C VAL B 406 -38.09 4.29 10.44
N GLU B 407 -38.80 4.94 11.37
CA GLU B 407 -38.23 5.36 12.64
C GLU B 407 -36.94 6.15 12.45
N GLY B 408 -37.03 7.20 11.62
CA GLY B 408 -35.93 8.08 11.36
C GLY B 408 -35.05 7.69 10.19
N THR B 409 -34.96 6.39 9.91
CA THR B 409 -34.12 5.89 8.82
C THR B 409 -34.96 5.65 7.58
N ALA B 410 -34.26 5.39 6.47
CA ALA B 410 -34.88 5.03 5.21
C ALA B 410 -34.48 3.61 4.85
N SER B 411 -35.47 2.78 4.53
CA SER B 411 -35.19 1.40 4.19
C SER B 411 -34.49 1.31 2.84
N LEU B 412 -33.47 0.45 2.77
CA LEU B 412 -32.61 0.35 1.61
C LEU B 412 -32.26 -1.12 1.38
N SER B 413 -33.28 -1.93 1.10
CA SER B 413 -33.04 -3.36 0.86
C SER B 413 -32.17 -3.58 -0.36
N PRO B 414 -32.49 -3.06 -1.54
CA PRO B 414 -31.68 -3.33 -2.73
C PRO B 414 -30.38 -2.53 -2.69
N GLY B 415 -29.49 -2.87 -3.62
CA GLY B 415 -28.33 -2.06 -3.87
C GLY B 415 -27.30 -2.13 -2.74
N MET B 416 -26.25 -1.35 -2.93
CA MET B 416 -25.19 -1.18 -1.95
C MET B 416 -24.75 0.28 -1.97
N MET B 417 -24.09 0.70 -0.91
CA MET B 417 -23.60 2.07 -0.80
C MET B 417 -22.09 2.05 -0.60
N MET B 418 -21.42 3.03 -1.20
CA MET B 418 -19.97 3.12 -1.09
C MET B 418 -19.55 3.18 0.37
N GLY B 419 -18.55 2.36 0.73
CA GLY B 419 -18.04 2.33 2.08
C GLY B 419 -18.58 1.21 2.93
N MET B 420 -19.48 0.37 2.40
CA MET B 420 -20.07 -0.73 3.16
C MET B 420 -19.27 -2.02 3.05
N PHE B 421 -18.79 -2.33 1.85
CA PHE B 421 -18.38 -3.70 1.51
C PHE B 421 -17.33 -3.60 0.42
N ASN B 422 -16.32 -4.47 0.46
CA ASN B 422 -15.04 -4.19 -0.19
C ASN B 422 -14.76 -5.06 -1.41
N MET B 423 -14.67 -6.38 -1.25
CA MET B 423 -14.01 -7.23 -2.24
C MET B 423 -14.90 -8.28 -2.89
N LEU B 424 -16.05 -8.61 -2.30
CA LEU B 424 -16.87 -9.67 -2.86
C LEU B 424 -17.47 -9.27 -4.20
N SER B 425 -17.69 -7.97 -4.42
CA SER B 425 -18.22 -7.51 -5.69
C SER B 425 -17.20 -7.66 -6.81
N THR B 426 -15.91 -7.62 -6.48
CA THR B 426 -14.88 -7.87 -7.48
C THR B 426 -14.87 -9.34 -7.90
N VAL B 427 -15.14 -10.25 -6.96
CA VAL B 427 -15.23 -11.66 -7.30
C VAL B 427 -16.32 -11.89 -8.32
N LEU B 428 -17.41 -11.12 -8.27
CA LEU B 428 -18.45 -11.22 -9.27
C LEU B 428 -17.93 -10.75 -10.63
N GLY B 429 -17.32 -9.57 -10.67
CA GLY B 429 -16.77 -9.08 -11.92
C GLY B 429 -15.73 -10.02 -12.51
N VAL B 430 -14.85 -10.56 -11.66
CA VAL B 430 -13.84 -11.49 -12.13
C VAL B 430 -14.49 -12.72 -12.74
N SER B 431 -15.57 -13.22 -12.14
CA SER B 431 -16.23 -14.41 -12.66
C SER B 431 -16.73 -14.18 -14.08
N VAL B 432 -17.05 -12.93 -14.43
CA VAL B 432 -17.42 -12.63 -15.81
C VAL B 432 -16.19 -12.63 -16.70
N LEU B 433 -15.09 -12.06 -16.21
CA LEU B 433 -13.83 -12.13 -16.96
C LEU B 433 -13.44 -13.58 -17.21
N ASN B 434 -13.59 -14.43 -16.19
CA ASN B 434 -13.23 -15.83 -16.31
C ASN B 434 -14.09 -16.59 -17.30
N LEU B 435 -15.27 -16.06 -17.64
CA LEU B 435 -16.15 -16.73 -18.59
C LEU B 435 -15.60 -16.69 -20.01
N GLY B 436 -14.67 -15.78 -20.30
CA GLY B 436 -14.19 -15.56 -21.65
C GLY B 436 -13.15 -16.54 -22.15
N GLN B 437 -12.80 -17.54 -21.36
CA GLN B 437 -11.85 -18.54 -21.83
C GLN B 437 -12.31 -19.15 -23.15
N ARG B 438 -11.35 -19.46 -24.02
CA ARG B 438 -11.68 -20.10 -25.29
C ARG B 438 -12.48 -21.38 -25.07
N GLU B 439 -12.10 -22.16 -24.05
CA GLU B 439 -12.69 -23.47 -23.82
C GLU B 439 -14.11 -23.41 -23.28
N ILE B 440 -14.57 -22.25 -22.83
CA ILE B 440 -15.95 -22.06 -22.38
C ILE B 440 -16.82 -21.46 -23.48
N LEU B 441 -16.36 -20.38 -24.09
CA LEU B 441 -17.16 -19.69 -25.11
C LEU B 441 -17.22 -20.50 -26.40
N LYS B 442 -16.07 -20.97 -26.87
CA LYS B 442 -16.00 -21.75 -28.11
C LYS B 442 -16.59 -21.01 -29.31
N ARG B 443 -16.58 -19.68 -29.27
CA ARG B 443 -17.06 -18.88 -30.38
C ARG B 443 -15.87 -18.45 -31.24
N THR B 444 -16.08 -17.43 -32.07
CA THR B 444 -15.00 -16.80 -32.81
C THR B 444 -14.23 -15.77 -32.00
N TYR B 445 -14.66 -15.48 -30.78
CA TYR B 445 -14.03 -14.49 -29.91
C TYR B 445 -13.75 -15.12 -28.55
N TRP B 446 -13.06 -14.34 -27.71
CA TRP B 446 -12.69 -14.75 -26.36
C TRP B 446 -12.03 -13.55 -25.69
N TRP B 447 -12.02 -13.55 -24.35
CA TRP B 447 -11.52 -12.40 -23.64
C TRP B 447 -10.88 -12.80 -22.32
N ASP B 448 -10.17 -11.83 -21.74
CA ASP B 448 -9.56 -11.90 -20.42
C ASP B 448 -9.38 -10.46 -19.95
N GLY B 449 -8.85 -10.28 -18.75
CA GLY B 449 -8.57 -8.94 -18.28
C GLY B 449 -8.37 -8.89 -16.77
N LEU B 450 -8.40 -7.66 -16.26
CA LEU B 450 -8.23 -7.40 -14.84
C LEU B 450 -9.37 -6.51 -14.35
N GLN B 451 -9.70 -6.65 -13.07
CA GLN B 451 -10.81 -5.89 -12.49
C GLN B 451 -10.52 -5.59 -11.03
N SER B 452 -10.86 -4.37 -10.62
CA SER B 452 -10.88 -3.99 -9.21
C SER B 452 -12.07 -3.07 -9.01
N SER B 453 -13.02 -3.50 -8.17
CA SER B 453 -14.28 -2.77 -7.93
C SER B 453 -14.88 -2.41 -9.29
N ASP B 454 -15.27 -1.15 -9.52
CA ASP B 454 -15.98 -0.76 -10.73
C ASP B 454 -15.08 -0.56 -11.94
N ASP B 455 -13.77 -0.64 -11.76
CA ASP B 455 -12.82 -0.40 -12.84
C ASP B 455 -12.34 -1.72 -13.41
N PHE B 456 -12.27 -1.80 -14.74
CA PHE B 456 -11.84 -3.02 -15.39
C PHE B 456 -11.15 -2.68 -16.70
N ALA B 457 -10.24 -3.56 -17.10
CA ALA B 457 -9.64 -3.56 -18.43
C ALA B 457 -9.93 -4.92 -19.06
N LEU B 458 -10.52 -4.89 -20.25
CA LEU B 458 -10.95 -6.11 -20.93
C LEU B 458 -10.25 -6.20 -22.28
N ILE B 459 -9.63 -7.36 -22.53
CA ILE B 459 -8.98 -7.64 -23.80
C ILE B 459 -9.83 -8.66 -24.53
N ILE B 460 -10.34 -8.27 -25.71
CA ILE B 460 -11.14 -9.15 -26.54
C ILE B 460 -10.34 -9.48 -27.79
N ASN B 461 -10.16 -10.77 -28.06
CA ASN B 461 -9.50 -11.23 -29.26
C ASN B 461 -10.50 -11.96 -30.15
N GLY B 462 -10.29 -11.85 -31.46
CA GLY B 462 -11.17 -12.46 -32.43
C GLY B 462 -10.54 -12.44 -33.80
N HIS B 463 -11.23 -13.09 -34.73
CA HIS B 463 -10.69 -13.23 -36.08
C HIS B 463 -10.94 -11.99 -36.94
N PHE B 464 -12.04 -11.29 -36.69
CA PHE B 464 -12.37 -10.09 -37.47
C PHE B 464 -13.04 -9.07 -36.56
N LYS B 465 -13.07 -7.82 -37.02
CA LYS B 465 -13.59 -6.74 -36.19
C LYS B 465 -15.02 -7.02 -35.73
N GLU B 466 -15.81 -7.73 -36.55
CA GLU B 466 -17.18 -8.04 -36.13
C GLU B 466 -17.20 -9.05 -35.00
N ASP B 467 -16.22 -9.95 -34.93
CA ASP B 467 -16.11 -10.84 -33.78
C ASP B 467 -15.96 -10.04 -32.50
N ILE B 468 -15.20 -8.95 -32.54
CA ILE B 468 -15.02 -8.11 -31.36
C ILE B 468 -16.37 -7.59 -30.89
N GLN B 469 -17.18 -7.08 -31.82
CA GLN B 469 -18.51 -6.59 -31.48
C GLN B 469 -19.33 -7.66 -30.79
N GLN B 470 -19.32 -8.89 -31.32
CA GLN B 470 -20.04 -9.99 -30.69
C GLN B 470 -19.58 -10.17 -29.26
N GLY B 471 -18.27 -10.16 -29.03
CA GLY B 471 -17.75 -10.35 -27.68
C GLY B 471 -18.12 -9.22 -26.75
N VAL B 472 -18.08 -7.98 -27.23
CA VAL B 472 -18.48 -6.84 -26.42
C VAL B 472 -19.93 -7.02 -25.97
N ASN B 473 -20.83 -7.25 -26.92
CA ASN B 473 -22.23 -7.44 -26.58
C ASN B 473 -22.41 -8.62 -25.64
N HIS B 474 -21.72 -9.73 -25.90
CA HIS B 474 -21.85 -10.90 -25.03
C HIS B 474 -21.34 -10.59 -23.63
N PHE B 475 -20.19 -9.93 -23.53
CA PHE B 475 -19.70 -9.46 -22.23
C PHE B 475 -20.68 -8.47 -21.62
N TYR B 476 -21.06 -7.45 -22.38
CA TYR B 476 -21.95 -6.41 -21.86
C TYR B 476 -23.25 -7.00 -21.33
N ARG B 477 -23.87 -7.91 -22.08
CA ARG B 477 -25.18 -8.43 -21.71
C ARG B 477 -25.07 -9.44 -20.57
N THR B 478 -24.01 -10.25 -20.55
CA THR B 478 -23.80 -11.14 -19.41
C THR B 478 -23.59 -10.35 -18.13
N CYS B 479 -22.89 -9.21 -18.22
CA CYS B 479 -22.74 -8.34 -17.06
C CYS B 479 -24.09 -7.81 -16.61
N LYS B 480 -24.95 -7.46 -17.56
CA LYS B 480 -26.29 -6.97 -17.20
C LYS B 480 -27.07 -8.05 -16.45
N LEU B 481 -26.91 -9.32 -16.85
CA LEU B 481 -27.66 -10.40 -16.23
C LEU B 481 -27.29 -10.62 -14.77
N VAL B 482 -26.25 -9.97 -14.27
CA VAL B 482 -25.87 -10.07 -12.87
C VAL B 482 -25.79 -8.69 -12.19
N GLY B 483 -26.43 -7.70 -12.79
CA GLY B 483 -26.53 -6.39 -12.17
C GLY B 483 -25.33 -5.49 -12.36
N ILE B 484 -24.43 -5.82 -13.28
CA ILE B 484 -23.27 -4.98 -13.57
C ILE B 484 -23.57 -4.19 -14.83
N ASN B 485 -23.32 -2.88 -14.78
CA ASN B 485 -23.69 -1.96 -15.85
C ASN B 485 -22.43 -1.23 -16.33
N MET B 486 -21.88 -1.68 -17.45
CA MET B 486 -20.75 -0.99 -18.04
C MET B 486 -21.18 0.40 -18.51
N SER B 487 -20.42 1.41 -18.13
CA SER B 487 -20.70 2.77 -18.60
C SER B 487 -20.39 2.87 -20.08
N GLN B 488 -21.38 3.28 -20.87
CA GLN B 488 -21.15 3.58 -22.26
C GLN B 488 -20.66 5.01 -22.47
N LYS B 489 -20.86 5.88 -21.48
CA LYS B 489 -20.33 7.23 -21.58
C LYS B 489 -18.83 7.25 -21.34
N LYS B 490 -18.34 6.44 -20.39
CA LYS B 490 -16.98 6.58 -19.88
C LYS B 490 -16.07 5.40 -20.23
N SER B 491 -16.61 4.33 -20.80
CA SER B 491 -15.77 3.27 -21.35
C SER B 491 -15.58 3.50 -22.84
N TYR B 492 -14.44 3.03 -23.35
CA TYR B 492 -14.19 3.08 -24.78
C TYR B 492 -13.27 1.92 -25.14
N ILE B 493 -13.03 1.75 -26.44
CA ILE B 493 -12.32 0.59 -26.96
C ILE B 493 -11.35 1.03 -28.05
N ASN B 494 -10.25 0.30 -28.17
CA ASN B 494 -9.29 0.50 -29.24
C ASN B 494 -8.43 -0.75 -29.36
N LYS B 495 -7.74 -0.85 -30.49
CA LYS B 495 -6.81 -1.96 -30.69
C LYS B 495 -5.83 -2.05 -29.52
N THR B 496 -5.59 -3.27 -29.06
CA THR B 496 -4.71 -3.48 -27.93
C THR B 496 -3.36 -2.82 -28.17
N GLY B 497 -2.89 -2.09 -27.16
CA GLY B 497 -1.64 -1.36 -27.27
C GLY B 497 -1.60 -0.20 -26.30
N THR B 498 -2.74 0.47 -26.12
CA THR B 498 -2.91 1.50 -25.11
C THR B 498 -4.23 1.25 -24.38
N PHE B 499 -4.24 1.57 -23.09
CA PHE B 499 -5.46 1.51 -22.30
C PHE B 499 -5.22 2.28 -21.00
N GLU B 500 -6.25 2.33 -20.17
CA GLU B 500 -6.19 2.98 -18.87
C GLU B 500 -6.83 2.09 -17.83
N PHE B 501 -6.32 2.16 -16.60
CA PHE B 501 -6.82 1.32 -15.52
C PHE B 501 -6.46 1.96 -14.19
N THR B 502 -7.46 2.46 -13.48
CA THR B 502 -7.28 3.14 -12.20
C THR B 502 -6.13 4.13 -12.26
N SER B 503 -6.20 5.01 -13.25
CA SER B 503 -5.23 6.09 -13.42
C SER B 503 -3.83 5.60 -13.74
N PHE B 504 -3.66 4.32 -14.03
CA PHE B 504 -2.45 3.84 -14.68
C PHE B 504 -2.64 3.97 -16.18
N PHE B 505 -1.58 4.39 -16.87
CA PHE B 505 -1.64 4.64 -18.30
C PHE B 505 -0.66 3.71 -19.01
N TYR B 506 -1.19 2.83 -19.84
CA TYR B 506 -0.40 1.88 -20.61
C TYR B 506 -0.26 2.40 -22.03
N ARG B 507 0.99 2.46 -22.52
CA ARG B 507 1.28 2.82 -23.90
C ARG B 507 2.41 1.89 -24.34
N TYR B 508 2.04 0.66 -24.71
CA TYR B 508 3.01 -0.37 -25.04
C TYR B 508 3.91 -0.67 -23.85
N GLY B 509 3.34 -0.53 -22.66
CA GLY B 509 4.08 -0.59 -21.40
C GLY B 509 3.54 0.55 -20.56
N PHE B 510 3.57 0.35 -19.24
CA PHE B 510 3.05 1.37 -18.35
C PHE B 510 3.99 2.57 -18.29
N VAL B 511 3.42 3.76 -18.32
CA VAL B 511 4.19 5.00 -18.22
C VAL B 511 3.93 5.62 -16.86
N ALA B 512 4.50 6.80 -16.62
CA ALA B 512 4.44 7.43 -15.31
C ALA B 512 3.23 8.33 -15.18
N ASN B 513 2.64 8.35 -13.98
CA ASN B 513 1.59 9.30 -13.61
C ASN B 513 2.02 9.94 -12.29
N PHE B 514 2.97 10.89 -12.39
CA PHE B 514 3.53 11.49 -11.20
C PHE B 514 2.57 12.44 -10.51
N SER B 515 1.73 13.15 -11.28
CA SER B 515 0.86 14.15 -10.68
C SER B 515 -0.15 13.51 -9.71
N MET B 516 -0.49 12.24 -9.93
CA MET B 516 -1.32 11.51 -8.98
C MET B 516 -0.75 11.62 -7.56
N GLU B 517 0.57 11.71 -7.43
CA GLU B 517 1.24 11.68 -6.14
C GLU B 517 1.57 13.06 -5.59
N LEU B 518 1.30 14.12 -6.35
CA LEU B 518 1.66 15.46 -5.90
C LEU B 518 1.14 15.80 -4.50
N PRO B 519 -0.11 15.52 -4.14
CA PRO B 519 -0.58 15.90 -2.81
C PRO B 519 0.21 15.27 -1.67
N SER B 520 0.92 14.16 -1.92
CA SER B 520 1.73 13.53 -0.87
C SER B 520 3.07 14.21 -0.66
N PHE B 521 3.45 15.15 -1.53
CA PHE B 521 4.66 15.93 -1.34
C PHE B 521 4.35 17.10 -0.40
N GLY B 522 4.89 17.05 0.80
CA GLY B 522 4.63 18.07 1.79
C GLY B 522 4.86 17.52 3.19
N VAL B 523 4.53 18.35 4.17
CA VAL B 523 4.70 18.01 5.57
C VAL B 523 3.47 17.23 6.03
N ALA B 524 3.69 15.98 6.45
CA ALA B 524 2.57 15.07 6.70
C ALA B 524 1.74 15.48 7.91
N GLY B 525 2.35 16.16 8.88
CA GLY B 525 1.64 16.60 10.05
C GLY B 525 1.53 15.59 11.18
N ASN B 526 2.43 14.61 11.24
CA ASN B 526 2.47 13.68 12.36
C ASN B 526 3.32 14.26 13.51
N ASN B 527 4.59 14.50 13.23
CA ASN B 527 5.48 15.23 14.14
C ASN B 527 6.80 15.43 13.41
N GLU B 528 7.73 16.10 14.08
CA GLU B 528 9.00 16.44 13.44
C GLU B 528 9.78 15.19 13.04
N SER B 529 9.72 14.14 13.85
CA SER B 529 10.47 12.93 13.55
C SER B 529 9.84 12.17 12.39
N ALA B 530 8.56 11.82 12.52
CA ALA B 530 7.89 11.05 11.47
C ALA B 530 7.89 11.80 10.15
N ASP B 531 7.62 13.12 10.19
CA ASP B 531 7.48 13.88 8.95
C ASP B 531 8.77 13.84 8.12
N MET B 532 9.92 14.00 8.77
CA MET B 532 11.18 13.97 8.05
C MET B 532 11.38 12.63 7.34
N SER B 533 11.13 11.53 8.07
CA SER B 533 11.24 10.20 7.46
C SER B 533 10.20 10.02 6.37
N ILE B 534 8.98 10.48 6.59
CA ILE B 534 7.92 10.35 5.58
C ILE B 534 8.28 11.16 4.34
N GLY B 535 8.75 12.39 4.54
CA GLY B 535 9.02 13.27 3.41
C GLY B 535 10.12 12.73 2.52
N THR B 536 11.26 12.34 3.12
CA THR B 536 12.34 11.78 2.32
C THR B 536 11.93 10.49 1.62
N THR B 537 11.05 9.70 2.24
CA THR B 537 10.64 8.43 1.64
C THR B 537 9.67 8.64 0.48
N VAL B 538 8.79 9.64 0.59
CA VAL B 538 7.91 9.97 -0.54
C VAL B 538 8.74 10.27 -1.78
N ILE B 539 9.75 11.13 -1.64
CA ILE B 539 10.64 11.42 -2.76
C ILE B 539 11.26 10.13 -3.29
N LYS B 540 11.74 9.28 -2.38
CA LYS B 540 12.45 8.07 -2.79
C LYS B 540 11.55 7.16 -3.63
N THR B 541 10.37 6.82 -3.09
CA THR B 541 9.51 5.86 -3.78
C THR B 541 8.98 6.38 -5.11
N ASN B 542 8.91 7.70 -5.28
CA ASN B 542 8.49 8.25 -6.55
C ASN B 542 9.60 8.21 -7.59
N MET B 543 10.86 8.38 -7.16
CA MET B 543 11.98 8.12 -8.08
C MET B 543 11.90 6.71 -8.63
N ILE B 544 11.50 5.75 -7.81
CA ILE B 544 11.44 4.35 -8.23
C ILE B 544 10.19 4.09 -9.07
N ASN B 545 9.04 4.56 -8.60
CA ASN B 545 7.76 4.08 -9.11
C ASN B 545 7.08 5.03 -10.10
N ASN B 546 7.48 6.31 -10.16
CA ASN B 546 6.77 7.25 -11.02
C ASN B 546 7.71 8.21 -11.74
N ASP B 547 8.93 7.76 -12.05
CA ASP B 547 9.82 8.49 -12.95
C ASP B 547 10.11 9.91 -12.46
N LEU B 548 10.28 10.06 -11.15
CA LEU B 548 10.69 11.34 -10.58
C LEU B 548 12.18 11.50 -10.83
N GLY B 549 12.54 12.37 -11.78
CA GLY B 549 13.92 12.52 -12.19
C GLY B 549 14.82 13.03 -11.08
N PRO B 550 16.13 12.82 -11.25
CA PRO B 550 17.05 13.20 -10.16
C PRO B 550 17.12 14.68 -9.88
N ALA B 551 17.01 15.53 -10.90
CA ALA B 551 17.04 16.97 -10.67
C ALA B 551 15.81 17.43 -9.90
N THR B 552 14.62 17.02 -10.36
CA THR B 552 13.40 17.39 -9.66
C THR B 552 13.37 16.81 -8.24
N ALA B 553 13.89 15.59 -8.07
CA ALA B 553 13.93 15.00 -6.74
C ALA B 553 14.81 15.79 -5.80
N GLN B 554 15.97 16.26 -6.29
CA GLN B 554 16.80 17.15 -5.49
C GLN B 554 16.03 18.39 -5.06
N MET B 555 15.31 19.01 -5.99
CA MET B 555 14.52 20.18 -5.66
C MET B 555 13.35 19.84 -4.75
N ALA B 556 12.79 18.64 -4.89
CA ALA B 556 11.75 18.18 -3.97
C ALA B 556 12.29 18.08 -2.55
N ILE B 557 13.57 17.72 -2.39
CA ILE B 557 14.20 17.79 -1.07
C ILE B 557 14.25 19.23 -0.59
N GLN B 558 14.77 20.12 -1.44
CA GLN B 558 14.89 21.53 -1.06
C GLN B 558 13.55 22.11 -0.64
N LEU B 559 12.49 21.78 -1.38
CA LEU B 559 11.18 22.35 -1.07
C LEU B 559 10.61 21.75 0.21
N PHE B 560 10.77 20.44 0.41
CA PHE B 560 10.28 19.82 1.64
C PHE B 560 10.98 20.38 2.87
N ILE B 561 12.30 20.60 2.78
CA ILE B 561 13.01 21.19 3.91
C ILE B 561 12.49 22.58 4.20
N LYS B 562 12.25 23.38 3.15
CA LYS B 562 11.65 24.70 3.32
C LYS B 562 10.31 24.60 4.02
N ASP B 563 9.43 23.72 3.52
CA ASP B 563 8.11 23.54 4.12
C ASP B 563 8.22 23.02 5.55
N TYR B 564 9.10 22.04 5.77
CA TYR B 564 9.30 21.48 7.10
C TYR B 564 9.81 22.53 8.09
N ARG B 565 10.74 23.38 7.65
CA ARG B 565 11.31 24.38 8.55
C ARG B 565 10.29 25.44 8.93
N TYR B 566 9.49 25.92 7.97
CA TYR B 566 8.48 26.92 8.28
C TYR B 566 7.37 26.33 9.15
N THR B 567 6.85 25.15 8.77
CA THR B 567 5.74 24.55 9.51
C THR B 567 6.07 24.41 10.98
N TYR B 568 7.24 23.86 11.30
CA TYR B 568 7.63 23.58 12.68
C TYR B 568 8.51 24.69 13.27
N ARG B 569 8.58 25.85 12.63
CA ARG B 569 9.36 27.00 13.11
C ARG B 569 10.76 26.56 13.54
N CYS B 570 11.35 25.64 12.79
CA CYS B 570 12.68 25.14 13.14
C CYS B 570 13.70 25.52 12.07
N HIS B 571 13.78 26.80 11.76
CA HIS B 571 14.77 27.29 10.80
C HIS B 571 16.17 27.08 11.35
N ARG B 572 17.16 27.17 10.46
CA ARG B 572 18.53 26.86 10.84
C ARG B 572 19.02 27.85 11.89
N GLY B 573 19.92 27.37 12.76
CA GLY B 573 20.35 28.11 13.92
C GLY B 573 21.08 29.40 13.62
N ASP B 574 21.48 29.62 12.37
CA ASP B 574 22.16 30.86 11.98
C ASP B 574 21.28 31.75 11.11
N THR B 575 19.96 31.58 11.17
CA THR B 575 19.08 32.44 10.41
C THR B 575 18.82 33.74 11.14
N ASN B 576 18.45 34.77 10.37
CA ASN B 576 18.01 36.03 10.92
C ASN B 576 16.49 36.10 11.07
N LEU B 577 15.78 35.04 10.69
CA LEU B 577 14.34 34.99 10.93
C LEU B 577 14.06 35.10 12.43
N GLU B 578 12.82 35.45 12.75
CA GLU B 578 12.39 35.60 14.14
C GLU B 578 11.05 34.89 14.30
N THR B 579 11.05 33.81 15.09
CA THR B 579 9.85 33.07 15.43
C THR B 579 9.82 32.88 16.93
N ARG B 580 8.80 32.16 17.41
CA ARG B 580 8.75 31.81 18.83
C ARG B 580 9.88 30.87 19.23
N ARG B 581 10.54 30.22 18.26
CA ARG B 581 11.54 29.21 18.55
C ARG B 581 12.97 29.63 18.23
N THR B 582 13.17 30.77 17.57
CA THR B 582 14.51 31.13 17.10
C THR B 582 15.50 31.28 18.26
N LYS B 583 15.05 31.87 19.37
CA LYS B 583 15.97 32.14 20.47
C LYS B 583 16.48 30.86 21.11
N SER B 584 15.57 29.94 21.45
CA SER B 584 16.01 28.69 22.06
C SER B 584 16.85 27.87 21.09
N ILE B 585 16.49 27.90 19.81
CA ILE B 585 17.29 27.18 18.80
C ILE B 585 18.64 27.87 18.62
N LYS B 586 18.67 29.20 18.71
CA LYS B 586 19.93 29.93 18.66
C LYS B 586 20.85 29.51 19.80
N ARG B 587 20.31 29.40 21.01
CA ARG B 587 21.10 28.95 22.15
C ARG B 587 21.75 27.60 21.85
N LEU B 588 20.94 26.64 21.39
CA LEU B 588 21.46 25.32 21.03
C LEU B 588 22.54 25.42 19.96
N TRP B 589 22.38 26.35 19.02
CA TRP B 589 23.33 26.48 17.92
C TRP B 589 24.70 26.93 18.42
N THR B 590 24.74 28.01 19.19
CA THR B 590 26.03 28.52 19.68
C THR B 590 26.68 27.58 20.67
N GLU B 591 25.88 26.84 21.45
CA GLU B 591 26.41 25.91 22.44
C GLU B 591 26.91 24.62 21.82
N THR B 592 26.62 24.37 20.56
CA THR B 592 26.96 23.11 19.90
C THR B 592 28.29 23.24 19.16
N ILE B 593 29.12 22.19 19.26
CA ILE B 593 30.42 22.18 18.62
C ILE B 593 30.33 21.61 17.20
N SER B 594 29.69 20.46 17.05
CA SER B 594 29.48 19.84 15.74
C SER B 594 28.07 20.20 15.28
N LYS B 595 27.96 21.30 14.55
CA LYS B 595 26.65 21.77 14.10
C LYS B 595 26.00 20.77 13.15
N ALA B 596 26.81 20.12 12.30
CA ALA B 596 26.27 19.20 11.31
C ALA B 596 25.50 18.04 11.94
N GLY B 597 25.68 17.81 13.25
CA GLY B 597 24.95 16.76 13.94
C GLY B 597 23.58 17.16 14.44
N LEU B 598 23.29 18.46 14.48
CA LEU B 598 21.98 18.91 14.90
C LEU B 598 20.92 18.50 13.87
N LEU B 599 19.84 17.89 14.35
CA LEU B 599 18.72 17.60 13.46
C LEU B 599 18.16 18.90 12.89
N VAL B 600 17.50 18.79 11.74
CA VAL B 600 16.84 19.94 11.15
C VAL B 600 15.85 20.55 12.14
N ALA B 601 15.13 19.70 12.88
CA ALA B 601 14.18 20.18 13.87
C ALA B 601 14.86 20.90 15.03
N ASP B 602 16.19 20.85 15.12
CA ASP B 602 16.94 21.53 16.17
C ASP B 602 17.86 22.59 15.58
N GLY B 603 17.46 23.18 14.44
CA GLY B 603 18.24 24.24 13.82
C GLY B 603 19.41 23.75 13.00
N GLY B 604 19.44 22.48 12.63
CA GLY B 604 20.58 21.91 11.94
C GLY B 604 20.44 21.92 10.44
N PRO B 605 21.51 21.57 9.74
CA PRO B 605 21.49 21.57 8.28
C PRO B 605 20.79 20.35 7.71
N ASN B 606 20.37 20.48 6.45
CA ASN B 606 19.78 19.35 5.73
C ASN B 606 20.90 18.44 5.25
N PRO B 607 20.93 17.17 5.68
CA PRO B 607 21.96 16.25 5.19
C PRO B 607 21.62 15.57 3.88
N TYR B 608 20.39 15.69 3.41
CA TYR B 608 19.87 14.75 2.42
C TYR B 608 20.24 15.15 0.99
N ASN B 609 20.58 14.13 0.20
CA ASN B 609 20.67 14.23 -1.25
C ASN B 609 20.03 12.96 -1.80
N LEU B 610 20.22 12.69 -3.09
CA LEU B 610 19.64 11.48 -3.68
C LEU B 610 20.07 10.23 -2.93
N ARG B 611 21.37 10.08 -2.67
CA ARG B 611 21.91 8.84 -2.12
C ARG B 611 21.43 8.57 -0.69
N ASN B 612 21.04 9.56 0.10
CA ASN B 612 20.68 9.14 1.45
C ASN B 612 19.22 9.22 1.84
N LEU B 613 18.33 9.27 0.86
CA LEU B 613 16.91 9.36 1.21
C LEU B 613 16.42 8.20 2.05
N HIS B 614 17.10 7.05 2.02
CA HIS B 614 16.62 5.87 2.74
C HIS B 614 17.23 5.72 4.12
N ILE B 615 18.03 6.67 4.57
CA ILE B 615 18.68 6.61 5.89
C ILE B 615 17.95 7.59 6.81
N PRO B 616 17.38 7.14 7.93
CA PRO B 616 16.73 8.08 8.85
C PRO B 616 17.70 9.15 9.32
N GLU B 617 17.14 10.31 9.69
CA GLU B 617 17.96 11.48 9.96
C GLU B 617 18.91 11.23 11.13
N VAL B 618 18.37 10.76 12.27
CA VAL B 618 19.20 10.52 13.45
C VAL B 618 20.34 9.58 13.11
N CYS B 619 20.02 8.48 12.43
CA CYS B 619 21.06 7.54 12.02
C CYS B 619 22.10 8.22 11.13
N LEU B 620 21.65 9.12 10.26
CA LEU B 620 22.55 9.78 9.31
C LEU B 620 23.48 10.76 9.99
N LYS B 621 23.05 11.37 11.09
CA LYS B 621 23.82 12.39 11.79
C LYS B 621 24.48 11.87 13.07
N TRP B 622 24.27 10.59 13.39
CA TRP B 622 24.74 10.04 14.67
C TRP B 622 26.22 10.35 14.91
N SER B 623 27.08 10.06 13.93
CA SER B 623 28.51 10.23 14.11
C SER B 623 28.88 11.69 14.40
N LEU B 624 28.05 12.63 13.96
CA LEU B 624 28.40 14.05 14.00
C LEU B 624 27.81 14.77 15.20
N MET B 625 27.11 14.07 16.08
CA MET B 625 26.40 14.73 17.17
C MET B 625 27.32 14.98 18.36
N ASP B 626 27.19 16.18 18.94
CA ASP B 626 27.74 16.42 20.26
C ASP B 626 27.22 15.36 21.23
N PRO B 627 28.07 14.71 22.01
CA PRO B 627 27.59 13.63 22.90
C PRO B 627 26.43 14.03 23.79
N ASP B 628 26.46 15.23 24.37
CA ASP B 628 25.40 15.61 25.31
C ASP B 628 24.09 15.92 24.59
N TYR B 629 24.17 16.52 23.40
CA TYR B 629 22.97 16.72 22.60
C TYR B 629 22.32 15.38 22.27
N ARG B 630 23.12 14.44 21.78
CA ARG B 630 22.60 13.11 21.45
C ARG B 630 22.00 12.43 22.68
N GLY B 631 22.65 12.58 23.83
CA GLY B 631 22.13 12.00 25.06
C GLY B 631 20.80 12.60 25.47
N ARG B 632 20.61 13.90 25.23
CA ARG B 632 19.33 14.53 25.50
C ARG B 632 18.29 14.16 24.45
N LEU B 633 18.67 14.24 23.17
CA LEU B 633 17.77 13.94 22.07
C LEU B 633 17.10 12.58 22.25
N CYS B 634 17.90 11.53 22.48
CA CYS B 634 17.40 10.16 22.53
C CYS B 634 17.20 9.67 23.96
N ASN B 635 17.04 10.57 24.91
CA ASN B 635 16.89 10.19 26.31
C ASN B 635 15.60 9.39 26.50
N PRO B 636 15.66 8.11 26.88
CA PRO B 636 14.42 7.32 26.97
C PRO B 636 13.48 7.77 28.07
N ASN B 637 13.92 8.66 28.97
CA ASN B 637 13.09 9.14 30.06
C ASN B 637 12.40 10.47 29.73
N ASN B 638 12.44 10.90 28.47
CA ASN B 638 11.91 12.20 28.13
C ASN B 638 10.38 12.19 28.18
N PRO B 639 9.76 13.31 28.55
CA PRO B 639 8.30 13.35 28.75
C PRO B 639 7.47 13.61 27.51
N PHE B 640 8.04 13.55 26.31
CA PHE B 640 7.33 13.95 25.10
C PHE B 640 6.72 12.80 24.33
N VAL B 641 7.26 11.59 24.45
CA VAL B 641 6.82 10.47 23.63
C VAL B 641 5.61 9.79 24.26
N HIS B 642 4.75 9.23 23.40
CA HIS B 642 3.67 8.35 23.83
C HIS B 642 4.15 6.91 23.66
N HIS B 643 4.46 6.25 24.77
CA HIS B 643 4.89 4.85 24.70
C HIS B 643 3.72 3.98 24.25
N MET B 644 3.62 3.79 22.94
CA MET B 644 2.51 3.05 22.35
C MET B 644 2.82 1.55 22.33
N GLU B 645 1.91 0.79 21.72
CA GLU B 645 2.16 -0.62 21.48
C GLU B 645 3.18 -0.79 20.35
N VAL B 646 3.77 -1.99 20.29
CA VAL B 646 4.68 -2.31 19.20
C VAL B 646 3.94 -2.24 17.87
N GLU B 647 2.74 -2.82 17.81
CA GLU B 647 2.02 -2.92 16.55
C GLU B 647 1.65 -1.56 15.97
N SER B 648 1.62 -0.51 16.79
CA SER B 648 1.31 0.84 16.33
C SER B 648 2.49 1.79 16.52
N THR B 649 3.70 1.25 16.55
CA THR B 649 4.91 2.06 16.62
C THR B 649 5.36 2.41 15.20
N ASN B 650 5.76 3.67 15.02
CA ASN B 650 6.21 4.16 13.72
C ASN B 650 5.14 3.98 12.64
N LEU B 651 3.88 4.25 13.00
CA LEU B 651 2.77 4.19 12.07
C LEU B 651 2.15 5.58 11.92
N ALA B 652 1.86 5.96 10.69
CA ALA B 652 1.03 7.11 10.38
C ALA B 652 -0.15 6.65 9.54
N VAL B 653 -1.09 7.56 9.32
CA VAL B 653 -2.23 7.30 8.45
C VAL B 653 -2.16 8.26 7.27
N VAL B 654 -2.39 7.73 6.08
CA VAL B 654 -2.28 8.51 4.84
C VAL B 654 -3.41 8.09 3.91
N MET B 655 -3.80 9.02 3.04
CA MET B 655 -4.90 8.79 2.09
C MET B 655 -4.40 8.96 0.67
N PRO B 656 -4.37 7.91 -0.17
CA PRO B 656 -4.00 8.10 -1.57
C PRO B 656 -5.04 8.88 -2.36
N GLY B 659 -7.85 4.23 -2.21
CA GLY B 659 -8.26 3.28 -1.19
C GLY B 659 -9.15 3.91 -0.13
N PRO B 660 -9.44 3.16 0.92
CA PRO B 660 -10.26 3.72 2.01
C PRO B 660 -9.45 4.63 2.92
N ALA B 661 -8.45 4.07 3.60
CA ALA B 661 -7.57 4.82 4.49
C ALA B 661 -6.55 3.89 5.10
N LYS B 662 -5.34 3.86 4.54
CA LYS B 662 -4.34 2.88 4.91
C LYS B 662 -3.32 3.47 5.87
N SER B 663 -2.60 2.59 6.55
CA SER B 663 -1.57 2.99 7.50
C SER B 663 -0.21 2.99 6.81
N LEU B 664 0.58 4.02 7.10
CA LEU B 664 1.90 4.22 6.51
C LEU B 664 2.95 4.01 7.59
N GLU B 665 3.82 3.03 7.40
CA GLU B 665 4.92 2.79 8.32
C GLU B 665 6.16 3.54 7.85
N TYR B 666 6.90 4.11 8.81
CA TYR B 666 8.10 4.89 8.52
C TYR B 666 9.24 4.42 9.41
N ASP B 667 10.45 4.86 9.06
CA ASP B 667 11.66 4.48 9.77
C ASP B 667 12.21 5.71 10.51
N ALA B 668 12.28 5.63 11.83
CA ALA B 668 12.76 6.77 12.61
C ALA B 668 13.19 6.31 14.00
N VAL B 669 14.18 7.02 14.54
CA VAL B 669 14.61 6.81 15.92
C VAL B 669 13.69 7.58 16.85
N ALA B 670 13.34 6.96 17.98
CA ALA B 670 12.49 7.64 18.95
C ALA B 670 13.30 8.71 19.68
N THR B 671 12.84 9.95 19.58
CA THR B 671 13.55 11.08 20.18
C THR B 671 12.52 12.00 20.83
N THR B 672 12.99 13.15 21.32
CA THR B 672 12.11 14.18 21.83
C THR B 672 11.20 14.75 20.75
N HIS B 673 11.53 14.49 19.48
CA HIS B 673 10.72 14.97 18.37
C HIS B 673 9.59 14.02 18.00
N SER B 674 9.53 12.85 18.64
CA SER B 674 8.46 11.88 18.41
C SER B 674 7.22 12.19 19.23
N TRP B 675 6.84 13.46 19.32
CA TRP B 675 5.76 13.90 20.20
C TRP B 675 4.41 13.84 19.50
N THR B 676 3.36 14.08 20.27
CA THR B 676 2.00 14.04 19.77
C THR B 676 1.31 15.39 20.00
N PRO B 677 0.58 15.91 19.01
CA PRO B 677 -0.10 17.18 19.20
C PRO B 677 -1.30 17.05 20.13
N LYS B 678 -1.78 18.19 20.62
CA LYS B 678 -2.86 18.19 21.59
C LYS B 678 -4.13 17.62 20.98
N ARG B 679 -4.96 17.02 21.84
CA ARG B 679 -6.23 16.45 21.43
C ARG B 679 -7.26 17.55 21.21
N ASN B 680 -8.27 17.23 20.40
CA ASN B 680 -9.41 18.12 20.26
C ASN B 680 -10.21 18.17 21.54
N ARG B 681 -10.78 19.34 21.85
CA ARG B 681 -11.42 19.59 23.14
C ARG B 681 -12.89 19.97 23.01
N SER B 682 -13.48 19.86 21.83
CA SER B 682 -14.86 20.29 21.66
C SER B 682 -15.81 19.47 22.53
N ILE B 683 -15.46 18.22 22.84
CA ILE B 683 -16.33 17.35 23.60
C ILE B 683 -16.61 17.90 24.99
N LEU B 684 -15.75 18.81 25.50
CA LEU B 684 -15.95 19.37 26.82
C LEU B 684 -17.25 20.16 26.93
N ASN B 685 -17.83 20.58 25.80
CA ASN B 685 -19.07 21.36 25.80
C ASN B 685 -20.29 20.50 25.47
N THR B 686 -20.18 19.18 25.62
CA THR B 686 -21.25 18.27 25.19
C THR B 686 -21.62 17.34 26.33
N ASN B 687 -22.64 16.50 26.08
CA ASN B 687 -23.06 15.50 27.06
C ASN B 687 -22.08 14.34 27.16
N GLN B 688 -21.21 14.17 26.16
CA GLN B 688 -20.24 13.08 26.15
C GLN B 688 -18.99 13.41 26.97
N ARG B 689 -18.92 14.60 27.55
CA ARG B 689 -17.81 15.07 28.37
C ARG B 689 -17.16 13.96 29.20
N GLY B 690 -17.98 13.12 29.84
CA GLY B 690 -17.45 12.15 30.78
C GLY B 690 -16.54 11.12 30.13
N ILE B 691 -16.71 10.87 28.83
CA ILE B 691 -15.88 9.89 28.14
C ILE B 691 -14.40 10.16 28.39
N LEU B 692 -14.02 11.43 28.52
CA LEU B 692 -12.62 11.76 28.77
C LEU B 692 -12.15 11.18 30.10
N GLU B 693 -12.99 11.26 31.13
CA GLU B 693 -12.62 10.70 32.43
C GLU B 693 -12.53 9.18 32.35
N ASP B 694 -13.52 8.54 31.71
CA ASP B 694 -13.44 7.09 31.50
C ASP B 694 -12.11 6.72 30.87
N GLU B 695 -11.73 7.41 29.79
CA GLU B 695 -10.44 7.17 29.16
C GLU B 695 -9.29 7.42 30.13
N ARG B 696 -9.39 8.49 30.92
CA ARG B 696 -8.35 8.77 31.91
C ARG B 696 -8.22 7.63 32.92
N ILE B 697 -9.35 7.08 33.36
CA ILE B 697 -9.30 5.99 34.32
C ILE B 697 -8.80 4.71 33.66
N TYR B 698 -9.36 4.37 32.49
CA TYR B 698 -8.92 3.17 31.78
C TYR B 698 -7.41 3.17 31.53
N GLN B 699 -6.83 4.35 31.27
CA GLN B 699 -5.42 4.40 30.91
C GLN B 699 -4.51 4.10 32.10
N LYS B 700 -4.87 4.61 33.28
CA LYS B 700 -4.06 4.30 34.46
C LYS B 700 -4.19 2.82 34.83
N CYS B 701 -5.36 2.24 34.65
CA CYS B 701 -5.52 0.81 34.89
C CYS B 701 -4.60 0.00 33.98
N CYS B 702 -4.55 0.36 32.69
CA CYS B 702 -3.66 -0.35 31.77
C CYS B 702 -2.20 0.02 32.03
N GLN B 703 -1.95 1.22 32.54
CA GLN B 703 -0.57 1.62 32.85
C GLN B 703 0.01 0.76 33.96
N VAL B 704 -0.80 0.46 34.99
CA VAL B 704 -0.29 -0.31 36.13
C VAL B 704 -0.21 -1.79 35.79
N PHE B 705 -1.17 -2.30 35.01
CA PHE B 705 -1.10 -3.68 34.55
C PHE B 705 0.21 -3.94 33.82
N GLU B 706 0.63 -3.00 32.98
CA GLU B 706 1.84 -3.18 32.18
C GLU B 706 3.10 -3.17 33.04
N LYS B 707 3.02 -2.67 34.27
CA LYS B 707 4.15 -2.81 35.19
C LYS B 707 4.27 -4.23 35.73
N PHE B 708 3.17 -4.98 35.76
CA PHE B 708 3.20 -6.38 36.13
C PHE B 708 3.30 -7.31 34.92
N PHE B 709 2.92 -6.84 33.74
CA PHE B 709 2.99 -7.63 32.50
C PHE B 709 3.62 -6.77 31.40
N PRO B 710 4.93 -6.54 31.48
CA PRO B 710 5.58 -5.69 30.47
C PRO B 710 5.35 -6.13 29.05
N SER B 711 5.19 -7.43 28.80
CA SER B 711 5.05 -7.92 27.42
C SER B 711 3.70 -7.60 26.82
N SER B 712 2.76 -7.05 27.60
CA SER B 712 1.45 -6.71 27.06
C SER B 712 1.51 -5.55 26.07
N THR B 713 2.61 -4.78 26.08
CA THR B 713 2.81 -3.74 25.08
C THR B 713 3.32 -4.29 23.76
N TYR B 714 3.68 -5.58 23.70
CA TYR B 714 4.13 -6.23 22.48
C TYR B 714 3.13 -7.27 21.98
N ARG B 715 2.63 -8.12 22.87
CA ARG B 715 1.68 -9.16 22.53
C ARG B 715 0.49 -9.06 23.47
N ARG B 716 -0.70 -8.83 22.92
CA ARG B 716 -1.89 -8.74 23.74
C ARG B 716 -2.02 -9.97 24.62
N PRO B 717 -2.17 -9.81 25.94
CA PRO B 717 -2.32 -10.98 26.80
C PRO B 717 -3.72 -11.59 26.69
N ILE B 718 -3.76 -12.92 26.80
CA ILE B 718 -4.99 -13.68 26.72
C ILE B 718 -5.34 -14.18 28.12
N GLY B 719 -6.63 -14.23 28.42
CA GLY B 719 -7.07 -14.73 29.71
C GLY B 719 -8.45 -14.28 30.12
N MET B 720 -9.21 -15.18 30.72
CA MET B 720 -10.55 -14.87 31.24
C MET B 720 -10.52 -14.37 32.68
N ALA B 721 -9.37 -14.45 33.36
CA ALA B 721 -9.29 -14.02 34.74
C ALA B 721 -9.35 -12.49 34.83
N SER B 722 -9.43 -12.01 36.06
CA SER B 722 -9.54 -10.58 36.31
C SER B 722 -8.20 -9.88 36.12
N MET B 723 -8.27 -8.60 35.75
CA MET B 723 -7.07 -7.78 35.66
C MET B 723 -6.39 -7.66 37.00
N LEU B 724 -7.17 -7.54 38.08
CA LEU B 724 -6.61 -7.42 39.42
C LEU B 724 -6.04 -8.75 39.90
N ASP B 725 -6.79 -9.83 39.72
CA ASP B 725 -6.32 -11.15 40.16
C ASP B 725 -5.03 -11.53 39.45
N ALA B 726 -4.93 -11.23 38.16
CA ALA B 726 -3.70 -11.54 37.42
C ALA B 726 -2.53 -10.75 37.97
N MET B 727 -2.73 -9.45 38.24
CA MET B 727 -1.66 -8.65 38.82
C MET B 727 -1.27 -9.19 40.20
N LEU B 728 -2.26 -9.54 41.02
CA LEU B 728 -1.96 -10.10 42.33
C LEU B 728 -1.17 -11.39 42.23
N SER B 729 -1.63 -12.31 41.36
CA SER B 729 -0.88 -13.55 41.15
C SER B 729 0.56 -13.26 40.74
N ARG B 730 0.76 -12.25 39.89
CA ARG B 730 2.11 -11.90 39.46
C ARG B 730 2.90 -11.26 40.59
N ALA B 731 2.22 -10.46 41.43
CA ALA B 731 2.91 -9.80 42.53
C ALA B 731 3.46 -10.80 43.53
N ARG B 732 2.69 -11.85 43.84
CA ARG B 732 3.10 -12.81 44.85
C ARG B 732 4.37 -13.56 44.41
N ILE B 733 4.38 -14.04 43.17
CA ILE B 733 5.49 -14.87 42.73
C ILE B 733 6.70 -14.02 42.35
N ASP B 734 6.49 -12.80 41.85
CA ASP B 734 7.62 -11.91 41.61
C ASP B 734 8.37 -11.62 42.90
N ALA B 735 7.63 -11.30 43.97
CA ALA B 735 8.26 -11.11 45.27
C ALA B 735 8.96 -12.40 45.73
N ARG B 736 8.44 -13.55 45.33
CA ARG B 736 9.02 -14.82 45.75
C ARG B 736 10.44 -14.98 45.24
N ILE B 737 10.61 -15.02 43.92
CA ILE B 737 11.93 -15.28 43.35
C ILE B 737 12.85 -14.08 43.57
N ASP B 738 12.30 -12.87 43.67
CA ASP B 738 13.13 -11.70 43.95
C ASP B 738 13.88 -11.82 45.28
N LEU B 739 13.39 -12.67 46.18
CA LEU B 739 14.08 -12.94 47.44
C LEU B 739 14.66 -14.35 47.49
N GLU B 740 13.81 -15.37 47.32
CA GLU B 740 14.23 -16.76 47.45
C GLU B 740 15.60 -17.02 46.83
N SER B 741 15.81 -16.56 45.59
CA SER B 741 17.06 -16.73 44.88
C SER B 741 17.40 -15.41 44.19
N GLY B 742 17.70 -14.38 44.99
CA GLY B 742 17.96 -13.08 44.43
C GLY B 742 18.54 -12.05 45.36
N ARG B 743 17.91 -10.89 45.43
CA ARG B 743 18.51 -9.71 46.04
C ARG B 743 17.41 -8.78 46.56
N ILE B 744 16.49 -9.33 47.36
CA ILE B 744 15.51 -8.53 48.08
C ILE B 744 15.35 -9.16 49.46
N SER B 745 15.15 -8.32 50.47
CA SER B 745 15.25 -8.74 51.86
C SER B 745 14.05 -9.58 52.28
N SER B 746 14.17 -10.22 53.44
CA SER B 746 13.12 -11.08 53.95
C SER B 746 11.92 -10.28 54.43
N GLN B 747 12.16 -9.16 55.12
CA GLN B 747 11.06 -8.35 55.60
C GLN B 747 10.24 -7.77 54.45
N ASP B 748 10.86 -7.56 53.29
CA ASP B 748 10.15 -6.98 52.16
C ASP B 748 9.18 -7.98 51.53
N PHE B 749 9.52 -9.26 51.53
CA PHE B 749 8.59 -10.28 51.03
C PHE B 749 7.27 -10.22 51.78
N SER B 750 7.33 -10.10 53.11
CA SER B 750 6.12 -9.98 53.90
C SER B 750 5.45 -8.63 53.71
N GLU B 751 6.25 -7.58 53.43
CA GLU B 751 5.67 -6.26 53.19
C GLU B 751 4.82 -6.24 51.92
N ILE B 752 5.18 -7.03 50.91
CA ILE B 752 4.42 -7.08 49.68
C ILE B 752 3.22 -8.00 49.82
N THR B 753 3.44 -9.24 50.28
CA THR B 753 2.35 -10.21 50.38
C THR B 753 1.28 -9.74 51.36
N ASN B 754 1.65 -8.95 52.36
CA ASN B 754 0.63 -8.34 53.22
C ASN B 754 -0.25 -7.40 52.42
N THR B 755 0.35 -6.62 51.52
CA THR B 755 -0.42 -5.69 50.69
C THR B 755 -1.31 -6.45 49.72
N CYS B 756 -0.81 -7.55 49.17
CA CYS B 756 -1.65 -8.39 48.31
C CYS B 756 -2.82 -8.98 49.10
N LYS B 757 -2.57 -9.32 50.37
CA LYS B 757 -3.67 -9.76 51.24
C LYS B 757 -4.62 -8.60 51.53
N ALA B 758 -4.07 -7.43 51.85
CA ALA B 758 -4.90 -6.25 52.04
C ALA B 758 -5.74 -5.95 50.80
N ILE B 759 -5.13 -6.05 49.61
CA ILE B 759 -5.86 -5.82 48.37
C ILE B 759 -6.91 -6.91 48.16
N GLU B 760 -6.54 -8.16 48.40
CA GLU B 760 -7.49 -9.26 48.22
C GLU B 760 -8.71 -9.08 49.12
N ALA B 761 -8.54 -8.44 50.27
CA ALA B 761 -9.65 -8.21 51.18
C ALA B 761 -10.63 -7.20 50.61
N LEU B 762 -10.12 -6.15 49.96
CA LEU B 762 -10.97 -5.15 49.33
C LEU B 762 -11.73 -5.70 48.12
N LYS B 763 -11.60 -6.98 47.82
CA LYS B 763 -12.41 -7.65 46.80
C LYS B 763 -11.96 -7.26 45.39
N SER C 8 12.79 -3.52 42.85
CA SER C 8 12.09 -3.70 44.16
C SER C 8 10.77 -4.44 44.00
N GLY C 9 9.88 -3.86 43.21
CA GLY C 9 8.50 -4.31 43.19
C GLY C 9 7.67 -3.80 44.34
N MET C 10 8.18 -2.80 45.07
CA MET C 10 7.53 -2.28 46.27
C MET C 10 6.58 -1.14 45.95
N GLU C 11 7.02 -0.17 45.14
CA GLU C 11 6.20 0.99 44.82
C GLU C 11 5.16 0.70 43.74
N ARG C 12 5.21 -0.46 43.09
CA ARG C 12 4.17 -0.82 42.13
C ARG C 12 2.96 -1.46 42.81
N ILE C 13 3.19 -2.33 43.78
CA ILE C 13 2.07 -2.88 44.54
C ILE C 13 1.49 -1.82 45.46
N LYS C 14 2.29 -0.84 45.87
CA LYS C 14 1.79 0.25 46.70
C LYS C 14 0.79 1.10 45.93
N GLU C 15 1.14 1.48 44.70
CA GLU C 15 0.22 2.27 43.88
C GLU C 15 -1.03 1.47 43.49
N LEU C 16 -0.90 0.15 43.35
CA LEU C 16 -2.07 -0.68 43.08
C LEU C 16 -3.09 -0.56 44.21
N MET C 17 -2.64 -0.72 45.46
CA MET C 17 -3.54 -0.60 46.59
C MET C 17 -4.20 0.77 46.62
N GLU C 18 -3.43 1.83 46.35
CA GLU C 18 -4.00 3.17 46.30
C GLU C 18 -5.06 3.27 45.20
N MET C 19 -4.84 2.59 44.08
CA MET C 19 -5.84 2.56 43.02
C MET C 19 -7.03 1.70 43.43
N VAL C 20 -6.78 0.58 44.11
CA VAL C 20 -7.87 -0.28 44.55
C VAL C 20 -8.71 0.40 45.62
N LYS C 21 -8.15 1.38 46.32
CA LYS C 21 -8.98 2.20 47.21
C LYS C 21 -10.11 2.86 46.45
N ASN C 22 -9.82 3.39 45.26
CA ASN C 22 -10.82 4.08 44.46
C ASN C 22 -11.87 3.09 43.97
N SER C 23 -13.14 3.34 44.33
CA SER C 23 -14.21 2.44 43.91
C SER C 23 -14.35 2.41 42.39
N ARG C 24 -14.04 3.52 41.72
CA ARG C 24 -14.09 3.55 40.26
C ARG C 24 -13.09 2.55 39.67
N MET C 25 -11.84 2.60 40.14
CA MET C 25 -10.80 1.75 39.58
C MET C 25 -10.97 0.30 40.02
N ARG C 26 -11.32 0.07 41.28
CA ARG C 26 -11.52 -1.30 41.75
C ARG C 26 -12.69 -1.96 41.04
N GLU C 27 -13.71 -1.17 40.68
CA GLU C 27 -14.76 -1.67 39.80
C GLU C 27 -14.18 -2.21 38.51
N ILE C 28 -13.36 -1.39 37.84
CA ILE C 28 -12.83 -1.76 36.53
C ILE C 28 -11.85 -2.91 36.64
N LEU C 29 -10.93 -2.84 37.62
CA LEU C 29 -9.88 -3.83 37.74
C LEU C 29 -10.41 -5.23 38.08
N THR C 30 -11.62 -5.32 38.64
CA THR C 30 -12.22 -6.62 38.95
C THR C 30 -13.19 -7.09 37.88
N THR C 31 -13.96 -6.18 37.28
CA THR C 31 -14.98 -6.57 36.32
C THR C 31 -14.37 -6.95 34.97
N THR C 32 -13.50 -6.10 34.43
CA THR C 32 -12.95 -6.32 33.11
C THR C 32 -11.81 -7.34 33.17
N SER C 33 -11.89 -8.35 32.31
CA SER C 33 -10.93 -9.44 32.29
C SER C 33 -9.65 -9.00 31.56
N VAL C 34 -8.67 -9.91 31.52
CA VAL C 34 -7.46 -9.66 30.75
C VAL C 34 -7.80 -9.56 29.26
N ASP C 35 -8.61 -10.49 28.76
CA ASP C 35 -9.08 -10.40 27.38
C ASP C 35 -9.65 -9.02 27.09
N HIS C 36 -10.53 -8.54 27.96
CA HIS C 36 -11.23 -7.29 27.73
C HIS C 36 -10.35 -6.07 27.92
N MET C 37 -9.18 -6.22 28.53
CA MET C 37 -8.33 -5.06 28.77
C MET C 37 -7.76 -4.49 27.47
N ALA C 38 -7.58 -5.34 26.46
CA ALA C 38 -7.17 -4.85 25.15
C ALA C 38 -8.22 -3.91 24.56
N VAL C 39 -9.48 -4.11 24.91
CA VAL C 39 -10.55 -3.25 24.41
C VAL C 39 -10.53 -1.90 25.12
N ILE C 40 -10.54 -1.90 26.46
CA ILE C 40 -10.58 -0.65 27.19
C ILE C 40 -9.27 0.12 27.03
N LYS C 41 -8.17 -0.56 26.72
CA LYS C 41 -6.90 0.15 26.49
C LYS C 41 -7.03 1.11 25.31
N LYS C 42 -7.79 0.74 24.30
CA LYS C 42 -7.96 1.54 23.10
C LYS C 42 -9.26 2.35 23.10
N TYR C 43 -9.89 2.50 24.27
CA TYR C 43 -11.11 3.29 24.38
C TYR C 43 -10.75 4.77 24.40
N THR C 44 -11.18 5.50 23.38
CA THR C 44 -10.82 6.92 23.27
C THR C 44 -11.92 7.72 22.60
N SER C 45 -12.03 8.98 23.00
CA SER C 45 -12.85 9.94 22.28
C SER C 45 -12.19 10.46 21.01
N GLY C 46 -10.86 10.37 20.92
CA GLY C 46 -10.14 10.97 19.81
C GLY C 46 -10.29 10.19 18.53
N ARG C 47 -10.71 10.87 17.46
CA ARG C 47 -10.76 10.26 16.15
C ARG C 47 -9.37 10.20 15.54
N GLN C 48 -9.24 9.36 14.52
CA GLN C 48 -8.08 9.42 13.65
C GLN C 48 -8.16 10.71 12.83
N GLU C 49 -7.11 11.54 12.91
CA GLU C 49 -7.11 12.80 12.20
C GLU C 49 -7.24 12.56 10.70
N LYS C 50 -8.20 13.24 10.07
CA LYS C 50 -8.43 13.07 8.64
C LYS C 50 -7.42 13.85 7.81
N ASN C 51 -7.17 15.10 8.18
CA ASN C 51 -6.25 15.98 7.45
C ASN C 51 -5.13 16.43 8.39
N PRO C 52 -4.20 15.53 8.71
CA PRO C 52 -3.12 15.91 9.63
C PRO C 52 -2.24 17.02 9.11
N ALA C 53 -2.02 17.12 7.81
CA ALA C 53 -1.20 18.21 7.27
C ALA C 53 -1.82 19.55 7.60
N LEU C 54 -3.14 19.67 7.45
CA LEU C 54 -3.82 20.91 7.82
C LEU C 54 -3.72 21.16 9.32
N ARG C 55 -4.10 20.18 10.13
CA ARG C 55 -4.18 20.39 11.57
C ARG C 55 -2.83 20.83 12.14
N MET C 56 -1.73 20.27 11.64
CA MET C 56 -0.43 20.63 12.18
C MET C 56 -0.06 22.06 11.85
N LYS C 57 -0.32 22.49 10.61
CA LYS C 57 -0.10 23.90 10.26
C LYS C 57 -0.97 24.81 11.12
N TRP C 58 -2.22 24.40 11.37
CA TRP C 58 -3.10 25.16 12.26
C TRP C 58 -2.56 25.15 13.69
N MET C 59 -2.14 23.99 14.18
CA MET C 59 -1.75 23.87 15.58
C MET C 59 -0.35 24.43 15.86
N MET C 60 0.57 24.36 14.91
CA MET C 60 1.89 24.94 15.13
C MET C 60 1.86 26.45 15.25
N ALA C 61 0.73 27.09 14.92
CA ALA C 61 0.59 28.52 15.17
C ALA C 61 0.20 28.81 16.61
N MET C 62 -0.25 27.80 17.36
CA MET C 62 -0.67 27.98 18.73
C MET C 62 0.53 28.00 19.67
N LYS C 63 0.30 28.49 20.89
CA LYS C 63 1.36 28.59 21.88
C LYS C 63 1.74 27.21 22.43
N TYR C 64 0.75 26.40 22.77
CA TYR C 64 0.97 25.14 23.49
C TYR C 64 0.30 24.00 22.74
N PRO C 65 0.86 23.60 21.59
CA PRO C 65 0.27 22.53 20.79
C PRO C 65 0.73 21.12 21.10
N ILE C 66 1.77 20.94 21.92
CA ILE C 66 2.32 19.63 22.21
C ILE C 66 1.83 19.17 23.57
N SER C 67 1.47 17.89 23.66
CA SER C 67 1.10 17.27 24.94
C SER C 67 2.27 16.45 25.45
N ALA C 68 2.45 16.45 26.76
CA ALA C 68 3.60 15.79 27.36
C ALA C 68 3.24 15.35 28.77
N SER C 69 3.96 14.32 29.25
CA SER C 69 3.74 13.82 30.60
C SER C 69 3.81 14.94 31.61
N SER C 70 2.90 14.91 32.59
CA SER C 70 2.83 15.98 33.58
C SER C 70 4.14 16.12 34.35
N ARG C 71 4.91 15.03 34.48
CA ARG C 71 6.19 15.11 35.17
C ARG C 71 7.16 16.06 34.48
N ILE C 72 6.84 16.53 33.27
CA ILE C 72 7.67 17.54 32.62
C ILE C 72 7.78 18.77 33.51
N ARG C 73 6.77 19.03 34.34
CA ARG C 73 6.77 20.21 35.19
C ARG C 73 7.81 20.13 36.29
N GLU C 74 8.27 18.92 36.64
CA GLU C 74 9.35 18.76 37.60
C GLU C 74 10.72 18.75 36.93
N MET C 75 10.77 18.50 35.62
CA MET C 75 12.03 18.25 34.92
C MET C 75 12.59 19.48 34.22
N ILE C 76 11.74 20.35 33.68
CA ILE C 76 12.21 21.55 32.98
C ILE C 76 11.52 22.77 33.57
N PRO C 77 12.13 23.95 33.50
CA PRO C 77 11.52 25.12 34.15
C PRO C 77 10.27 25.60 33.44
N GLU C 78 9.40 26.27 34.20
CA GLU C 78 8.18 26.84 33.63
C GLU C 78 8.49 27.91 32.59
N LYS C 79 9.62 28.61 32.74
CA LYS C 79 10.03 29.61 31.78
C LYS C 79 11.53 29.48 31.55
N ASP C 80 11.95 29.66 30.30
CA ASP C 80 13.35 29.55 29.95
C ASP C 80 14.03 30.91 30.13
N GLU C 81 15.32 30.96 29.77
CA GLU C 81 16.11 32.16 30.01
C GLU C 81 15.60 33.35 29.22
N ASP C 82 14.96 33.12 28.08
CA ASP C 82 14.44 34.20 27.26
C ASP C 82 13.02 34.60 27.62
N GLY C 83 12.40 33.92 28.58
CA GLY C 83 11.05 34.25 29.02
C GLY C 83 9.95 33.43 28.39
N ASN C 84 10.28 32.49 27.51
CA ASN C 84 9.26 31.66 26.87
C ASN C 84 8.63 30.72 27.90
N THR C 85 7.31 30.67 27.91
CA THR C 85 6.61 29.64 28.68
C THR C 85 6.82 28.28 28.01
N LEU C 86 7.33 27.32 28.76
CA LEU C 86 7.65 26.00 28.22
C LEU C 86 6.55 24.98 28.46
N TRP C 87 5.89 25.03 29.60
CA TRP C 87 4.77 24.14 29.87
C TRP C 87 3.69 24.92 30.62
N THR C 88 2.47 24.36 30.60
CA THR C 88 1.35 24.90 31.33
C THR C 88 0.70 23.78 32.13
N ASN C 89 -0.32 24.12 32.91
CA ASN C 89 -1.01 23.15 33.75
C ASN C 89 -2.27 22.61 33.10
N THR C 90 -2.60 23.04 31.88
CA THR C 90 -3.80 22.55 31.21
C THR C 90 -3.63 21.08 30.85
N LYS C 91 -4.58 20.26 31.29
CA LYS C 91 -4.54 18.83 31.00
C LYS C 91 -5.03 18.56 29.59
N ASP C 92 -4.32 17.70 28.88
CA ASP C 92 -4.74 17.28 27.55
C ASP C 92 -6.01 16.45 27.66
N ALA C 93 -6.91 16.63 26.69
CA ALA C 93 -8.20 15.97 26.73
C ALA C 93 -8.03 14.46 26.74
N GLY C 94 -8.49 13.81 27.82
CA GLY C 94 -8.50 12.37 27.91
C GLY C 94 -7.32 11.76 28.64
N SER C 95 -6.42 12.57 29.19
CA SER C 95 -5.27 12.05 29.91
C SER C 95 -4.84 13.09 30.94
N ASN C 96 -3.79 12.74 31.70
CA ASN C 96 -3.19 13.67 32.66
C ASN C 96 -1.90 14.29 32.12
N ARG C 97 -1.72 14.27 30.80
CA ARG C 97 -0.65 15.01 30.16
C ARG C 97 -1.02 16.48 30.09
N VAL C 98 -0.01 17.33 29.98
CA VAL C 98 -0.20 18.77 29.98
C VAL C 98 0.18 19.33 28.61
N LEU C 99 -0.49 20.41 28.23
CA LEU C 99 -0.17 21.09 26.99
C LEU C 99 1.13 21.88 27.15
N VAL C 100 1.94 21.88 26.08
CA VAL C 100 3.34 22.26 26.17
C VAL C 100 3.74 22.97 24.88
N SER C 101 4.78 23.85 24.98
CA SER C 101 5.29 24.61 23.86
C SER C 101 6.42 23.87 23.16
N PRO C 102 6.64 24.13 21.86
CA PRO C 102 7.83 23.58 21.20
C PRO C 102 9.13 24.00 21.85
N ASN C 103 9.15 25.15 22.52
CA ASN C 103 10.35 25.59 23.22
C ASN C 103 10.74 24.62 24.33
N ALA C 104 9.80 23.83 24.85
CA ALA C 104 10.14 22.82 25.83
C ALA C 104 10.99 21.72 25.21
N VAL C 105 10.69 21.33 23.97
CA VAL C 105 11.49 20.34 23.28
C VAL C 105 12.91 20.86 23.05
N THR C 106 13.02 22.12 22.63
CA THR C 106 14.34 22.69 22.35
C THR C 106 15.15 22.84 23.63
N TRP C 107 14.50 23.26 24.73
CA TRP C 107 15.21 23.39 26.00
C TRP C 107 15.81 22.06 26.43
N TRP C 108 15.00 21.00 26.40
CA TRP C 108 15.48 19.67 26.74
C TRP C 108 16.73 19.32 25.92
N ASN C 109 16.68 19.55 24.62
CA ASN C 109 17.75 19.12 23.73
C ASN C 109 19.05 19.91 23.95
N ARG C 110 18.97 21.11 24.53
CA ARG C 110 20.16 21.90 24.81
C ARG C 110 20.52 21.96 26.28
N ALA C 111 19.58 21.72 27.19
CA ALA C 111 19.84 21.84 28.61
C ALA C 111 19.21 20.73 29.43
N GLY C 112 18.66 19.69 28.81
CA GLY C 112 17.99 18.64 29.53
C GLY C 112 18.96 17.62 30.10
N PRO C 113 18.40 16.61 30.75
CA PRO C 113 19.26 15.57 31.35
C PRO C 113 19.88 14.69 30.26
N VAL C 114 21.18 14.45 30.38
CA VAL C 114 21.90 13.60 29.44
C VAL C 114 21.80 12.16 29.91
N SER C 115 21.72 11.24 28.95
CA SER C 115 21.67 9.82 29.23
C SER C 115 22.71 9.10 28.37
N ASP C 116 22.83 7.79 28.58
CA ASP C 116 23.79 6.96 27.88
C ASP C 116 23.10 6.20 26.77
N VAL C 117 23.60 6.32 25.54
CA VAL C 117 22.90 5.80 24.38
C VAL C 117 23.86 5.16 23.37
N VAL C 118 25.12 4.97 23.76
CA VAL C 118 26.14 4.60 22.77
C VAL C 118 25.87 3.23 22.16
N HIS C 119 25.06 2.38 22.80
CA HIS C 119 24.70 1.09 22.24
C HIS C 119 23.45 1.15 21.36
N TYR C 120 22.82 2.31 21.22
CA TYR C 120 21.62 2.43 20.40
C TYR C 120 21.83 1.92 18.97
N PRO C 121 22.99 2.11 18.32
CA PRO C 121 23.18 1.54 16.99
C PRO C 121 22.97 0.03 16.94
N ARG C 122 23.11 -0.65 18.08
CA ARG C 122 22.84 -2.08 18.13
C ARG C 122 21.34 -2.35 18.13
N VAL C 123 20.56 -1.55 18.85
CA VAL C 123 19.11 -1.67 18.80
C VAL C 123 18.59 -1.28 17.42
N TYR C 124 19.14 -0.22 16.84
CA TYR C 124 18.72 0.29 15.55
C TYR C 124 19.58 -0.25 14.40
N LYS C 125 20.10 -1.47 14.55
CA LYS C 125 21.02 -2.02 13.56
C LYS C 125 20.44 -1.96 12.15
N MET C 126 19.15 -2.25 12.00
CA MET C 126 18.55 -2.28 10.67
C MET C 126 18.74 -0.95 9.96
N TYR C 127 18.65 0.17 10.68
CA TYR C 127 18.90 1.47 10.09
C TYR C 127 20.39 1.66 9.83
N PHE C 128 21.21 1.44 10.86
CA PHE C 128 22.64 1.74 10.76
C PHE C 128 23.36 0.86 9.74
N ASP C 129 22.83 -0.33 9.44
CA ASP C 129 23.44 -1.13 8.38
C ASP C 129 23.29 -0.46 7.02
N ARG C 130 22.19 0.27 6.81
CA ARG C 130 22.03 1.01 5.56
C ARG C 130 23.13 2.06 5.40
N LEU C 131 23.43 2.78 6.48
CA LEU C 131 24.47 3.79 6.41
C LEU C 131 25.85 3.15 6.24
N GLU C 132 26.05 1.95 6.79
CA GLU C 132 27.33 1.26 6.64
C GLU C 132 27.55 0.84 5.19
N ARG C 133 26.52 0.29 4.55
CA ARG C 133 26.65 -0.09 3.14
C ARG C 133 26.94 1.13 2.27
N LEU C 134 26.29 2.25 2.56
CA LEU C 134 26.46 3.45 1.75
C LEU C 134 27.82 4.08 2.00
N THR C 135 28.17 4.27 3.28
CA THR C 135 29.47 4.86 3.61
C THR C 135 30.61 4.10 2.94
N HIS C 136 30.51 2.78 2.88
CA HIS C 136 31.56 1.94 2.31
C HIS C 136 31.26 1.52 0.87
N GLY C 137 30.32 2.19 0.21
CA GLY C 137 30.02 1.88 -1.17
C GLY C 137 30.96 2.56 -2.13
N THR C 138 30.95 2.08 -3.38
CA THR C 138 31.83 2.57 -4.43
C THR C 138 31.00 2.91 -5.64
N PHE C 139 31.22 4.11 -6.20
CA PHE C 139 30.49 4.58 -7.36
C PHE C 139 31.32 4.42 -8.63
N GLY C 140 30.67 3.97 -9.70
CA GLY C 140 31.25 3.96 -11.01
C GLY C 140 30.66 5.08 -11.85
N PRO C 141 30.74 4.95 -13.17
CA PRO C 141 30.20 5.98 -14.05
C PRO C 141 28.70 5.83 -14.26
N VAL C 142 28.10 6.87 -14.83
CA VAL C 142 26.70 6.85 -15.26
C VAL C 142 26.66 6.58 -16.76
N LYS C 143 25.91 5.57 -17.16
CA LYS C 143 25.64 5.29 -18.56
C LYS C 143 24.21 5.69 -18.89
N PHE C 144 24.04 6.35 -20.03
CA PHE C 144 22.72 6.77 -20.50
C PHE C 144 22.24 5.78 -21.56
N TYR C 145 21.16 5.07 -21.26
CA TYR C 145 20.55 4.17 -22.23
C TYR C 145 19.16 3.80 -21.75
N ASN C 146 18.31 3.41 -22.69
CA ASN C 146 16.95 2.99 -22.35
C ASN C 146 17.00 1.83 -21.37
N GLN C 147 16.29 1.99 -20.25
CA GLN C 147 16.49 1.16 -19.07
C GLN C 147 15.25 0.30 -18.88
N VAL C 148 15.39 -1.01 -19.10
CA VAL C 148 14.28 -1.94 -19.03
C VAL C 148 14.13 -2.40 -17.58
N LYS C 149 12.91 -2.31 -17.05
CA LYS C 149 12.64 -2.61 -15.65
C LYS C 149 11.52 -3.62 -15.57
N VAL C 150 11.81 -4.76 -14.96
CA VAL C 150 10.85 -5.86 -14.82
C VAL C 150 10.26 -5.77 -13.42
N ARG C 151 8.93 -5.66 -13.33
CA ARG C 151 8.26 -5.66 -12.04
C ARG C 151 8.33 -7.05 -11.43
N LYS C 152 8.88 -7.13 -10.21
CA LYS C 152 9.22 -8.40 -9.61
C LYS C 152 9.18 -8.26 -8.09
N ARG C 153 8.77 -9.32 -7.42
CA ARG C 153 8.78 -9.35 -5.96
C ARG C 153 10.21 -9.61 -5.48
N VAL C 154 10.68 -8.75 -4.56
CA VAL C 154 12.05 -8.79 -4.09
C VAL C 154 12.10 -8.46 -2.60
N ASP C 155 13.24 -8.80 -2.00
CA ASP C 155 13.48 -8.47 -0.60
C ASP C 155 13.73 -6.98 -0.44
N ILE C 156 13.26 -6.42 0.66
CA ILE C 156 13.49 -5.01 0.98
C ILE C 156 14.04 -4.89 2.39
N ASN C 157 14.53 -6.01 2.93
CA ASN C 157 15.02 -6.08 4.32
C ASN C 157 16.39 -6.76 4.33
N PRO C 158 17.41 -6.10 3.82
CA PRO C 158 18.74 -6.71 3.79
C PRO C 158 19.18 -7.15 5.18
N GLY C 159 19.72 -8.36 5.27
CA GLY C 159 20.11 -8.91 6.55
C GLY C 159 18.98 -9.56 7.31
N HIS C 160 17.87 -9.87 6.64
CA HIS C 160 16.78 -10.60 7.28
C HIS C 160 17.26 -11.98 7.71
N LYS C 161 17.66 -12.13 8.97
CA LYS C 161 17.97 -13.45 9.48
C LYS C 161 16.71 -14.28 9.37
N ASP C 162 16.62 -15.05 8.28
CA ASP C 162 15.33 -15.51 7.75
C ASP C 162 14.62 -16.41 8.75
N LEU C 163 13.46 -15.95 9.21
CA LEU C 163 12.59 -16.73 10.07
C LEU C 163 11.15 -16.39 9.75
N THR C 164 10.23 -17.22 10.24
CA THR C 164 8.81 -16.91 10.15
C THR C 164 8.45 -15.85 11.19
N SER C 165 7.18 -15.43 11.18
CA SER C 165 6.75 -14.42 12.14
C SER C 165 6.70 -14.98 13.55
N ARG C 166 6.09 -16.17 13.71
CA ARG C 166 6.01 -16.78 15.03
C ARG C 166 7.39 -17.07 15.60
N GLU C 167 8.30 -17.57 14.76
CA GLU C 167 9.66 -17.85 15.23
C GLU C 167 10.32 -16.59 15.77
N ALA C 168 10.13 -15.46 15.09
CA ALA C 168 10.70 -14.21 15.57
C ALA C 168 10.03 -13.76 16.87
N GLN C 169 8.73 -14.02 17.01
CA GLN C 169 8.03 -13.68 18.24
C GLN C 169 8.63 -14.43 19.43
N GLU C 170 8.95 -15.71 19.24
CA GLU C 170 9.62 -16.47 20.29
C GLU C 170 10.98 -15.84 20.63
N VAL C 171 11.74 -15.47 19.60
CA VAL C 171 13.05 -14.85 19.82
C VAL C 171 12.89 -13.53 20.58
N ILE C 172 12.01 -12.66 20.08
CA ILE C 172 11.83 -11.35 20.70
C ILE C 172 11.45 -11.51 22.17
N MET C 173 10.52 -12.43 22.47
CA MET C 173 10.11 -12.65 23.84
C MET C 173 11.30 -13.06 24.71
N GLU C 174 12.07 -14.04 24.24
CA GLU C 174 13.24 -14.50 25.00
C GLU C 174 14.18 -13.36 25.33
N VAL C 175 14.35 -12.42 24.40
CA VAL C 175 15.39 -11.40 24.55
C VAL C 175 14.94 -10.30 25.50
N VAL C 176 13.74 -9.75 25.29
CA VAL C 176 13.30 -8.56 26.00
C VAL C 176 12.27 -8.87 27.09
N PHE C 177 11.50 -9.94 26.95
CA PHE C 177 10.50 -10.34 27.95
C PHE C 177 10.76 -11.79 28.36
N PRO C 178 11.92 -12.06 28.98
CA PRO C 178 12.28 -13.47 29.22
C PRO C 178 11.39 -14.17 30.23
N ASN C 179 10.98 -13.46 31.29
CA ASN C 179 10.18 -14.10 32.34
C ASN C 179 8.74 -14.36 31.90
N GLU C 180 8.27 -13.66 30.88
CA GLU C 180 6.88 -13.71 30.45
C GLU C 180 6.68 -14.57 29.21
N VAL C 181 7.61 -15.47 28.91
CA VAL C 181 7.48 -16.33 27.74
C VAL C 181 6.33 -17.31 27.94
N GLY C 182 5.73 -17.74 26.82
CA GLY C 182 4.67 -18.72 26.85
C GLY C 182 5.20 -20.13 27.09
N ALA C 183 4.45 -21.11 26.58
CA ALA C 183 4.82 -22.51 26.76
C ALA C 183 5.89 -22.96 25.78
N ARG C 184 5.90 -22.41 24.56
CA ARG C 184 6.80 -22.90 23.53
C ARG C 184 8.26 -22.61 23.89
N THR C 185 9.16 -23.24 23.15
CA THR C 185 10.59 -23.13 23.37
C THR C 185 11.28 -22.78 22.06
N LEU C 186 12.58 -22.54 22.14
CA LEU C 186 13.39 -22.25 20.96
C LEU C 186 13.61 -23.53 20.17
N SER C 187 13.17 -23.53 18.91
CA SER C 187 13.05 -24.76 18.14
C SER C 187 14.29 -25.07 17.30
N SER C 188 14.99 -24.07 16.79
CA SER C 188 16.07 -24.26 15.84
C SER C 188 17.38 -23.75 16.41
N ASP C 189 18.48 -24.14 15.75
CA ASP C 189 19.78 -23.55 16.06
C ASP C 189 19.84 -22.11 15.59
N ALA C 190 19.06 -21.76 14.58
CA ALA C 190 18.95 -20.36 14.16
C ALA C 190 18.36 -19.51 15.28
N GLN C 191 17.25 -19.98 15.86
CA GLN C 191 16.59 -19.22 16.93
C GLN C 191 17.46 -19.12 18.18
N LEU C 192 18.31 -20.11 18.43
CA LEU C 192 19.14 -20.09 19.63
C LEU C 192 20.34 -19.16 19.49
N THR C 193 21.05 -19.25 18.37
CA THR C 193 22.21 -18.39 18.18
C THR C 193 21.82 -16.93 18.05
N ILE C 194 20.68 -16.64 17.40
CA ILE C 194 20.18 -15.27 17.33
C ILE C 194 19.83 -14.79 18.74
N THR C 195 19.10 -15.60 19.49
CA THR C 195 18.67 -15.19 20.83
C THR C 195 19.87 -14.89 21.73
N LYS C 196 20.90 -15.74 21.67
CA LYS C 196 22.06 -15.54 22.53
C LYS C 196 22.90 -14.37 22.06
N GLU C 197 23.02 -14.18 20.74
CA GLU C 197 23.72 -13.01 20.21
C GLU C 197 22.97 -11.73 20.56
N LYS C 198 21.64 -11.72 20.35
CA LYS C 198 20.86 -10.53 20.64
C LYS C 198 20.89 -10.20 22.13
N LYS C 199 20.73 -11.22 22.98
CA LYS C 199 20.84 -10.99 24.42
C LYS C 199 22.19 -10.37 24.78
N GLU C 200 23.26 -10.84 24.12
CA GLU C 200 24.59 -10.33 24.43
C GLU C 200 24.79 -8.93 23.86
N GLU C 201 24.32 -8.68 22.64
CA GLU C 201 24.54 -7.39 22.00
C GLU C 201 23.73 -6.28 22.65
N LEU C 202 22.49 -6.58 23.05
CA LEU C 202 21.59 -5.59 23.63
C LEU C 202 21.70 -5.51 25.15
N LYS C 203 22.74 -6.10 25.73
CA LYS C 203 22.88 -6.13 27.18
C LYS C 203 23.02 -4.71 27.74
N ASN C 204 22.19 -4.40 28.74
CA ASN C 204 22.27 -3.14 29.47
C ASN C 204 22.31 -1.95 28.51
N CYS C 205 21.25 -1.83 27.71
CA CYS C 205 21.04 -0.69 26.82
C CYS C 205 19.78 0.02 27.30
N LYS C 206 19.96 1.16 27.97
CA LYS C 206 18.85 1.89 28.56
C LYS C 206 17.97 2.45 27.45
N ILE C 207 16.90 1.71 27.12
CA ILE C 207 15.98 2.10 26.07
C ILE C 207 14.66 1.38 26.33
N SER C 208 13.58 1.90 25.76
CA SER C 208 12.28 1.29 25.96
C SER C 208 12.28 -0.13 25.39
N PRO C 209 11.87 -1.15 26.17
CA PRO C 209 11.76 -2.49 25.58
C PRO C 209 10.82 -2.54 24.39
N ILE C 210 9.83 -1.65 24.34
CA ILE C 210 8.91 -1.61 23.20
C ILE C 210 9.67 -1.34 21.91
N MET C 211 10.65 -0.44 21.96
CA MET C 211 11.41 -0.11 20.76
C MET C 211 12.34 -1.25 20.36
N VAL C 212 12.90 -1.96 21.34
CA VAL C 212 13.72 -3.14 21.04
C VAL C 212 12.87 -4.20 20.34
N ALA C 213 11.73 -4.53 20.93
CA ALA C 213 10.81 -5.49 20.32
C ALA C 213 10.48 -5.07 18.89
N TYR C 214 10.22 -3.77 18.68
CA TYR C 214 9.83 -3.29 17.36
C TYR C 214 10.96 -3.49 16.35
N MET C 215 12.16 -3.02 16.68
CA MET C 215 13.27 -3.09 15.73
C MET C 215 13.63 -4.53 15.41
N LEU C 216 13.56 -5.43 16.40
CA LEU C 216 13.84 -6.83 16.15
C LEU C 216 12.80 -7.42 15.19
N GLU C 217 11.53 -7.03 15.36
CA GLU C 217 10.49 -7.47 14.45
C GLU C 217 10.82 -7.05 13.01
N ARG C 218 11.23 -5.80 12.83
CA ARG C 218 11.55 -5.30 11.50
C ARG C 218 12.81 -5.96 10.93
N GLU C 219 13.72 -6.38 11.80
CA GLU C 219 15.02 -6.88 11.35
C GLU C 219 14.96 -8.35 10.94
N LEU C 220 14.22 -9.17 11.70
CA LEU C 220 14.32 -10.62 11.54
C LEU C 220 13.45 -11.12 10.41
N VAL C 221 12.20 -10.66 10.34
CA VAL C 221 11.25 -11.22 9.37
C VAL C 221 11.56 -10.70 7.99
N ARG C 222 11.53 -11.61 7.01
CA ARG C 222 11.66 -11.23 5.62
C ARG C 222 10.46 -10.41 5.17
N ARG C 223 10.72 -9.34 4.44
CA ARG C 223 9.67 -8.50 3.86
C ARG C 223 9.95 -8.30 2.37
N THR C 224 8.90 -8.37 1.57
CA THR C 224 9.02 -8.31 0.12
C THR C 224 8.12 -7.20 -0.41
N ARG C 225 8.33 -6.88 -1.70
CA ARG C 225 7.55 -5.86 -2.38
C ARG C 225 7.70 -6.05 -3.87
N PHE C 226 6.64 -5.73 -4.61
CA PHE C 226 6.73 -5.65 -6.06
C PHE C 226 7.34 -4.30 -6.44
N LEU C 227 8.47 -4.34 -7.14
CA LEU C 227 9.19 -3.14 -7.53
C LEU C 227 9.72 -3.33 -8.95
N PRO C 228 9.76 -2.26 -9.75
CA PRO C 228 10.37 -2.35 -11.07
C PRO C 228 11.88 -2.24 -10.95
N ILE C 229 12.59 -3.23 -11.48
CA ILE C 229 14.01 -3.40 -11.24
C ILE C 229 14.74 -3.62 -12.55
N ALA C 230 15.82 -2.88 -12.75
CA ALA C 230 16.78 -3.15 -13.81
C ALA C 230 18.08 -3.61 -13.15
N GLY C 231 18.57 -4.78 -13.53
CA GLY C 231 19.82 -5.27 -13.02
C GLY C 231 19.70 -6.10 -11.76
N ALA C 232 20.71 -5.98 -10.89
CA ALA C 232 20.80 -6.85 -9.71
C ALA C 232 19.53 -6.77 -8.88
N THR C 233 19.02 -7.94 -8.48
CA THR C 233 17.84 -8.05 -7.64
C THR C 233 18.18 -8.28 -6.18
N SER C 234 19.45 -8.50 -5.85
CA SER C 234 19.85 -8.73 -4.46
C SER C 234 19.31 -7.62 -3.57
N SER C 235 19.10 -7.96 -2.29
CA SER C 235 18.45 -7.04 -1.37
C SER C 235 19.24 -5.73 -1.25
N THR C 236 20.56 -5.82 -1.15
CA THR C 236 21.37 -4.62 -0.98
C THR C 236 21.37 -3.74 -2.23
N TYR C 237 21.03 -4.30 -3.38
CA TYR C 237 20.86 -3.50 -4.59
C TYR C 237 19.43 -2.96 -4.69
N VAL C 238 18.44 -3.76 -4.26
CA VAL C 238 17.08 -3.26 -4.16
C VAL C 238 17.03 -2.03 -3.25
N GLU C 239 17.85 -2.05 -2.20
CA GLU C 239 17.83 -0.98 -1.21
C GLU C 239 18.20 0.38 -1.80
N VAL C 240 18.91 0.40 -2.94
CA VAL C 240 19.41 1.65 -3.50
C VAL C 240 18.94 1.81 -4.93
N LEU C 241 17.71 1.35 -5.21
CA LEU C 241 17.15 1.52 -6.55
C LEU C 241 17.04 2.99 -6.92
N HIS C 242 16.64 3.84 -5.97
CA HIS C 242 16.47 5.25 -6.27
C HIS C 242 17.79 5.88 -6.72
N LEU C 243 18.92 5.34 -6.28
CA LEU C 243 20.22 5.90 -6.57
C LEU C 243 20.89 5.27 -7.79
N THR C 244 20.51 4.03 -8.15
CA THR C 244 21.24 3.30 -9.19
C THR C 244 20.52 3.24 -10.53
N GLN C 245 19.23 3.57 -10.60
CA GLN C 245 18.53 3.52 -11.88
C GLN C 245 17.50 4.63 -11.97
N GLY C 246 17.39 5.20 -13.17
CA GLY C 246 16.31 6.10 -13.50
C GLY C 246 15.68 5.70 -14.81
N THR C 247 14.93 6.60 -15.45
CA THR C 247 14.27 6.26 -16.70
C THR C 247 15.27 6.00 -17.81
N CYS C 248 16.39 6.73 -17.82
CA CYS C 248 17.32 6.72 -18.96
C CYS C 248 18.77 6.54 -18.52
N TRP C 249 19.03 6.11 -17.29
CA TRP C 249 20.40 6.10 -16.81
C TRP C 249 20.60 4.99 -15.79
N GLU C 250 21.82 4.45 -15.79
CA GLU C 250 22.29 3.53 -14.77
C GLU C 250 23.47 4.17 -14.06
N GLN C 251 23.42 4.22 -12.74
CA GLN C 251 24.55 4.66 -11.91
C GLN C 251 25.21 3.41 -11.35
N GLN C 252 26.36 3.05 -11.91
CA GLN C 252 27.08 1.88 -11.43
C GLN C 252 27.51 2.08 -9.99
N TYR C 253 27.21 1.10 -9.15
CA TYR C 253 27.41 1.23 -7.71
C TYR C 253 27.58 -0.15 -7.11
N THR C 254 28.45 -0.25 -6.09
CA THR C 254 28.67 -1.48 -5.36
C THR C 254 28.49 -1.17 -3.89
N PRO C 255 27.50 -1.76 -3.21
CA PRO C 255 27.35 -1.49 -1.77
C PRO C 255 28.51 -2.06 -0.98
N GLY C 256 28.81 -1.40 0.13
CA GLY C 256 29.78 -1.92 1.06
C GLY C 256 29.38 -3.33 1.48
N GLY C 257 30.36 -4.14 1.88
CA GLY C 257 30.10 -5.51 2.30
C GLY C 257 30.33 -6.50 1.17
N GLU C 258 30.23 -7.78 1.52
CA GLU C 258 30.56 -8.86 0.61
C GLU C 258 29.29 -9.53 0.10
N ALA C 259 29.34 -9.97 -1.15
CA ALA C 259 28.23 -10.68 -1.75
C ALA C 259 28.11 -12.07 -1.16
N GLU C 260 26.87 -12.52 -0.96
CA GLU C 260 26.62 -13.87 -0.47
C GLU C 260 26.82 -14.88 -1.58
N ASN C 261 27.30 -16.07 -1.20
CA ASN C 261 27.67 -17.08 -2.19
C ASN C 261 26.48 -17.46 -3.07
N ASP C 262 25.29 -17.61 -2.47
CA ASP C 262 24.10 -17.88 -3.26
C ASP C 262 23.99 -16.90 -4.42
N ASP C 263 24.05 -15.61 -4.14
CA ASP C 263 23.96 -14.61 -5.20
C ASP C 263 25.09 -14.80 -6.22
N LEU C 264 26.32 -14.92 -5.73
CA LEU C 264 27.46 -15.05 -6.65
C LEU C 264 27.30 -16.26 -7.57
N ASP C 265 26.83 -17.39 -7.03
CA ASP C 265 26.61 -18.57 -7.86
C ASP C 265 25.53 -18.33 -8.89
N GLN C 266 24.45 -17.65 -8.49
CA GLN C 266 23.30 -17.49 -9.38
C GLN C 266 23.65 -16.62 -10.59
N THR C 267 24.47 -15.58 -10.41
CA THR C 267 24.82 -14.70 -11.52
C THR C 267 26.08 -15.15 -12.24
N LEU C 268 26.91 -15.99 -11.62
CA LEU C 268 27.96 -16.67 -12.37
C LEU C 268 27.35 -17.56 -13.45
N ILE C 269 26.27 -18.26 -13.12
CA ILE C 269 25.59 -19.11 -14.11
C ILE C 269 25.04 -18.25 -15.23
N ILE C 270 24.30 -17.19 -14.87
CA ILE C 270 23.69 -16.32 -15.88
C ILE C 270 24.77 -15.77 -16.81
N ALA C 271 25.87 -15.28 -16.22
CA ALA C 271 26.93 -14.66 -17.03
C ALA C 271 27.55 -15.68 -17.98
N SER C 272 27.84 -16.88 -17.49
CA SER C 272 28.45 -17.90 -18.34
C SER C 272 27.51 -18.33 -19.45
N ARG C 273 26.21 -18.51 -19.14
CA ARG C 273 25.25 -18.86 -20.17
C ARG C 273 25.18 -17.79 -21.24
N ASN C 274 25.17 -16.52 -20.84
CA ASN C 274 25.13 -15.44 -21.82
C ASN C 274 26.41 -15.38 -22.63
N ILE C 275 27.55 -15.68 -22.00
CA ILE C 275 28.81 -15.69 -22.73
C ILE C 275 28.83 -16.84 -23.74
N VAL C 276 28.33 -18.02 -23.35
CA VAL C 276 28.28 -19.14 -24.26
C VAL C 276 27.29 -18.87 -25.40
N ARG C 277 26.08 -18.44 -25.05
CA ARG C 277 25.07 -18.14 -26.08
C ARG C 277 25.62 -17.16 -27.10
N ARG C 278 26.39 -16.17 -26.64
CA ARG C 278 26.97 -15.19 -27.56
C ARG C 278 28.05 -15.83 -28.44
N SER C 279 28.91 -16.65 -27.85
CA SER C 279 30.02 -17.22 -28.60
C SER C 279 29.55 -18.15 -29.71
N ILE C 280 28.45 -18.87 -29.49
CA ILE C 280 27.96 -19.83 -30.47
C ILE C 280 27.87 -19.18 -31.85
N VAL C 281 27.27 -17.99 -31.93
CA VAL C 281 26.93 -17.39 -33.21
C VAL C 281 28.09 -16.62 -33.82
N ALA C 282 29.23 -16.55 -33.15
CA ALA C 282 30.40 -15.89 -33.71
C ALA C 282 31.21 -16.86 -34.57
N ILE C 283 32.16 -16.29 -35.32
CA ILE C 283 32.94 -17.10 -36.25
C ILE C 283 33.89 -18.02 -35.50
N ASP C 284 34.53 -17.50 -34.43
CA ASP C 284 35.48 -18.27 -33.62
C ASP C 284 34.95 -18.27 -32.19
N PRO C 285 33.99 -19.15 -31.88
CA PRO C 285 33.41 -19.16 -30.51
C PRO C 285 34.44 -19.20 -29.39
N LEU C 286 35.41 -20.10 -29.47
CA LEU C 286 36.37 -20.25 -28.37
C LEU C 286 37.16 -18.97 -28.16
N ALA C 287 37.49 -18.26 -29.23
CA ALA C 287 38.18 -16.98 -29.08
C ALA C 287 37.26 -15.92 -28.50
N SER C 288 36.00 -15.89 -28.95
CA SER C 288 35.04 -14.95 -28.40
C SER C 288 34.77 -15.22 -26.93
N LEU C 289 34.58 -16.49 -26.58
CA LEU C 289 34.35 -16.84 -25.18
C LEU C 289 35.51 -16.37 -24.30
N LEU C 290 36.74 -16.60 -24.75
CA LEU C 290 37.91 -16.21 -23.97
C LEU C 290 37.99 -14.69 -23.84
N SER C 291 37.74 -13.97 -24.93
CA SER C 291 37.73 -12.51 -24.87
C SER C 291 36.76 -12.02 -23.80
N MET C 292 35.54 -12.58 -23.78
CA MET C 292 34.52 -12.11 -22.85
C MET C 292 34.85 -12.52 -21.42
N CYS C 293 35.41 -13.71 -21.22
CA CYS C 293 35.76 -14.15 -19.88
C CYS C 293 36.76 -13.20 -19.24
N HIS C 294 37.72 -12.69 -20.02
CA HIS C 294 38.76 -11.82 -19.48
C HIS C 294 38.25 -10.40 -19.25
N THR C 295 37.25 -9.96 -20.01
CA THR C 295 36.73 -8.61 -19.87
C THR C 295 35.54 -8.52 -18.90
N THR C 296 34.89 -9.63 -18.61
CA THR C 296 33.67 -9.60 -17.81
C THR C 296 33.99 -9.57 -16.32
N SER C 297 33.11 -8.93 -15.56
CA SER C 297 33.22 -8.89 -14.11
C SER C 297 31.83 -9.04 -13.49
N ILE C 298 31.80 -9.61 -12.30
CA ILE C 298 30.57 -9.73 -11.51
C ILE C 298 30.80 -9.00 -10.20
N SER C 299 29.86 -8.11 -9.85
CA SER C 299 30.00 -7.30 -8.65
C SER C 299 31.35 -6.59 -8.62
N SER C 300 31.83 -6.22 -9.80
CA SER C 300 33.15 -5.59 -9.97
C SER C 300 34.29 -6.53 -9.56
N GLU C 301 34.09 -7.83 -9.72
CA GLU C 301 35.15 -8.81 -9.59
C GLU C 301 35.37 -9.52 -10.92
N PRO C 302 36.61 -9.72 -11.35
CA PRO C 302 36.81 -10.32 -12.67
C PRO C 302 36.30 -11.76 -12.72
N LEU C 303 35.72 -12.12 -13.87
CA LEU C 303 35.08 -13.42 -13.99
C LEU C 303 36.07 -14.56 -13.91
N VAL C 304 37.29 -14.37 -14.44
CA VAL C 304 38.25 -15.47 -14.52
C VAL C 304 38.71 -15.89 -13.12
N GLU C 305 38.82 -14.97 -12.18
CA GLU C 305 39.22 -15.35 -10.84
C GLU C 305 38.04 -15.92 -10.05
N ILE C 306 36.82 -15.52 -10.40
CA ILE C 306 35.64 -16.19 -9.85
C ILE C 306 35.65 -17.66 -10.26
N LEU C 307 35.84 -17.93 -11.56
CA LEU C 307 35.84 -19.30 -12.06
C LEU C 307 36.96 -20.11 -11.43
N ARG C 308 38.12 -19.49 -11.20
CA ARG C 308 39.26 -20.22 -10.65
C ARG C 308 38.97 -20.74 -9.25
N SER C 309 38.04 -20.11 -8.52
CA SER C 309 37.78 -20.47 -7.13
C SER C 309 36.31 -20.80 -6.86
N ASN C 310 35.47 -20.90 -7.90
CA ASN C 310 34.06 -21.18 -7.67
C ASN C 310 33.76 -22.64 -8.01
N PRO C 311 33.14 -23.40 -7.12
CA PRO C 311 32.88 -24.82 -7.39
C PRO C 311 31.58 -25.11 -8.15
N THR C 312 30.90 -24.08 -8.65
CA THR C 312 29.61 -24.29 -9.32
C THR C 312 29.75 -25.32 -10.43
N ASP C 313 28.81 -26.25 -10.49
CA ASP C 313 28.79 -27.31 -11.49
C ASP C 313 27.58 -27.08 -12.39
N GLU C 314 27.81 -26.47 -13.54
CA GLU C 314 26.77 -26.15 -14.49
C GLU C 314 27.39 -26.13 -15.88
N GLN C 315 26.59 -26.48 -16.89
CA GLN C 315 27.15 -26.75 -18.22
C GLN C 315 27.89 -25.53 -18.77
N ALA C 316 27.24 -24.36 -18.77
CA ALA C 316 27.88 -23.17 -19.32
C ALA C 316 29.14 -22.81 -18.54
N VAL C 317 29.07 -22.85 -17.20
CA VAL C 317 30.24 -22.58 -16.38
C VAL C 317 31.37 -23.54 -16.73
N ASN C 318 31.03 -24.81 -16.96
CA ASN C 318 32.06 -25.81 -17.25
C ASN C 318 32.69 -25.58 -18.62
N ILE C 319 31.92 -25.11 -19.59
CA ILE C 319 32.50 -24.72 -20.87
C ILE C 319 33.51 -23.59 -20.67
N CYS C 320 33.17 -22.62 -19.80
CA CYS C 320 34.09 -21.52 -19.54
C CYS C 320 35.33 -22.02 -18.81
N LYS C 321 35.14 -22.85 -17.78
CA LYS C 321 36.29 -23.42 -17.08
C LYS C 321 37.16 -24.25 -18.02
N ALA C 322 36.53 -25.03 -18.89
CA ALA C 322 37.29 -25.82 -19.86
C ALA C 322 38.14 -24.91 -20.74
N ALA C 323 37.55 -23.84 -21.29
CA ALA C 323 38.28 -22.95 -22.16
C ALA C 323 39.45 -22.29 -21.43
N LEU C 324 39.35 -22.11 -20.12
CA LEU C 324 40.42 -21.54 -19.31
C LEU C 324 41.38 -22.60 -18.79
N GLY C 325 41.17 -23.87 -19.12
CA GLY C 325 42.06 -24.92 -18.68
C GLY C 325 41.95 -25.29 -17.23
N ILE C 326 40.92 -24.81 -16.52
CA ILE C 326 40.75 -25.11 -15.11
C ILE C 326 39.76 -26.27 -14.99
N ARG C 327 39.89 -27.02 -13.91
CA ARG C 327 39.20 -28.30 -13.78
C ARG C 327 37.72 -28.10 -13.45
N ILE C 328 36.86 -28.80 -14.19
CA ILE C 328 35.43 -28.82 -13.89
C ILE C 328 35.22 -29.42 -12.51
N ASN C 329 34.24 -28.88 -11.78
CA ASN C 329 33.80 -29.52 -10.54
C ASN C 329 33.01 -30.76 -10.96
N ASN C 330 33.75 -31.80 -11.32
CA ASN C 330 33.20 -33.00 -11.91
C ASN C 330 32.71 -34.01 -10.88
N SER C 331 33.04 -33.82 -9.60
CA SER C 331 32.95 -34.91 -8.65
C SER C 331 32.58 -34.38 -7.26
N PHE C 332 32.23 -35.32 -6.39
CA PHE C 332 31.87 -35.06 -5.01
C PHE C 332 31.98 -36.37 -4.26
N SER C 333 31.68 -36.35 -2.97
CA SER C 333 31.68 -37.55 -2.15
C SER C 333 30.39 -37.64 -1.36
N PHE C 334 29.89 -38.86 -1.20
CA PHE C 334 28.60 -39.09 -0.54
C PHE C 334 28.59 -40.50 0.04
N GLY C 335 28.19 -40.61 1.30
CA GLY C 335 28.13 -41.90 1.95
C GLY C 335 29.46 -42.60 2.12
N GLY C 336 30.57 -41.85 1.99
CA GLY C 336 31.89 -42.41 2.09
C GLY C 336 32.57 -42.68 0.76
N TYR C 337 31.80 -42.78 -0.32
CA TYR C 337 32.33 -43.06 -1.64
C TYR C 337 32.42 -41.76 -2.44
N ASN C 338 33.39 -41.71 -3.36
CA ASN C 338 33.59 -40.56 -4.22
C ASN C 338 32.91 -40.80 -5.56
N PHE C 339 31.99 -39.93 -5.92
CA PHE C 339 31.30 -39.98 -7.20
C PHE C 339 31.98 -39.06 -8.19
N LYS C 340 32.18 -39.54 -9.42
CA LYS C 340 32.77 -38.75 -10.49
C LYS C 340 31.91 -38.93 -11.75
N ARG C 341 31.27 -37.85 -12.18
CA ARG C 341 30.40 -37.91 -13.34
C ARG C 341 31.24 -38.01 -14.62
N VAL C 342 30.91 -38.97 -15.47
CA VAL C 342 31.63 -39.18 -16.72
C VAL C 342 30.75 -38.94 -17.95
N LYS C 343 29.43 -38.96 -17.81
CA LYS C 343 28.54 -38.63 -18.92
C LYS C 343 27.29 -37.98 -18.34
N GLY C 344 26.73 -37.03 -19.09
CA GLY C 344 25.50 -36.37 -18.71
C GLY C 344 25.73 -35.08 -17.95
N SER C 345 24.66 -34.62 -17.32
CA SER C 345 24.70 -33.35 -16.59
C SER C 345 23.62 -33.36 -15.53
N SER C 346 23.83 -32.55 -14.48
CA SER C 346 22.95 -32.50 -13.31
C SER C 346 22.02 -31.30 -13.46
N GLN C 347 20.83 -31.53 -14.00
CA GLN C 347 19.75 -30.55 -13.96
C GLN C 347 18.99 -30.74 -12.65
N ARG C 348 18.89 -29.68 -11.87
CA ARG C 348 18.48 -29.76 -10.47
C ARG C 348 17.05 -29.25 -10.30
N THR C 349 16.36 -29.81 -9.32
CA THR C 349 14.95 -29.49 -9.07
C THR C 349 14.67 -29.74 -7.59
N GLU C 350 14.36 -28.67 -6.86
CA GLU C 350 14.03 -28.78 -5.44
C GLU C 350 12.52 -29.00 -5.30
N LYS C 351 12.14 -30.20 -4.88
CA LYS C 351 10.74 -30.56 -4.67
C LYS C 351 10.64 -31.43 -3.43
N ALA C 352 9.41 -31.85 -3.11
CA ALA C 352 9.14 -32.62 -1.90
C ALA C 352 8.25 -33.82 -2.24
N VAL C 353 8.48 -34.92 -1.53
CA VAL C 353 7.83 -36.20 -1.81
C VAL C 353 7.45 -36.89 -0.50
N LEU C 354 6.49 -37.80 -0.60
CA LEU C 354 6.04 -38.61 0.52
C LEU C 354 6.79 -39.94 0.56
N THR C 355 6.96 -40.46 1.78
CA THR C 355 7.52 -41.78 1.97
C THR C 355 6.37 -42.78 2.13
N GLY C 356 6.70 -44.02 2.49
CA GLY C 356 5.68 -44.97 2.90
C GLY C 356 5.07 -44.64 4.25
N ASN C 357 5.78 -43.87 5.06
CA ASN C 357 5.27 -43.39 6.34
C ASN C 357 4.36 -42.18 6.18
N LEU C 358 4.16 -41.70 4.95
CA LEU C 358 3.35 -40.52 4.67
C LEU C 358 3.96 -39.24 5.23
N GLN C 359 5.27 -39.23 5.43
CA GLN C 359 6.00 -38.05 5.89
C GLN C 359 6.59 -37.32 4.69
N THR C 360 6.43 -36.01 4.66
CA THR C 360 6.92 -35.21 3.55
C THR C 360 8.34 -34.73 3.83
N LEU C 361 9.12 -34.61 2.76
CA LEU C 361 10.53 -34.22 2.85
C LEU C 361 10.86 -33.30 1.69
N THR C 362 11.60 -32.22 1.99
CA THR C 362 11.98 -31.24 0.98
C THR C 362 13.33 -31.65 0.41
N MET C 363 13.30 -32.36 -0.71
CA MET C 363 14.49 -32.90 -1.34
C MET C 363 15.03 -31.93 -2.39
N THR C 364 16.17 -32.30 -2.99
CA THR C 364 16.72 -31.63 -4.17
C THR C 364 16.96 -32.71 -5.23
N ILE C 365 15.87 -33.21 -5.80
CA ILE C 365 15.93 -34.34 -6.72
C ILE C 365 16.61 -33.92 -8.02
N PHE C 366 17.47 -34.79 -8.54
CA PHE C 366 18.25 -34.52 -9.74
C PHE C 366 17.58 -35.15 -10.96
N GLU C 367 17.78 -34.51 -12.11
CA GLU C 367 17.17 -34.92 -13.36
C GLU C 367 18.24 -35.26 -14.39
N GLY C 368 17.82 -35.94 -15.44
CA GLY C 368 18.68 -36.18 -16.58
C GLY C 368 19.47 -37.47 -16.47
N TYR C 369 19.79 -38.04 -17.63
CA TYR C 369 20.63 -39.23 -17.69
C TYR C 369 22.06 -38.88 -17.28
N GLU C 370 22.52 -39.49 -16.20
CA GLU C 370 23.88 -39.28 -15.70
C GLU C 370 24.63 -40.60 -15.64
N GLU C 371 25.95 -40.51 -15.56
CA GLU C 371 26.83 -41.67 -15.58
C GLU C 371 28.01 -41.40 -14.65
N PHE C 372 28.14 -42.19 -13.59
CA PHE C 372 29.15 -41.96 -12.57
C PHE C 372 30.11 -43.14 -12.48
N ASN C 373 31.40 -42.83 -12.33
CA ASN C 373 32.38 -43.78 -11.80
C ASN C 373 32.49 -43.55 -10.30
N VAL C 374 32.19 -44.58 -9.51
CA VAL C 374 32.11 -44.46 -8.06
C VAL C 374 33.14 -45.40 -7.45
N SER C 375 33.75 -44.96 -6.35
CA SER C 375 34.80 -45.74 -5.70
C SER C 375 34.92 -45.34 -4.25
N GLY C 376 35.21 -46.32 -3.38
CA GLY C 376 35.35 -46.08 -1.96
C GLY C 376 36.35 -47.00 -1.28
N LYS C 377 37.49 -47.21 -1.92
CA LYS C 377 38.65 -47.88 -1.32
C LYS C 377 38.48 -49.38 -1.18
N ARG C 378 37.29 -49.85 -0.78
CA ARG C 378 37.02 -51.29 -0.73
C ARG C 378 36.04 -51.77 -1.79
N ALA C 379 35.25 -50.88 -2.37
CA ALA C 379 34.34 -51.24 -3.45
C ALA C 379 34.32 -50.11 -4.46
N SER C 380 33.76 -50.40 -5.64
CA SER C 380 33.64 -49.43 -6.71
C SER C 380 32.47 -49.83 -7.60
N ALA C 381 32.02 -48.90 -8.42
CA ALA C 381 30.88 -49.18 -9.28
C ALA C 381 30.80 -48.18 -10.41
N VAL C 382 30.25 -48.63 -11.54
CA VAL C 382 29.81 -47.76 -12.63
C VAL C 382 28.31 -47.60 -12.49
N LEU C 383 27.86 -46.35 -12.32
CA LEU C 383 26.45 -46.06 -12.13
C LEU C 383 25.87 -45.38 -13.35
N LYS C 384 24.69 -45.83 -13.77
CA LYS C 384 23.90 -45.18 -14.81
C LYS C 384 22.57 -44.79 -14.18
N LYS C 385 22.25 -43.50 -14.22
CA LYS C 385 21.14 -42.95 -13.45
C LYS C 385 20.26 -42.06 -14.30
N GLY C 386 18.96 -42.17 -14.09
CA GLY C 386 18.00 -41.19 -14.56
C GLY C 386 17.29 -40.56 -13.38
N ALA C 387 16.37 -39.64 -13.70
CA ALA C 387 15.58 -39.00 -12.66
C ALA C 387 14.81 -40.04 -11.87
N GLN C 388 15.21 -40.27 -10.62
CA GLN C 388 14.57 -41.27 -9.76
C GLN C 388 14.54 -42.63 -10.43
N ARG C 389 15.65 -42.99 -11.08
CA ARG C 389 15.76 -44.27 -11.77
C ARG C 389 17.21 -44.76 -11.68
N LEU C 390 17.40 -45.94 -11.09
CA LEU C 390 18.69 -46.61 -11.16
C LEU C 390 18.69 -47.46 -12.43
N ILE C 391 19.29 -46.92 -13.49
CA ILE C 391 19.30 -47.63 -14.77
C ILE C 391 20.20 -48.85 -14.70
N GLN C 392 21.42 -48.68 -14.20
CA GLN C 392 22.30 -49.82 -13.99
C GLN C 392 23.42 -49.47 -13.04
N ALA C 393 23.79 -50.42 -12.21
CA ALA C 393 24.95 -50.32 -11.33
C ALA C 393 25.73 -51.61 -11.43
N ILE C 394 26.99 -51.52 -11.86
CA ILE C 394 27.91 -52.65 -11.90
C ILE C 394 28.92 -52.44 -10.79
N ILE C 395 28.89 -53.33 -9.79
CA ILE C 395 29.62 -53.12 -8.55
C ILE C 395 30.61 -54.26 -8.34
N GLY C 396 31.82 -53.90 -7.89
CA GLY C 396 32.79 -54.88 -7.45
C GLY C 396 33.43 -54.40 -6.15
N GLY C 397 34.12 -55.32 -5.49
CA GLY C 397 34.75 -54.99 -4.22
C GLY C 397 35.50 -56.17 -3.64
N ARG C 398 36.33 -55.86 -2.63
CA ARG C 398 37.14 -56.87 -1.99
C ARG C 398 36.30 -57.87 -1.21
N THR C 399 35.14 -57.44 -0.71
CA THR C 399 34.31 -58.28 0.14
C THR C 399 32.85 -58.07 -0.22
N LEU C 400 32.05 -59.13 -0.05
CA LEU C 400 30.63 -59.04 -0.35
C LEU C 400 29.96 -58.00 0.54
N GLU C 401 30.29 -57.99 1.84
CA GLU C 401 29.83 -56.94 2.73
C GLU C 401 30.10 -55.56 2.13
N ASP C 402 31.33 -55.34 1.66
CA ASP C 402 31.68 -54.03 1.10
C ASP C 402 30.87 -53.74 -0.16
N ILE C 403 30.67 -54.76 -1.00
CA ILE C 403 29.86 -54.58 -2.21
C ILE C 403 28.45 -54.17 -1.84
N LEU C 404 27.87 -54.86 -0.86
CA LEU C 404 26.47 -54.59 -0.49
C LEU C 404 26.30 -53.19 0.08
N ASN C 405 27.27 -52.71 0.85
CA ASN C 405 27.15 -51.38 1.43
C ASN C 405 27.16 -50.31 0.34
N LEU C 406 28.00 -50.49 -0.68
CA LEU C 406 27.97 -49.57 -1.82
C LEU C 406 26.64 -49.70 -2.55
N MET C 407 26.09 -50.92 -2.65
CA MET C 407 24.81 -51.09 -3.31
C MET C 407 23.70 -50.32 -2.58
N ILE C 408 23.67 -50.42 -1.25
CA ILE C 408 22.69 -49.65 -0.47
C ILE C 408 22.84 -48.17 -0.79
N THR C 409 24.07 -47.67 -0.78
CA THR C 409 24.30 -46.25 -1.04
C THR C 409 23.80 -45.86 -2.43
N LEU C 410 23.98 -46.74 -3.41
CA LEU C 410 23.52 -46.43 -4.76
C LEU C 410 22.01 -46.52 -4.86
N MET C 411 21.40 -47.47 -4.15
CA MET C 411 19.95 -47.57 -4.16
C MET C 411 19.28 -46.38 -3.48
N VAL C 412 20.00 -45.68 -2.61
CA VAL C 412 19.49 -44.44 -2.02
C VAL C 412 19.81 -43.24 -2.89
N PHE C 413 21.03 -43.21 -3.45
CA PHE C 413 21.41 -42.13 -4.36
C PHE C 413 20.55 -42.08 -5.61
N SER C 414 19.83 -43.17 -5.92
CA SER C 414 18.99 -43.20 -7.10
C SER C 414 17.71 -42.38 -6.91
N GLN C 415 17.23 -42.27 -5.67
CA GLN C 415 16.01 -41.52 -5.35
C GLN C 415 14.76 -42.17 -5.93
N GLU C 416 14.77 -43.48 -6.10
CA GLU C 416 13.63 -44.15 -6.70
C GLU C 416 12.41 -44.11 -5.78
N GLU C 417 11.22 -44.17 -6.39
CA GLU C 417 10.00 -44.25 -5.62
C GLU C 417 9.91 -45.58 -4.86
N LYS C 418 10.40 -46.66 -5.48
CA LYS C 418 10.46 -47.95 -4.81
C LYS C 418 11.03 -47.81 -3.41
N MET C 419 12.14 -47.10 -3.28
CA MET C 419 12.86 -47.05 -2.02
C MET C 419 12.22 -46.07 -1.03
N LEU C 420 11.56 -45.03 -1.53
CA LEU C 420 10.85 -44.11 -0.64
C LEU C 420 9.60 -44.78 -0.06
N LYS C 421 8.85 -45.52 -0.89
CA LYS C 421 7.69 -46.24 -0.39
C LYS C 421 8.07 -47.28 0.64
N ALA C 422 9.31 -47.77 0.60
CA ALA C 422 9.76 -48.85 1.48
C ALA C 422 10.32 -48.34 2.81
N VAL C 423 10.22 -47.05 3.08
CA VAL C 423 10.65 -46.51 4.36
C VAL C 423 9.59 -46.78 5.41
N ARG C 424 10.01 -47.10 6.62
CA ARG C 424 9.11 -47.30 7.76
C ARG C 424 9.50 -46.34 8.88
N GLY C 425 8.48 -45.77 9.52
CA GLY C 425 8.71 -44.88 10.63
C GLY C 425 9.12 -43.48 10.21
N ASP C 426 9.54 -42.70 11.19
CA ASP C 426 9.98 -41.33 10.98
C ASP C 426 11.49 -41.27 10.84
N LEU C 427 11.96 -40.29 10.08
CA LEU C 427 13.38 -40.08 9.83
C LEU C 427 13.88 -38.95 10.72
N ASN C 428 14.76 -39.29 11.66
CA ASN C 428 15.34 -38.31 12.57
C ASN C 428 16.74 -38.76 12.95
N PHE C 429 17.74 -37.96 12.61
CA PHE C 429 19.13 -38.27 12.90
C PHE C 429 19.88 -37.00 13.29
N VAL C 430 21.09 -37.19 13.80
CA VAL C 430 21.94 -36.07 14.20
C VAL C 430 23.31 -36.24 13.57
N ASN C 434 25.61 -31.24 17.92
CA ASN C 434 24.31 -31.75 17.49
C ASN C 434 23.99 -31.27 16.08
N GLN C 435 24.82 -31.67 15.12
CA GLN C 435 24.60 -31.32 13.72
C GLN C 435 23.60 -32.30 13.11
N ARG C 436 22.46 -31.77 12.66
CA ARG C 436 21.44 -32.57 12.00
C ARG C 436 21.80 -32.67 10.52
N LEU C 437 21.93 -33.90 10.02
CA LEU C 437 22.35 -34.12 8.65
C LEU C 437 21.18 -33.90 7.69
N ASN C 438 21.53 -33.50 6.46
CA ASN C 438 20.56 -33.15 5.42
C ASN C 438 19.75 -34.39 5.03
N PRO C 439 18.68 -34.25 4.24
CA PRO C 439 17.71 -35.34 4.13
C PRO C 439 18.14 -36.50 3.24
N MET C 440 19.18 -36.34 2.42
CA MET C 440 19.68 -37.49 1.67
C MET C 440 20.37 -38.49 2.60
N TYR C 441 21.07 -37.98 3.61
CA TYR C 441 21.66 -38.86 4.62
C TYR C 441 20.61 -39.43 5.56
N GLN C 442 19.47 -38.76 5.73
CA GLN C 442 18.41 -39.30 6.56
C GLN C 442 17.84 -40.58 5.99
N LEU C 443 17.75 -40.68 4.65
CA LEU C 443 17.36 -41.93 4.01
C LEU C 443 18.48 -42.96 4.06
N LEU C 444 19.74 -42.50 4.00
CA LEU C 444 20.87 -43.43 4.01
C LEU C 444 21.03 -44.08 5.38
N ARG C 445 21.25 -43.26 6.43
CA ARG C 445 21.45 -43.82 7.76
C ARG C 445 20.27 -44.69 8.18
N HIS C 446 19.07 -44.39 7.69
CA HIS C 446 17.93 -45.26 7.97
C HIS C 446 18.11 -46.62 7.34
N PHE C 447 18.42 -46.66 6.03
CA PHE C 447 18.56 -47.93 5.33
C PHE C 447 19.86 -48.64 5.63
N GLN C 448 20.89 -47.91 6.08
CA GLN C 448 22.14 -48.56 6.45
C GLN C 448 21.98 -49.43 7.70
N LYS C 449 21.06 -49.08 8.60
CA LYS C 449 20.82 -49.84 9.81
C LYS C 449 19.65 -50.81 9.68
N ASP C 450 18.92 -50.77 8.56
CA ASP C 450 17.94 -51.81 8.22
C ASP C 450 17.49 -51.65 6.78
N SER C 451 17.51 -52.74 6.02
CA SER C 451 17.17 -52.69 4.59
C SER C 451 16.26 -53.85 4.20
N SER C 452 15.50 -54.39 5.15
CA SER C 452 14.72 -55.59 4.89
C SER C 452 13.59 -55.31 3.90
N THR C 453 12.88 -54.20 4.06
CA THR C 453 11.80 -53.87 3.13
C THR C 453 12.33 -53.28 1.83
N LEU C 454 13.45 -52.57 1.90
CA LEU C 454 14.05 -52.00 0.70
C LEU C 454 14.27 -53.07 -0.37
N LEU C 455 14.85 -54.21 0.01
CA LEU C 455 15.18 -55.23 -0.96
C LEU C 455 13.95 -56.04 -1.38
N LYS C 456 12.98 -56.21 -0.49
CA LYS C 456 11.76 -56.90 -0.86
C LYS C 456 10.93 -56.07 -1.84
N ASN C 457 10.88 -54.76 -1.63
CA ASN C 457 10.14 -53.87 -2.52
C ASN C 457 10.92 -53.52 -3.78
N TRP C 458 12.25 -53.64 -3.75
CA TRP C 458 13.05 -53.20 -4.89
C TRP C 458 12.71 -53.97 -6.16
N GLY C 459 12.36 -55.25 -6.03
CA GLY C 459 12.03 -56.07 -7.17
C GLY C 459 13.24 -56.78 -7.75
N THR C 460 12.97 -57.69 -8.68
CA THR C 460 13.97 -58.61 -9.20
C THR C 460 13.74 -58.81 -10.68
N GLU C 461 14.83 -58.96 -11.43
CA GLU C 461 14.77 -59.16 -12.87
C GLU C 461 15.62 -60.35 -13.27
N GLU C 462 15.17 -61.04 -14.31
CA GLU C 462 15.92 -62.13 -14.91
C GLU C 462 16.89 -61.57 -15.95
N ILE C 463 18.07 -62.19 -16.04
CA ILE C 463 19.13 -61.72 -16.93
C ILE C 463 19.77 -62.90 -17.63
N ASP C 464 20.45 -62.61 -18.74
CA ASP C 464 21.19 -63.64 -19.46
C ASP C 464 22.48 -63.96 -18.71
N PRO C 465 22.86 -65.24 -18.60
CA PRO C 465 24.13 -65.58 -17.95
C PRO C 465 25.31 -65.08 -18.79
N ILE C 466 26.10 -64.18 -18.21
CA ILE C 466 27.31 -63.65 -18.83
C ILE C 466 28.48 -63.96 -17.91
N MET C 467 29.56 -64.47 -18.49
CA MET C 467 30.74 -64.77 -17.69
C MET C 467 31.32 -63.48 -17.13
N GLY C 468 31.71 -63.51 -15.85
CA GLY C 468 32.17 -62.33 -15.16
C GLY C 468 31.08 -61.53 -14.49
N ILE C 469 29.82 -61.76 -14.83
CA ILE C 469 28.70 -61.06 -14.24
C ILE C 469 27.87 -62.04 -13.42
N ALA C 470 27.42 -61.59 -12.25
CA ALA C 470 26.46 -62.34 -11.46
C ALA C 470 25.48 -61.36 -10.85
N GLY C 471 24.31 -61.88 -10.47
CA GLY C 471 23.31 -61.10 -9.80
C GLY C 471 23.32 -61.32 -8.30
N ILE C 472 22.60 -60.46 -7.59
CA ILE C 472 22.46 -60.56 -6.15
C ILE C 472 20.99 -60.44 -5.80
N MET C 473 20.50 -61.37 -4.99
CA MET C 473 19.10 -61.46 -4.63
C MET C 473 18.83 -60.67 -3.36
N PRO C 474 17.56 -60.42 -3.05
CA PRO C 474 17.24 -59.70 -1.80
C PRO C 474 17.80 -60.37 -0.55
N ASP C 475 17.90 -61.71 -0.54
CA ASP C 475 18.38 -62.40 0.64
C ASP C 475 19.88 -62.25 0.84
N GLY C 476 20.63 -61.93 -0.22
CA GLY C 476 22.07 -61.79 -0.14
C GLY C 476 22.83 -62.83 -0.93
N THR C 477 22.17 -63.89 -1.38
CA THR C 477 22.80 -64.91 -2.20
C THR C 477 23.21 -64.32 -3.55
N ILE C 478 24.21 -64.94 -4.16
CA ILE C 478 24.60 -64.64 -5.53
C ILE C 478 23.84 -65.58 -6.47
N ASN C 479 23.18 -65.00 -7.47
CA ASN C 479 22.44 -65.76 -8.47
C ASN C 479 22.93 -65.37 -9.85
N LYS C 480 23.12 -66.37 -10.71
CA LYS C 480 23.71 -66.11 -12.03
C LYS C 480 22.72 -65.43 -12.97
N THR C 481 21.43 -65.76 -12.87
CA THR C 481 20.44 -65.29 -13.82
C THR C 481 19.31 -64.48 -13.20
N GLN C 482 19.36 -64.21 -11.89
CA GLN C 482 18.40 -63.33 -11.24
C GLN C 482 19.16 -62.30 -10.42
N THR C 483 18.55 -61.13 -10.26
CA THR C 483 19.25 -60.03 -9.59
C THR C 483 18.24 -58.95 -9.22
N LEU C 484 18.62 -58.15 -8.22
CA LEU C 484 17.87 -56.95 -7.90
C LEU C 484 17.86 -56.00 -9.09
N MET C 485 16.72 -55.36 -9.32
CA MET C 485 16.52 -54.47 -10.46
C MET C 485 17.70 -53.53 -10.65
N GLY C 486 18.36 -53.66 -11.80
CA GLY C 486 19.41 -52.73 -12.19
C GLY C 486 20.78 -53.00 -11.63
N VAL C 487 20.95 -54.02 -10.78
CA VAL C 487 22.21 -54.27 -10.09
C VAL C 487 22.92 -55.45 -10.74
N ARG C 488 24.17 -55.25 -11.12
CA ARG C 488 25.05 -56.31 -11.56
C ARG C 488 26.31 -56.29 -10.70
N LEU C 489 26.86 -57.45 -10.39
CA LEU C 489 28.09 -57.57 -9.63
C LEU C 489 29.18 -58.16 -10.52
N SER C 490 30.40 -57.63 -10.38
CA SER C 490 31.50 -58.05 -11.23
C SER C 490 32.81 -57.55 -10.66
N GLN C 491 33.85 -58.34 -10.82
CA GLN C 491 35.18 -58.00 -10.30
C GLN C 491 36.07 -57.41 -11.40
N ILE C 503 40.25 -37.11 -14.93
CA ILE C 503 39.89 -36.88 -16.32
C ILE C 503 40.66 -35.70 -16.92
N ARG C 504 41.17 -35.89 -18.13
CA ARG C 504 41.77 -34.83 -18.92
C ARG C 504 40.81 -34.46 -20.05
N VAL C 505 40.38 -33.20 -20.06
CA VAL C 505 39.35 -32.74 -20.99
C VAL C 505 39.96 -31.79 -22.00
N ASN C 506 39.38 -31.77 -23.19
CA ASN C 506 39.74 -30.87 -24.27
C ASN C 506 38.49 -30.18 -24.80
N ILE C 507 38.70 -29.01 -25.40
CA ILE C 507 37.60 -28.21 -25.96
C ILE C 507 38.06 -27.66 -27.30
N ASP C 508 37.17 -27.72 -28.30
CA ASP C 508 37.51 -27.38 -29.67
C ASP C 508 37.05 -25.95 -29.99
N LYS C 509 37.24 -25.58 -31.26
CA LYS C 509 36.92 -24.22 -31.70
C LYS C 509 35.47 -23.87 -31.39
N TYR C 510 34.56 -24.82 -31.57
CA TYR C 510 33.13 -24.57 -31.42
C TYR C 510 32.61 -24.95 -30.03
N LEU C 511 33.50 -24.98 -29.03
CA LEU C 511 33.13 -25.10 -27.63
C LEU C 511 32.60 -26.47 -27.26
N ARG C 512 32.81 -27.49 -28.10
CA ARG C 512 32.46 -28.85 -27.74
C ARG C 512 33.52 -29.41 -26.79
N VAL C 513 33.07 -29.93 -25.65
CA VAL C 513 33.96 -30.42 -24.61
C VAL C 513 33.97 -31.94 -24.67
N ARG C 514 35.17 -32.53 -24.79
CA ARG C 514 35.30 -33.97 -24.99
C ARG C 514 36.39 -34.52 -24.08
N ASN C 515 36.36 -35.85 -23.91
CA ASN C 515 37.32 -36.54 -23.06
C ASN C 515 38.47 -37.08 -23.90
N GLU C 516 39.46 -37.66 -23.21
CA GLU C 516 40.62 -38.26 -23.87
C GLU C 516 40.19 -39.17 -25.02
N LYS C 517 39.10 -39.92 -24.83
CA LYS C 517 38.62 -40.87 -25.82
C LYS C 517 37.97 -40.20 -27.01
N GLY C 518 37.67 -38.90 -26.93
CA GLY C 518 37.00 -38.21 -28.01
C GLY C 518 35.50 -38.16 -27.91
N GLU C 519 34.93 -38.52 -26.77
CA GLU C 519 33.48 -38.55 -26.59
C GLU C 519 32.98 -37.21 -26.08
N LEU C 520 31.72 -36.90 -26.41
CA LEU C 520 31.15 -35.58 -26.15
C LEU C 520 30.68 -35.49 -24.71
N LEU C 521 31.31 -34.61 -23.93
CA LEU C 521 30.94 -34.40 -22.53
C LEU C 521 29.95 -33.26 -22.36
N ILE C 522 30.26 -32.09 -22.91
CA ILE C 522 29.40 -30.92 -22.83
C ILE C 522 29.28 -30.31 -24.22
N SER C 523 28.04 -30.01 -24.62
CA SER C 523 27.79 -29.34 -25.89
C SER C 523 27.15 -27.98 -25.64
N PRO C 524 27.56 -26.93 -26.36
CA PRO C 524 26.94 -25.62 -26.13
C PRO C 524 25.48 -25.57 -26.54
N GLU C 525 25.08 -26.37 -27.53
CA GLU C 525 23.68 -26.42 -27.91
C GLU C 525 22.80 -26.95 -26.79
N GLU C 526 23.37 -27.79 -25.92
CA GLU C 526 22.62 -28.37 -24.80
C GLU C 526 22.44 -27.39 -23.65
N VAL C 527 23.10 -26.23 -23.68
CA VAL C 527 23.05 -25.32 -22.54
C VAL C 527 21.61 -24.87 -22.31
N SER C 528 21.22 -24.81 -21.04
CA SER C 528 19.86 -24.45 -20.67
C SER C 528 19.46 -23.12 -21.30
N GLU C 529 18.33 -23.12 -22.02
CA GLU C 529 17.82 -21.91 -22.62
C GLU C 529 17.23 -20.96 -21.58
N ALA C 530 16.88 -21.47 -20.40
CA ALA C 530 16.24 -20.64 -19.39
C ALA C 530 17.12 -19.45 -19.02
N GLN C 531 16.50 -18.28 -18.89
CA GLN C 531 17.20 -17.08 -18.47
C GLN C 531 16.88 -16.78 -17.01
N GLY C 532 16.60 -15.52 -16.68
CA GLY C 532 16.39 -15.13 -15.30
C GLY C 532 17.25 -13.92 -15.00
N GLN C 533 16.80 -13.11 -14.05
CA GLN C 533 17.45 -11.84 -13.75
C GLN C 533 18.56 -12.03 -12.72
N GLU C 534 19.70 -11.41 -12.97
CA GLU C 534 20.86 -11.58 -12.11
C GLU C 534 20.60 -11.01 -10.72
N LYS C 535 21.24 -11.64 -9.72
CA LYS C 535 21.20 -11.16 -8.34
C LYS C 535 22.27 -10.10 -8.08
N LEU C 536 23.37 -10.12 -8.82
CA LEU C 536 24.43 -9.14 -8.70
C LEU C 536 24.75 -8.58 -10.08
N PRO C 537 25.26 -7.35 -10.15
CA PRO C 537 25.50 -6.74 -11.46
C PRO C 537 26.55 -7.50 -12.27
N ILE C 538 26.28 -7.66 -13.56
CA ILE C 538 27.21 -8.22 -14.51
C ILE C 538 27.66 -7.09 -15.45
N ASN C 539 28.96 -6.98 -15.69
CA ASN C 539 29.49 -6.03 -16.65
C ASN C 539 30.42 -6.78 -17.61
N TYR C 540 29.97 -6.99 -18.83
CA TYR C 540 30.81 -7.71 -19.80
C TYR C 540 32.07 -7.00 -20.30
N ASN C 541 32.04 -5.67 -20.43
CA ASN C 541 33.19 -4.90 -20.92
C ASN C 541 33.78 -5.60 -22.13
N SER C 542 32.95 -5.75 -23.16
CA SER C 542 33.24 -6.47 -24.38
C SER C 542 32.65 -5.76 -25.59
N SER C 543 33.40 -5.79 -26.70
CA SER C 543 32.91 -5.27 -27.97
C SER C 543 31.88 -6.19 -28.61
N LEU C 544 31.85 -7.46 -28.23
CA LEU C 544 30.88 -8.41 -28.74
C LEU C 544 29.53 -8.31 -28.04
N MET C 545 29.42 -7.46 -27.02
CA MET C 545 28.24 -7.38 -26.17
C MET C 545 27.75 -5.94 -26.13
N TRP C 546 26.44 -5.76 -26.25
CA TRP C 546 25.86 -4.43 -26.13
C TRP C 546 26.06 -3.91 -24.70
N GLU C 547 25.84 -2.60 -24.54
CA GLU C 547 26.12 -1.95 -23.27
C GLU C 547 25.48 -2.69 -22.09
N VAL C 548 24.21 -3.07 -22.24
CA VAL C 548 23.42 -3.52 -21.11
C VAL C 548 23.24 -5.04 -21.16
N ASN C 549 22.96 -5.60 -20.00
CA ASN C 549 22.61 -7.01 -19.89
C ASN C 549 21.14 -7.21 -20.27
N GLY C 550 20.85 -8.36 -20.86
CA GLY C 550 19.48 -8.78 -21.08
C GLY C 550 19.04 -8.73 -22.53
N PRO C 551 17.95 -9.45 -22.84
CA PRO C 551 17.52 -9.57 -24.24
C PRO C 551 16.77 -8.37 -24.77
N GLU C 552 15.99 -7.69 -23.91
CA GLU C 552 15.33 -6.46 -24.34
C GLU C 552 16.35 -5.44 -24.82
N SER C 553 17.47 -5.31 -24.11
CA SER C 553 18.53 -4.40 -24.54
C SER C 553 19.04 -4.76 -25.92
N ILE C 554 19.17 -6.06 -26.22
CA ILE C 554 19.62 -6.48 -27.54
C ILE C 554 18.68 -5.94 -28.62
N LEU C 555 17.38 -6.14 -28.43
CA LEU C 555 16.41 -5.66 -29.41
C LEU C 555 16.52 -4.15 -29.60
N THR C 556 16.41 -3.39 -28.51
CA THR C 556 16.46 -1.94 -28.61
C THR C 556 17.76 -1.47 -29.25
N ASN C 557 18.89 -1.92 -28.74
CA ASN C 557 20.18 -1.47 -29.28
C ASN C 557 20.32 -1.80 -30.75
N THR C 558 19.80 -2.96 -31.17
CA THR C 558 19.98 -3.38 -32.56
C THR C 558 19.23 -2.48 -33.52
N TYR C 559 17.94 -2.23 -33.25
CA TYR C 559 17.17 -1.36 -34.12
C TYR C 559 17.59 0.09 -33.99
N HIS C 560 18.12 0.48 -32.82
CA HIS C 560 18.72 1.80 -32.67
C HIS C 560 19.92 1.95 -33.59
N TRP C 561 20.77 0.93 -33.61
CA TRP C 561 21.97 0.96 -34.45
C TRP C 561 21.62 1.04 -35.93
N ILE C 562 20.53 0.38 -36.35
CA ILE C 562 20.14 0.43 -37.75
C ILE C 562 19.65 1.82 -38.12
N ILE C 563 18.91 2.47 -37.22
CA ILE C 563 18.40 3.81 -37.52
C ILE C 563 19.55 4.82 -37.56
N LYS C 564 20.47 4.73 -36.60
CA LYS C 564 21.58 5.68 -36.54
C LYS C 564 22.38 5.65 -37.83
N ASN C 565 22.72 4.46 -38.31
CA ASN C 565 23.53 4.29 -39.51
C ASN C 565 22.69 3.86 -40.71
N TRP C 566 21.44 4.34 -40.80
CA TRP C 566 20.54 3.84 -41.83
C TRP C 566 21.04 4.19 -43.23
N GLU C 567 21.51 5.42 -43.43
CA GLU C 567 21.91 5.85 -44.77
C GLU C 567 23.05 5.00 -45.30
N LEU C 568 24.06 4.75 -44.46
CA LEU C 568 25.14 3.85 -44.84
C LEU C 568 24.59 2.45 -45.16
N LEU C 569 23.69 1.95 -44.31
CA LEU C 569 23.18 0.60 -44.49
C LEU C 569 22.21 0.50 -45.65
N LYS C 570 21.50 1.60 -45.97
CA LYS C 570 20.55 1.55 -47.08
C LYS C 570 21.27 1.33 -48.42
N THR C 571 22.33 2.10 -48.68
CA THR C 571 23.10 1.89 -49.89
C THR C 571 23.85 0.57 -49.85
N GLN C 572 24.30 0.16 -48.65
CA GLN C 572 24.90 -1.17 -48.51
C GLN C 572 23.87 -2.26 -48.79
N TRP C 573 22.60 -1.98 -48.55
CA TRP C 573 21.53 -2.89 -48.96
C TRP C 573 21.45 -2.98 -50.47
N MET C 574 21.53 -1.84 -51.15
CA MET C 574 21.38 -1.81 -52.60
C MET C 574 22.60 -2.40 -53.30
N THR C 575 23.80 -1.97 -52.89
CA THR C 575 25.02 -2.31 -53.64
C THR C 575 25.54 -3.69 -53.26
N ASP C 576 25.97 -3.87 -52.00
CA ASP C 576 26.66 -5.08 -51.55
C ASP C 576 25.85 -5.68 -50.40
N PRO C 577 24.76 -6.40 -50.70
CA PRO C 577 23.88 -6.86 -49.62
C PRO C 577 24.51 -7.92 -48.73
N THR C 578 25.28 -8.86 -49.29
CA THR C 578 25.81 -9.95 -48.47
C THR C 578 26.79 -9.46 -47.42
N VAL C 579 27.40 -8.29 -47.61
CA VAL C 579 28.24 -7.70 -46.58
C VAL C 579 27.37 -7.13 -45.47
N LEU C 580 26.22 -6.56 -45.84
CA LEU C 580 25.29 -6.04 -44.83
C LEU C 580 24.78 -7.17 -43.94
N TYR C 581 24.29 -8.25 -44.55
CA TYR C 581 23.70 -9.34 -43.78
C TYR C 581 24.68 -9.91 -42.76
N ASN C 582 25.97 -9.92 -43.08
CA ASN C 582 26.97 -10.58 -42.24
C ASN C 582 27.64 -9.63 -41.25
N ARG C 583 27.07 -8.45 -41.02
CA ARG C 583 27.57 -7.56 -40.00
C ARG C 583 27.54 -8.25 -38.64
N ILE C 584 28.60 -8.02 -37.84
CA ILE C 584 28.67 -8.63 -36.51
C ILE C 584 27.82 -7.91 -35.48
N GLU C 585 27.28 -6.73 -35.81
CA GLU C 585 26.35 -6.06 -34.91
C GLU C 585 25.01 -6.77 -34.85
N PHE C 586 24.76 -7.73 -35.72
CA PHE C 586 23.53 -8.51 -35.73
C PHE C 586 23.64 -9.82 -34.95
N GLU C 587 24.84 -10.16 -34.44
CA GLU C 587 25.01 -11.46 -33.81
C GLU C 587 24.26 -11.56 -32.50
N PRO C 588 24.31 -10.58 -31.59
CA PRO C 588 23.49 -10.67 -30.38
C PRO C 588 22.02 -10.89 -30.66
N PHE C 589 21.48 -10.23 -31.67
CA PHE C 589 20.09 -10.44 -32.07
C PHE C 589 19.83 -11.91 -32.39
N GLN C 590 20.82 -12.59 -32.98
CA GLN C 590 20.63 -13.97 -33.40
C GLN C 590 20.46 -14.91 -32.21
N THR C 591 21.05 -14.59 -31.06
CA THR C 591 20.86 -15.43 -29.88
C THR C 591 19.41 -15.49 -29.45
N LEU C 592 18.61 -14.48 -29.81
CA LEU C 592 17.20 -14.46 -29.45
C LEU C 592 16.36 -15.33 -30.38
N ILE C 593 16.89 -15.69 -31.54
CA ILE C 593 16.16 -16.53 -32.50
C ILE C 593 16.42 -17.99 -32.16
N PRO C 594 15.41 -18.85 -32.12
CA PRO C 594 15.67 -20.27 -31.90
C PRO C 594 16.63 -20.83 -32.94
N LYS C 595 17.60 -21.63 -32.47
CA LYS C 595 18.62 -22.20 -33.36
C LYS C 595 18.03 -22.68 -34.68
N GLY C 596 17.02 -23.54 -34.60
CA GLY C 596 16.50 -24.18 -35.80
C GLY C 596 15.89 -23.20 -36.79
N ASN C 597 15.39 -22.07 -36.31
CA ASN C 597 14.70 -21.12 -37.16
C ASN C 597 15.64 -20.11 -37.84
N ARG C 598 16.86 -19.97 -37.34
CA ARG C 598 17.77 -18.96 -37.87
C ARG C 598 17.95 -19.11 -39.37
N ALA C 599 18.20 -20.34 -39.84
CA ALA C 599 18.50 -20.55 -41.25
C ALA C 599 17.31 -20.22 -42.14
N ILE C 600 16.14 -20.77 -41.81
CA ILE C 600 14.98 -20.57 -42.67
C ILE C 600 14.49 -19.13 -42.58
N TYR C 601 14.54 -18.52 -41.39
CA TYR C 601 14.19 -17.11 -41.26
C TYR C 601 15.08 -16.25 -42.14
N SER C 602 16.36 -16.62 -42.25
CA SER C 602 17.27 -15.87 -43.12
C SER C 602 16.89 -16.05 -44.58
N GLY C 603 16.57 -17.28 -44.99
CA GLY C 603 16.13 -17.51 -46.37
C GLY C 603 14.86 -16.75 -46.68
N PHE C 604 13.88 -16.81 -45.78
CA PHE C 604 12.64 -16.05 -45.95
C PHE C 604 12.92 -14.57 -46.04
N THR C 605 13.80 -14.05 -45.15
CA THR C 605 14.10 -12.63 -45.15
C THR C 605 14.87 -12.23 -46.40
N ARG C 606 15.98 -12.92 -46.69
CA ARG C 606 16.81 -12.54 -47.83
C ARG C 606 16.01 -12.61 -49.13
N THR C 607 15.15 -13.62 -49.28
CA THR C 607 14.26 -13.68 -50.43
C THR C 607 13.35 -12.46 -50.48
N LEU C 608 12.71 -12.14 -49.35
CA LEU C 608 11.78 -11.02 -49.31
C LEU C 608 12.45 -9.71 -49.68
N PHE C 609 13.71 -9.53 -49.28
CA PHE C 609 14.44 -8.34 -49.68
C PHE C 609 14.66 -8.32 -51.19
N GLN C 610 15.17 -9.43 -51.74
CA GLN C 610 15.49 -9.46 -53.16
C GLN C 610 14.24 -9.25 -54.02
N GLN C 611 13.08 -9.68 -53.53
CA GLN C 611 11.83 -9.35 -54.22
C GLN C 611 11.65 -7.83 -54.29
N MET C 612 11.90 -7.14 -53.17
CA MET C 612 11.82 -5.68 -53.18
C MET C 612 12.82 -5.08 -54.15
N ARG C 613 13.97 -5.72 -54.34
CA ARG C 613 14.93 -5.25 -55.33
C ARG C 613 14.47 -5.58 -56.74
N ASP C 614 13.89 -6.76 -56.95
CA ASP C 614 13.39 -7.14 -58.27
C ASP C 614 12.20 -6.29 -58.67
N VAL C 615 11.19 -6.21 -57.81
CA VAL C 615 9.96 -5.48 -58.11
C VAL C 615 10.25 -3.99 -57.91
N GLU C 616 10.41 -3.27 -59.02
CA GLU C 616 10.79 -1.87 -58.97
C GLU C 616 9.63 -0.99 -58.52
N GLY C 617 9.96 0.07 -57.81
CA GLY C 617 8.97 0.99 -57.30
C GLY C 617 8.65 0.74 -55.83
N THR C 618 8.29 -0.50 -55.51
CA THR C 618 7.94 -0.87 -54.15
C THR C 618 9.20 -0.92 -53.28
N PHE C 619 9.34 0.03 -52.38
CA PHE C 619 10.47 0.08 -51.45
C PHE C 619 9.95 0.54 -50.10
N ASP C 620 10.20 -0.27 -49.06
CA ASP C 620 9.69 -0.01 -47.71
C ASP C 620 10.87 -0.01 -46.75
N SER C 621 11.33 1.19 -46.38
CA SER C 621 12.47 1.30 -45.48
C SER C 621 12.16 0.76 -44.10
N ILE C 622 10.92 0.91 -43.63
CA ILE C 622 10.54 0.37 -42.33
C ILE C 622 10.59 -1.16 -42.36
N GLN C 623 10.05 -1.76 -43.42
CA GLN C 623 10.07 -3.22 -43.54
C GLN C 623 11.51 -3.74 -43.54
N ILE C 624 12.41 -3.03 -44.21
CA ILE C 624 13.82 -3.44 -44.25
C ILE C 624 14.40 -3.42 -42.84
N ILE C 625 14.28 -2.28 -42.16
CA ILE C 625 14.82 -2.16 -40.80
C ILE C 625 14.26 -3.24 -39.90
N LYS C 626 12.96 -3.52 -40.03
CA LYS C 626 12.32 -4.51 -39.16
C LYS C 626 12.98 -5.88 -39.31
N LEU C 627 13.14 -6.34 -40.56
CA LEU C 627 13.58 -7.70 -40.82
C LEU C 627 15.09 -7.83 -41.01
N LEU C 628 15.82 -6.72 -41.05
CA LEU C 628 17.24 -6.78 -41.37
C LEU C 628 18.03 -7.69 -40.42
N PRO C 629 17.83 -7.66 -39.11
CA PRO C 629 18.64 -8.51 -38.22
C PRO C 629 18.44 -10.00 -38.45
N PHE C 630 17.31 -10.40 -39.03
CA PHE C 630 17.07 -11.82 -39.32
C PHE C 630 17.84 -12.30 -40.53
N SER C 631 18.61 -11.44 -41.19
CA SER C 631 19.46 -11.86 -42.30
C SER C 631 20.70 -12.60 -41.81
N ALA C 632 21.22 -12.22 -40.65
CA ALA C 632 22.56 -12.60 -40.23
C ALA C 632 22.65 -14.08 -39.86
N HIS C 633 22.46 -14.96 -40.84
CA HIS C 633 22.74 -16.38 -40.66
C HIS C 633 22.77 -17.06 -42.03
N PRO C 634 23.68 -18.00 -42.28
CA PRO C 634 23.67 -18.73 -43.55
C PRO C 634 22.28 -19.25 -43.86
N PRO C 635 21.68 -18.84 -44.98
CA PRO C 635 20.27 -19.17 -45.24
C PRO C 635 20.09 -20.57 -45.77
N SER C 636 18.96 -21.18 -45.39
CA SER C 636 18.50 -22.41 -45.99
C SER C 636 17.60 -22.10 -47.18
N LEU C 637 17.42 -23.10 -48.05
CA LEU C 637 16.75 -22.91 -49.32
C LEU C 637 15.29 -23.32 -49.30
N GLY C 638 14.73 -23.60 -48.12
CA GLY C 638 13.33 -23.97 -48.04
C GLY C 638 12.42 -22.86 -48.52
N ARG C 639 11.20 -23.25 -48.90
CA ARG C 639 10.23 -22.34 -49.49
C ARG C 639 9.04 -22.07 -48.57
N THR C 640 9.16 -22.36 -47.27
CA THR C 640 8.02 -22.23 -46.37
C THR C 640 7.62 -20.76 -46.21
N GLN C 641 6.43 -20.57 -45.65
CA GLN C 641 5.86 -19.25 -45.40
C GLN C 641 5.92 -18.92 -43.92
N PHE C 642 5.89 -17.62 -43.62
CA PHE C 642 5.89 -17.14 -42.25
C PHE C 642 5.06 -15.86 -42.16
N SER C 643 4.15 -15.83 -41.19
CA SER C 643 3.45 -14.61 -40.84
C SER C 643 4.12 -13.87 -39.68
N SER C 644 5.11 -14.49 -39.04
CA SER C 644 5.85 -13.84 -37.97
C SER C 644 7.13 -14.62 -37.70
N PHE C 645 8.13 -13.93 -37.16
CA PHE C 645 9.31 -14.55 -36.61
C PHE C 645 9.18 -14.62 -35.09
N THR C 646 9.66 -15.70 -34.50
CA THR C 646 9.61 -15.89 -33.06
C THR C 646 10.91 -15.40 -32.42
N LEU C 647 10.79 -14.76 -31.26
CA LEU C 647 11.93 -14.28 -30.50
C LEU C 647 11.76 -14.70 -29.04
N ASN C 648 12.81 -15.27 -28.46
CA ASN C 648 12.80 -15.71 -27.07
C ASN C 648 13.23 -14.54 -26.19
N ILE C 649 12.30 -14.04 -25.38
CA ILE C 649 12.54 -12.88 -24.52
C ILE C 649 12.16 -13.27 -23.11
N ARG C 650 13.15 -13.37 -22.22
CA ARG C 650 12.93 -13.69 -20.81
C ARG C 650 12.07 -14.95 -20.66
N GLY C 651 12.41 -15.98 -21.44
CA GLY C 651 11.76 -17.27 -21.34
C GLY C 651 10.49 -17.41 -22.15
N ALA C 652 9.83 -16.29 -22.52
CA ALA C 652 8.58 -16.38 -23.26
C ALA C 652 8.81 -16.14 -24.75
N PRO C 653 8.21 -16.93 -25.63
CA PRO C 653 8.27 -16.60 -27.06
C PRO C 653 7.42 -15.39 -27.38
N LEU C 654 7.99 -14.46 -28.14
CA LEU C 654 7.26 -13.33 -28.70
C LEU C 654 7.33 -13.42 -30.21
N ARG C 655 6.27 -12.94 -30.87
CA ARG C 655 6.13 -13.07 -32.31
C ARG C 655 6.19 -11.69 -32.95
N LEU C 656 7.23 -11.46 -33.75
CA LEU C 656 7.35 -10.26 -34.55
C LEU C 656 6.62 -10.49 -35.87
N LEU C 657 5.54 -9.75 -36.09
CA LEU C 657 4.75 -9.93 -37.30
C LEU C 657 5.52 -9.43 -38.52
N ILE C 658 5.33 -10.12 -39.65
CA ILE C 658 5.99 -9.72 -40.89
C ILE C 658 5.32 -8.49 -41.48
N ARG C 659 3.99 -8.44 -41.44
CA ARG C 659 3.23 -7.33 -41.99
C ARG C 659 2.75 -6.44 -40.86
N GLY C 660 3.27 -5.22 -40.80
CA GLY C 660 2.78 -4.23 -39.85
C GLY C 660 3.48 -4.27 -38.51
N ASN C 661 2.84 -3.63 -37.54
CA ASN C 661 3.40 -3.42 -36.22
C ASN C 661 3.07 -4.57 -35.27
N SER C 662 3.86 -4.68 -34.21
CA SER C 662 3.64 -5.63 -33.13
C SER C 662 4.33 -5.10 -31.88
N GLN C 663 4.28 -5.88 -30.81
CA GLN C 663 4.96 -5.49 -29.58
C GLN C 663 6.46 -5.34 -29.81
N VAL C 664 7.07 -6.29 -30.52
CA VAL C 664 8.52 -6.26 -30.74
C VAL C 664 8.90 -5.03 -31.57
N PHE C 665 8.12 -4.73 -32.60
CA PHE C 665 8.46 -3.65 -33.53
C PHE C 665 7.19 -2.87 -33.85
N ASN C 666 7.23 -1.57 -33.62
CA ASN C 666 6.05 -0.72 -33.73
C ASN C 666 6.46 0.65 -34.24
N TYR C 667 6.17 0.92 -35.51
CA TYR C 667 6.41 2.24 -36.10
C TYR C 667 5.18 3.11 -35.82
N ASN C 668 5.36 4.14 -35.00
CA ASN C 668 4.29 5.05 -34.63
C ASN C 668 4.45 6.34 -35.43
N GLN C 669 3.57 6.55 -36.41
CA GLN C 669 3.69 7.70 -37.30
C GLN C 669 3.39 9.01 -36.58
N MET C 670 2.60 8.97 -35.50
CA MET C 670 2.30 10.20 -34.78
C MET C 670 3.56 10.80 -34.16
N GLU C 671 4.41 9.97 -33.56
CA GLU C 671 5.68 10.43 -33.03
C GLU C 671 6.80 10.39 -34.06
N ASN C 672 6.62 9.67 -35.16
CA ASN C 672 7.72 9.32 -36.05
C ASN C 672 8.84 8.65 -35.26
N VAL C 673 8.49 7.54 -34.64
CA VAL C 673 9.40 6.80 -33.77
C VAL C 673 9.11 5.31 -33.94
N ILE C 674 10.16 4.51 -33.86
CA ILE C 674 10.04 3.05 -33.82
C ILE C 674 10.10 2.63 -32.36
N ILE C 675 9.11 1.85 -31.93
CA ILE C 675 8.95 1.47 -30.53
C ILE C 675 9.22 -0.02 -30.42
N VAL C 676 10.25 -0.37 -29.64
CA VAL C 676 10.67 -1.75 -29.47
C VAL C 676 10.43 -2.12 -28.02
N LEU C 677 9.46 -3.01 -27.78
CA LEU C 677 9.06 -3.41 -26.44
C LEU C 677 8.78 -2.19 -25.58
N GLY C 678 7.98 -1.27 -26.11
CA GLY C 678 7.54 -0.10 -25.37
C GLY C 678 8.56 1.02 -25.27
N LYS C 679 9.76 0.85 -25.81
CA LYS C 679 10.82 1.84 -25.70
C LYS C 679 11.09 2.47 -27.06
N SER C 680 11.08 3.80 -27.10
CA SER C 680 11.48 4.50 -28.32
C SER C 680 12.92 4.15 -28.65
N VAL C 681 13.15 3.77 -29.92
CA VAL C 681 14.46 3.34 -30.38
C VAL C 681 15.08 4.36 -31.33
N GLY C 682 14.37 5.44 -31.65
CA GLY C 682 14.88 6.45 -32.56
C GLY C 682 13.88 6.83 -33.63
N SER C 683 14.05 8.01 -34.23
CA SER C 683 13.16 8.48 -35.29
C SER C 683 13.76 8.16 -36.64
N PRO C 684 13.02 7.51 -37.55
CA PRO C 684 13.51 7.39 -38.94
C PRO C 684 13.44 8.74 -39.64
N GLU C 685 14.06 8.78 -40.83
CA GLU C 685 14.00 9.98 -41.66
C GLU C 685 12.55 10.29 -42.01
N ARG C 686 12.19 11.58 -41.93
CA ARG C 686 10.83 12.00 -42.26
C ARG C 686 10.45 11.66 -43.70
N SER C 687 11.43 11.35 -44.55
CA SER C 687 11.12 10.84 -45.88
C SER C 687 10.17 9.66 -45.82
N ILE C 688 10.29 8.85 -44.76
CA ILE C 688 9.62 7.55 -44.70
C ILE C 688 8.17 7.65 -44.28
N LEU C 689 7.75 8.80 -43.74
CA LEU C 689 6.33 9.03 -43.49
C LEU C 689 5.56 9.08 -44.81
N THR C 690 6.00 9.94 -45.73
CA THR C 690 5.38 10.05 -47.05
C THR C 690 6.07 9.09 -48.02
N GLU C 691 5.77 7.81 -47.82
CA GLU C 691 6.37 6.73 -48.59
C GLU C 691 5.37 5.59 -48.66
N SER C 692 4.93 5.23 -49.87
CA SER C 692 3.87 4.24 -50.01
C SER C 692 3.84 3.73 -51.43
N SER C 693 3.10 2.63 -51.61
CA SER C 693 2.83 2.04 -52.92
C SER C 693 1.77 0.97 -52.74
N SER C 694 0.87 0.86 -53.72
CA SER C 694 -0.20 -0.13 -53.61
C SER C 694 0.36 -1.53 -53.40
N ILE C 695 1.40 -1.89 -54.14
CA ILE C 695 1.98 -3.22 -54.09
C ILE C 695 2.97 -3.30 -52.93
N GLU C 696 2.96 -4.43 -52.22
CA GLU C 696 3.91 -4.69 -51.14
C GLU C 696 4.69 -5.95 -51.48
N SER C 697 5.95 -5.78 -51.85
CA SER C 697 6.89 -6.89 -51.81
C SER C 697 7.39 -7.06 -50.38
N ALA C 698 8.12 -8.16 -50.15
CA ALA C 698 8.72 -8.42 -48.85
C ALA C 698 7.65 -8.67 -47.78
N VAL C 699 6.72 -9.58 -48.08
CA VAL C 699 5.75 -10.04 -47.09
C VAL C 699 5.54 -11.54 -47.25
N LEU C 700 5.32 -11.97 -48.49
CA LEU C 700 5.11 -13.38 -48.80
C LEU C 700 6.13 -13.83 -49.83
N ARG C 701 6.62 -15.05 -49.66
CA ARG C 701 7.63 -15.61 -50.56
C ARG C 701 6.99 -15.92 -51.91
N GLY C 702 7.42 -15.21 -52.96
CA GLY C 702 6.95 -15.49 -54.29
C GLY C 702 5.55 -15.00 -54.60
N PHE C 703 5.01 -14.09 -53.78
CA PHE C 703 3.72 -13.47 -54.03
C PHE C 703 3.86 -11.97 -53.87
N LEU C 704 2.81 -11.25 -54.25
CA LEU C 704 2.75 -9.82 -54.07
C LEU C 704 1.39 -9.43 -53.50
N ILE C 705 1.41 -8.48 -52.59
CA ILE C 705 0.19 -7.90 -52.03
C ILE C 705 -0.19 -6.70 -52.89
N LEU C 706 -1.37 -6.75 -53.48
CA LEU C 706 -1.81 -5.70 -54.40
C LEU C 706 -2.66 -4.63 -53.72
N GLY C 707 -3.55 -5.02 -52.81
CA GLY C 707 -4.39 -4.04 -52.14
C GLY C 707 -5.55 -4.72 -51.43
N LYS C 708 -6.64 -3.97 -51.30
CA LYS C 708 -7.81 -4.47 -50.60
C LYS C 708 -8.32 -5.75 -51.24
N ALA C 709 -9.10 -6.51 -50.47
CA ALA C 709 -9.67 -7.75 -50.96
C ALA C 709 -10.73 -7.47 -52.02
N ASN C 710 -10.82 -8.37 -53.00
CA ASN C 710 -11.78 -8.25 -54.09
C ASN C 710 -12.39 -9.62 -54.33
N SER C 711 -13.71 -9.73 -54.12
CA SER C 711 -14.39 -11.01 -54.22
C SER C 711 -14.43 -11.55 -55.64
N LYS C 712 -14.13 -10.73 -56.66
CA LYS C 712 -14.07 -11.23 -58.03
C LYS C 712 -13.13 -12.40 -58.15
N TYR C 713 -12.11 -12.49 -57.30
CA TYR C 713 -11.10 -13.53 -57.36
C TYR C 713 -11.33 -14.64 -56.35
N GLY C 714 -12.58 -14.84 -55.92
CA GLY C 714 -12.95 -16.04 -55.21
C GLY C 714 -12.92 -15.91 -53.69
N PRO C 715 -13.11 -17.05 -53.01
CA PRO C 715 -13.16 -17.04 -51.55
C PRO C 715 -11.79 -16.80 -50.94
N VAL C 716 -11.80 -16.51 -49.65
CA VAL C 716 -10.58 -16.17 -48.93
C VAL C 716 -9.82 -17.45 -48.60
N LEU C 717 -8.50 -17.36 -48.63
CA LEU C 717 -7.62 -18.48 -48.34
C LEU C 717 -6.73 -18.16 -47.15
N THR C 718 -6.23 -19.21 -46.50
CA THR C 718 -5.17 -19.06 -45.50
C THR C 718 -3.82 -19.07 -46.20
N ILE C 719 -2.78 -18.73 -45.44
CA ILE C 719 -1.44 -18.68 -46.03
C ILE C 719 -0.94 -20.08 -46.33
N GLY C 720 -1.33 -21.08 -45.54
CA GLY C 720 -0.93 -22.44 -45.80
C GLY C 720 -1.56 -23.04 -47.04
N GLU C 721 -2.60 -22.40 -47.57
CA GLU C 721 -3.30 -22.89 -48.75
C GLU C 721 -2.93 -22.13 -50.01
N LEU C 722 -1.86 -21.32 -49.97
CA LEU C 722 -1.46 -20.52 -51.12
C LEU C 722 -0.71 -21.32 -52.18
N ASP C 723 -0.27 -22.54 -51.86
CA ASP C 723 0.46 -23.34 -52.83
C ASP C 723 -0.38 -23.72 -54.04
N LYS C 724 -1.72 -23.69 -53.91
CA LYS C 724 -2.59 -24.13 -54.99
C LYS C 724 -2.70 -23.14 -56.14
N LEU C 725 -2.28 -21.90 -55.93
CA LEU C 725 -2.45 -20.87 -56.94
C LEU C 725 -1.46 -21.04 -58.09
N GLY C 726 -1.90 -20.68 -59.30
CA GLY C 726 -1.04 -20.75 -60.46
C GLY C 726 -0.22 -19.49 -60.65
N ARG C 727 0.87 -19.64 -61.40
CA ARG C 727 1.83 -18.56 -61.60
C ARG C 727 1.18 -17.40 -62.37
N GLY C 728 0.57 -16.47 -61.64
CA GLY C 728 -0.06 -15.32 -62.25
C GLY C 728 -1.46 -15.06 -61.73
N GLU C 729 -2.07 -16.07 -61.13
CA GLU C 729 -3.45 -15.96 -60.65
C GLU C 729 -3.49 -15.17 -59.34
N LYS C 730 -4.58 -14.44 -59.16
CA LYS C 730 -4.82 -13.63 -57.98
C LYS C 730 -5.73 -14.35 -57.00
N ALA C 731 -5.72 -13.91 -55.75
CA ALA C 731 -6.51 -14.57 -54.72
C ALA C 731 -6.63 -13.69 -53.48
N ASN C 732 -7.62 -14.00 -52.65
CA ASN C 732 -7.85 -13.32 -51.39
C ASN C 732 -7.26 -14.14 -50.25
N VAL C 733 -6.62 -13.46 -49.29
CA VAL C 733 -5.83 -14.13 -48.28
C VAL C 733 -6.06 -13.47 -46.92
N LEU C 734 -6.18 -14.30 -45.88
CA LEU C 734 -6.12 -13.84 -44.49
C LEU C 734 -4.66 -13.68 -44.13
N ILE C 735 -4.14 -12.46 -44.23
CA ILE C 735 -2.70 -12.26 -44.10
C ILE C 735 -2.26 -12.00 -42.67
N GLY C 736 -3.13 -11.45 -41.83
CA GLY C 736 -2.79 -11.23 -40.44
C GLY C 736 -3.57 -10.07 -39.84
N GLN C 737 -3.77 -10.15 -38.52
CA GLN C 737 -4.40 -9.07 -37.75
C GLN C 737 -5.79 -8.74 -38.28
N GLY C 738 -6.56 -9.77 -38.62
CA GLY C 738 -7.91 -9.60 -39.08
C GLY C 738 -8.06 -8.99 -40.46
N ASP C 739 -6.96 -8.68 -41.14
CA ASP C 739 -7.02 -8.10 -42.47
C ASP C 739 -7.18 -9.18 -43.53
N THR C 740 -7.90 -8.84 -44.59
CA THR C 740 -8.01 -9.68 -45.77
C THR C 740 -7.53 -8.89 -46.98
N VAL C 741 -6.80 -9.57 -47.86
CA VAL C 741 -5.94 -8.89 -48.83
C VAL C 741 -5.96 -9.65 -50.16
N LEU C 742 -5.79 -8.91 -51.25
CA LEU C 742 -5.66 -9.48 -52.58
C LEU C 742 -4.20 -9.76 -52.88
N VAL C 743 -3.93 -10.91 -53.50
CA VAL C 743 -2.58 -11.42 -53.66
C VAL C 743 -2.43 -12.04 -55.04
N MET C 744 -1.37 -11.69 -55.75
CA MET C 744 -0.99 -12.33 -57.00
C MET C 744 0.29 -13.12 -56.80
N LYS C 745 0.37 -14.29 -57.45
CA LYS C 745 1.61 -15.07 -57.46
C LYS C 745 2.45 -14.59 -58.63
N ARG C 746 3.56 -13.91 -58.33
CA ARG C 746 4.42 -13.40 -59.37
C ARG C 746 5.05 -14.56 -60.14
N LYS C 747 5.61 -14.23 -61.31
CA LYS C 747 6.01 -15.24 -62.28
C LYS C 747 7.46 -15.67 -62.11
N ARG C 748 8.40 -14.73 -62.11
CA ARG C 748 9.80 -15.04 -61.86
C ARG C 748 10.11 -14.85 -60.37
N ASP C 749 10.99 -15.70 -59.86
CA ASP C 749 11.34 -15.68 -58.44
C ASP C 749 12.52 -14.73 -58.20
N SER C 750 13.35 -15.03 -57.21
CA SER C 750 14.40 -14.10 -56.80
C SER C 750 15.64 -14.87 -56.35
N SER C 751 16.75 -14.15 -56.28
CA SER C 751 18.03 -14.73 -55.87
C SER C 751 17.99 -15.22 -54.43
N TYR F 1 23.69 29.81 -15.97
CA TYR F 1 22.56 29.87 -16.94
C TYR F 1 21.65 31.06 -16.68
N SER F 2 21.52 31.93 -17.68
CA SER F 2 20.58 33.04 -17.64
C SER F 2 19.50 32.80 -18.68
N PRO F 3 18.30 32.38 -18.30
CA PRO F 3 17.27 32.12 -19.30
C PRO F 3 16.89 33.38 -20.07
N THR F 4 16.42 33.17 -21.30
CA THR F 4 16.03 34.28 -22.17
C THR F 4 14.80 33.94 -23.00
N SEP F 5 14.10 34.95 -23.48
CA SEP F 5 12.92 34.75 -24.31
CB SEP F 5 11.66 34.77 -23.44
OG SEP F 5 10.50 34.86 -24.27
C SEP F 5 12.81 35.83 -25.39
O SEP F 5 13.15 36.99 -25.16
P SEP F 5 9.58 33.55 -24.11
O1P SEP F 5 10.51 32.24 -24.19
O2P SEP F 5 8.80 33.61 -22.70
O3P SEP F 5 8.49 33.52 -25.29
N PRO F 6 12.32 35.45 -26.58
CA PRO F 6 12.11 36.44 -27.65
C PRO F 6 10.95 37.39 -27.35
N PRO G 6 9.14 47.18 -24.34
CA PRO G 6 8.20 48.29 -24.22
C PRO G 6 8.89 49.55 -23.73
N SER G 7 8.19 50.32 -22.90
CA SER G 7 8.74 51.56 -22.36
C SER G 7 9.05 51.49 -20.87
N TYR G 8 8.17 50.89 -20.08
CA TYR G 8 8.38 50.78 -18.64
C TYR G 8 7.69 49.51 -18.15
N SER G 9 7.85 49.23 -16.86
CA SER G 9 7.23 48.07 -16.23
C SER G 9 6.06 48.53 -15.37
N PRO G 10 4.81 48.17 -15.70
CA PRO G 10 3.70 48.57 -14.83
C PRO G 10 3.63 47.78 -13.54
N THR G 11 4.34 46.65 -13.44
CA THR G 11 4.39 45.87 -12.21
C THR G 11 5.56 46.30 -11.34
N SEP G 12 6.66 46.67 -12.00
CA SEP G 12 7.86 47.11 -11.30
CB SEP G 12 9.00 46.11 -11.51
OG SEP G 12 8.68 44.85 -10.94
C SEP G 12 8.28 48.50 -11.78
O SEP G 12 9.39 48.65 -12.31
P SEP G 12 8.91 43.60 -11.93
O1P SEP G 12 9.72 42.45 -11.14
O2P SEP G 12 9.72 44.00 -13.26
O3P SEP G 12 7.47 43.02 -12.35
N PRO G 13 7.41 49.49 -11.61
CA PRO G 13 7.70 50.84 -12.10
C PRO G 13 8.95 51.45 -11.47
N SER G 14 9.78 52.09 -12.28
CA SER G 14 10.97 52.77 -11.79
C SER G 14 10.56 54.16 -11.31
N TYR G 15 10.52 54.34 -9.99
CA TYR G 15 10.15 55.62 -9.40
C TYR G 15 11.18 56.07 -8.37
ZN ZN H . 14.44 28.44 5.42
P PO4 I . -6.51 54.60 -20.54
O1 PO4 I . -5.95 53.25 -20.18
O2 PO4 I . -6.03 55.63 -19.54
O3 PO4 I . -6.04 54.97 -21.93
O4 PO4 I . -8.02 54.55 -20.51
P PO4 J . -16.44 34.11 -11.69
O1 PO4 J . -14.94 34.27 -11.58
O2 PO4 J . -17.12 34.92 -10.61
O3 PO4 J . -16.80 32.66 -11.53
O4 PO4 J . -16.88 34.60 -13.05
P PO4 K . -22.13 54.63 -3.13
O1 PO4 K . -22.35 54.06 -1.75
O2 PO4 K . -20.87 55.46 -3.15
O3 PO4 K . -23.31 55.50 -3.50
O4 PO4 K . -22.01 53.49 -4.11
P PO4 L . -20.29 6.77 -12.91
O1 PO4 L . -19.29 5.82 -13.54
O2 PO4 L . -21.01 6.08 -11.78
O3 PO4 L . -19.55 7.98 -12.37
O4 PO4 L . -21.29 7.21 -13.95
P PO4 M . 5.36 32.06 15.11
O1 PO4 M . 5.76 30.84 15.90
O2 PO4 M . 6.30 33.20 15.44
O3 PO4 M . 3.94 32.44 15.46
O4 PO4 M . 5.45 31.76 13.63
P PO4 N . 3.60 -2.11 -4.45
O1 PO4 N . 5.08 -2.20 -4.10
O2 PO4 N . 2.81 -1.90 -3.18
O3 PO4 N . 3.39 -0.95 -5.39
O4 PO4 N . 3.16 -3.38 -5.12
P PO4 O . 5.92 21.18 -1.09
O1 PO4 O . 6.91 20.54 -0.15
O2 PO4 O . 5.19 22.29 -0.38
O3 PO4 O . 6.65 21.74 -2.29
O4 PO4 O . 4.93 20.14 -1.56
P PO4 P . -16.94 -1.98 -3.60
O1 PO4 P . -15.90 -2.30 -2.56
O2 PO4 P . -18.20 -2.76 -3.31
O3 PO4 P . -17.24 -0.50 -3.60
O4 PO4 P . -16.41 -2.36 -4.97
P PO4 Q . -15.30 8.53 -13.66
O1 PO4 Q . -14.33 9.32 -12.83
O2 PO4 Q . -15.80 7.34 -12.88
O3 PO4 Q . -16.47 9.41 -14.03
O4 PO4 Q . -14.62 8.05 -14.92
P PO4 R . 12.82 0.27 -1.54
O1 PO4 R . 13.20 -0.26 -0.18
O2 PO4 R . 13.42 1.65 -1.71
O3 PO4 R . 11.31 0.36 -1.66
O4 PO4 R . 13.34 -0.65 -2.61
P PO4 S . 2.96 -6.02 -2.80
O1 PO4 S . 3.38 -7.45 -2.59
O2 PO4 S . 2.61 -5.39 -1.47
O3 PO4 S . 1.75 -5.98 -3.71
O4 PO4 S . 4.10 -5.26 -3.44
P PO4 T . 22.42 -26.64 -17.43
O1 PO4 T . 23.68 -27.20 -16.79
O2 PO4 T . 22.66 -25.20 -17.83
O3 PO4 T . 21.29 -26.73 -16.44
O4 PO4 T . 22.08 -27.43 -18.66
P PO4 U . -2.84 28.58 22.53
O1 PO4 U . -1.82 27.46 22.57
O2 PO4 U . -3.04 29.12 23.93
O3 PO4 U . -2.35 29.69 21.63
O4 PO4 U . -4.15 28.04 21.99
P PO4 V . 6.56 6.04 -26.41
O1 PO4 V . 6.77 5.91 -24.93
O2 PO4 V . 6.29 4.67 -27.00
O3 PO4 V . 7.79 6.63 -27.06
O4 PO4 V . 5.38 6.94 -26.68
P PO4 W . 8.97 -9.97 31.99
O1 PO4 W . 10.15 -9.23 32.60
O2 PO4 W . 9.48 -11.21 31.30
O3 PO4 W . 8.29 -9.07 30.98
O4 PO4 W . 7.99 -10.35 33.07
#